data_8PFQ
# 
_entry.id   8PFQ 
# 
_audit_conform.dict_name       mmcif_pdbx.dic 
_audit_conform.dict_version    5.398 
_audit_conform.dict_location   http://mmcif.pdb.org/dictionaries/ascii/mmcif_pdbx.dic 
# 
loop_
_database_2.database_id 
_database_2.database_code 
_database_2.pdbx_database_accession 
_database_2.pdbx_DOI 
PDB   8PFQ         pdb_00008pfq 10.2210/pdb8pfq/pdb 
WWPDB D_1292131264 ?            ?                   
# 
loop_
_pdbx_audit_revision_history.ordinal 
_pdbx_audit_revision_history.data_content_type 
_pdbx_audit_revision_history.major_revision 
_pdbx_audit_revision_history.minor_revision 
_pdbx_audit_revision_history.revision_date 
1 'Structure model' 1 0 2024-01-31 
2 'Structure model' 1 1 2024-04-24 
3 'Structure model' 1 2 2024-05-01 
4 'Structure model' 1 3 2024-11-06 
# 
_pdbx_audit_revision_details.ordinal             1 
_pdbx_audit_revision_details.revision_ordinal    1 
_pdbx_audit_revision_details.data_content_type   'Structure model' 
_pdbx_audit_revision_details.provider            repository 
_pdbx_audit_revision_details.type                'Initial release' 
_pdbx_audit_revision_details.description         ? 
_pdbx_audit_revision_details.details             ? 
# 
loop_
_pdbx_audit_revision_group.ordinal 
_pdbx_audit_revision_group.revision_ordinal 
_pdbx_audit_revision_group.data_content_type 
_pdbx_audit_revision_group.group 
1 2 'Structure model' 'Database references' 
2 3 'Structure model' 'Database references' 
3 4 'Structure model' 'Structure summary'   
# 
loop_
_pdbx_audit_revision_category.ordinal 
_pdbx_audit_revision_category.revision_ordinal 
_pdbx_audit_revision_category.data_content_type 
_pdbx_audit_revision_category.category 
1 2 'Structure model' citation           
2 2 'Structure model' citation_author    
3 3 'Structure model' citation           
4 3 'Structure model' citation_author    
5 4 'Structure model' pdbx_entry_details 
6 4 'Structure model' struct             
# 
loop_
_pdbx_audit_revision_item.ordinal 
_pdbx_audit_revision_item.revision_ordinal 
_pdbx_audit_revision_item.data_content_type 
_pdbx_audit_revision_item.item 
1 2 'Structure model' '_citation.journal_volume'                     
2 2 'Structure model' '_citation.page_first'                         
3 2 'Structure model' '_citation.page_last'                          
4 2 'Structure model' '_citation_author.name'                        
5 3 'Structure model' '_citation.page_first'                         
6 3 'Structure model' '_citation.page_last'                          
7 3 'Structure model' '_citation_author.identifier_ORCID'            
8 4 'Structure model' '_pdbx_entry_details.has_protein_modification' 
9 4 'Structure model' '_struct.title'                                
# 
_pdbx_database_status.status_code                     REL 
_pdbx_database_status.status_code_sf                  REL 
_pdbx_database_status.status_code_mr                  ? 
_pdbx_database_status.entry_id                        8PFQ 
_pdbx_database_status.recvd_initial_deposition_date   2023-06-16 
_pdbx_database_status.SG_entry                        N 
_pdbx_database_status.deposit_site                    PDBE 
_pdbx_database_status.process_site                    PDBE 
_pdbx_database_status.status_code_cs                  ? 
_pdbx_database_status.status_code_nmr_data            ? 
_pdbx_database_status.methods_development_category    ? 
_pdbx_database_status.pdb_format_compatible           Y 
# 
_pdbx_database_related.db_name        PDB 
_pdbx_database_related.details        '8PFK contains the same sequence in space group C2' 
_pdbx_database_related.db_id          8PFK 
_pdbx_database_related.content_type   unspecified 
# 
_pdbx_contact_author.id                 2 
_pdbx_contact_author.email              spingler@chem.uzh.ch 
_pdbx_contact_author.name_first         Bernhard 
_pdbx_contact_author.name_last          Spingler 
_pdbx_contact_author.name_mi            ? 
_pdbx_contact_author.role               'principal investigator/group leader' 
_pdbx_contact_author.identifier_ORCID   0000-0003-3402-2016 
# 
loop_
_audit_author.name 
_audit_author.pdbx_ordinal 
_audit_author.identifier_ORCID 
'Spingler, B.'   1 0000-0003-3402-2016 
'McAuley, K.'    2 0000-0002-9545-072X 
'Nievergelt, P.' 3 0000-0001-9602-0417 
'Thorn, A.'      4 0000-0003-4503-4258 
# 
_citation.abstract                  ? 
_citation.abstract_id_CAS           ? 
_citation.book_id_ISBN              ? 
_citation.book_publisher            ? 
_citation.book_publisher_city       ? 
_citation.book_title                ? 
_citation.coordinate_linkage        ? 
_citation.country                   DE 
_citation.database_id_Medline       ? 
_citation.details                   ? 
_citation.id                        primary 
_citation.journal_abbrev            Chemmedchem 
_citation.journal_id_ASTM           ? 
_citation.journal_id_CSD            ? 
_citation.journal_id_ISSN           1860-7187 
_citation.journal_full              ? 
_citation.journal_issue             ? 
_citation.journal_volume            19 
_citation.language                  ? 
_citation.page_first                e202300600 
_citation.page_last                 e202300600 
_citation.title                     
'RNA oligomers at atomic resolution containing 1-methylpseudouridine, an essential building block of mRNA vaccines.' 
_citation.year                      2024 
_citation.database_id_CSD           ? 
_citation.pdbx_database_id_DOI      10.1002/cmdc.202300600 
_citation.pdbx_database_id_PubMed   38235959 
_citation.pdbx_database_id_patent   ? 
_citation.unpublished_flag          ? 
# 
loop_
_citation_author.citation_id 
_citation_author.name 
_citation_author.ordinal 
_citation_author.identifier_ORCID 
primary 'Nievergelt, P.' 1 0000-0001-9602-0417 
primary 'Berliat, F.'    2 ?                   
primary 'McAuley, K.E.'  3 0000-0002-9545-072X 
primary 'Dorgan, C.R.'   4 ?                   
primary 'van Well, R.M.' 5 ?                   
primary 'Thorn, A.'      6 0000-0003-4503-4258 
primary 'Spingler, B.'   7 0000-0003-3402-2016 
# 
loop_
_entity.id 
_entity.type 
_entity.src_method 
_entity.pdbx_description 
_entity.formula_weight 
_entity.pdbx_number_of_molecules 
_entity.pdbx_ec 
_entity.pdbx_mutation 
_entity.pdbx_fragment 
_entity.details 
1 polymer     syn 'Chains: A,B'   3865.387 2   ? ? ? ? 
2 non-polymer syn 'MAGNESIUM ION' 24.305   3   ? ? ? ? 
3 water       nat water           18.015   167 ? ? ? ? 
# 
_entity_poly.entity_id                      1 
_entity_poly.type                           polyribonucleotide 
_entity_poly.nstd_linkage                   no 
_entity_poly.nstd_monomer                   yes 
_entity_poly.pdbx_seq_one_letter_code       'CGCGAA(B8H)UAGCG' 
_entity_poly.pdbx_seq_one_letter_code_can   CGCGAAUUAGCG 
_entity_poly.pdbx_strand_id                 A,B 
_entity_poly.pdbx_target_identifier         ? 
# 
loop_
_pdbx_entity_nonpoly.entity_id 
_pdbx_entity_nonpoly.name 
_pdbx_entity_nonpoly.comp_id 
2 'MAGNESIUM ION' MG  
3 water           HOH 
# 
loop_
_entity_poly_seq.entity_id 
_entity_poly_seq.num 
_entity_poly_seq.mon_id 
_entity_poly_seq.hetero 
1 1  C   n 
1 2  G   n 
1 3  C   n 
1 4  G   n 
1 5  A   n 
1 6  A   n 
1 7  B8H n 
1 8  U   n 
1 9  A   n 
1 10 G   n 
1 11 C   n 
1 12 G   n 
# 
_pdbx_entity_src_syn.entity_id              1 
_pdbx_entity_src_syn.pdbx_src_id            1 
_pdbx_entity_src_syn.pdbx_alt_source_flag   sample 
_pdbx_entity_src_syn.pdbx_beg_seq_num       1 
_pdbx_entity_src_syn.pdbx_end_seq_num       12 
_pdbx_entity_src_syn.organism_scientific    'synthetic construct' 
_pdbx_entity_src_syn.organism_common_name   ? 
_pdbx_entity_src_syn.ncbi_taxonomy_id       32630 
_pdbx_entity_src_syn.details                ? 
# 
loop_
_chem_comp.id 
_chem_comp.type 
_chem_comp.mon_nstd_flag 
_chem_comp.name 
_chem_comp.pdbx_synonyms 
_chem_comp.formula 
_chem_comp.formula_weight 
A   'RNA linking' y "ADENOSINE-5'-MONOPHOSPHATE" ? 'C10 H14 N5 O7 P' 347.221 
B8H 'RNA linking' n 
;[(2~{R},3~{S},4~{R},5~{S})-5-[1-methyl-2,4-bis(oxidanylidene)pyrimidin-5-yl]-3,4-bis(oxidanyl)oxolan-2-yl]methyl dihydrogen phosphate
;
? 'C10 H15 N2 O9 P' 338.208 
C   'RNA linking' y "CYTIDINE-5'-MONOPHOSPHATE" ? 'C9 H14 N3 O8 P'  323.197 
G   'RNA linking' y "GUANOSINE-5'-MONOPHOSPHATE" ? 'C10 H14 N5 O8 P' 363.221 
HOH non-polymer   . WATER ? 'H2 O'            18.015  
MG  non-polymer   . 'MAGNESIUM ION' ? 'Mg 2'            24.305  
U   'RNA linking' y "URIDINE-5'-MONOPHOSPHATE" ? 'C9 H13 N2 O9 P'  324.181 
# 
loop_
_pdbx_poly_seq_scheme.asym_id 
_pdbx_poly_seq_scheme.entity_id 
_pdbx_poly_seq_scheme.seq_id 
_pdbx_poly_seq_scheme.mon_id 
_pdbx_poly_seq_scheme.ndb_seq_num 
_pdbx_poly_seq_scheme.pdb_seq_num 
_pdbx_poly_seq_scheme.auth_seq_num 
_pdbx_poly_seq_scheme.pdb_mon_id 
_pdbx_poly_seq_scheme.auth_mon_id 
_pdbx_poly_seq_scheme.pdb_strand_id 
_pdbx_poly_seq_scheme.pdb_ins_code 
_pdbx_poly_seq_scheme.hetero 
A 1 1  C   1  1  1  C   C   A . n 
A 1 2  G   2  2  2  G   G   A . n 
A 1 3  C   3  3  3  C   C   A . n 
A 1 4  G   4  4  4  G   G   A . n 
A 1 5  A   5  5  5  A   A   A . n 
A 1 6  A   6  6  6  A   A   A . n 
A 1 7  B8H 7  7  7  B8H B8H A . n 
A 1 8  U   8  8  8  U   U   A . n 
A 1 9  A   9  9  9  A   A   A . n 
A 1 10 G   10 10 10 G   G   A . n 
A 1 11 C   11 11 11 C   C   A . n 
A 1 12 G   12 12 12 G   G   A . n 
B 1 1  C   1  21 21 C   C   B . n 
B 1 2  G   2  22 22 G   G   B . n 
B 1 3  C   3  23 23 C   C   B . n 
B 1 4  G   4  24 24 G   G   B . n 
B 1 5  A   5  25 25 A   A   B . n 
B 1 6  A   6  26 26 A   A   B . n 
B 1 7  B8H 7  27 27 B8H B8H B . n 
B 1 8  U   8  28 28 U   U   B . n 
B 1 9  A   9  29 29 A   A   B . n 
B 1 10 G   10 30 30 G   G   B . n 
B 1 11 C   11 31 31 C   C   B . n 
B 1 12 G   12 32 32 G   G   B . n 
# 
_pdbx_entity_instance_feature.ordinal        1 
_pdbx_entity_instance_feature.comp_id        B8H 
_pdbx_entity_instance_feature.asym_id        ? 
_pdbx_entity_instance_feature.seq_num        ? 
_pdbx_entity_instance_feature.auth_comp_id   B8H 
_pdbx_entity_instance_feature.auth_asym_id   ? 
_pdbx_entity_instance_feature.auth_seq_num   ? 
_pdbx_entity_instance_feature.feature_type   'SUBJECT OF INVESTIGATION' 
_pdbx_entity_instance_feature.details        ? 
# 
loop_
_pdbx_nonpoly_scheme.asym_id 
_pdbx_nonpoly_scheme.entity_id 
_pdbx_nonpoly_scheme.mon_id 
_pdbx_nonpoly_scheme.ndb_seq_num 
_pdbx_nonpoly_scheme.pdb_seq_num 
_pdbx_nonpoly_scheme.auth_seq_num 
_pdbx_nonpoly_scheme.pdb_mon_id 
_pdbx_nonpoly_scheme.auth_mon_id 
_pdbx_nonpoly_scheme.pdb_strand_id 
_pdbx_nonpoly_scheme.pdb_ins_code 
C 2 MG  1  101 313 MG  MG  A . 
D 2 MG  1  102 314 MG  MG  A . 
E 2 MG  1  101 312 MG  MG  B . 
F 3 HOH 1  201 75  HOH HOH A . 
F 3 HOH 2  202 149 HOH HOH A . 
F 3 HOH 3  203 120 HOH HOH A . 
F 3 HOH 4  204 61  HOH HOH A . 
F 3 HOH 5  205 124 HOH HOH A . 
F 3 HOH 6  206 111 HOH HOH A . 
F 3 HOH 7  207 1   HOH HOH A . 
F 3 HOH 8  208 68  HOH HOH A . 
F 3 HOH 9  209 74  HOH HOH A . 
F 3 HOH 10 210 91  HOH HOH A . 
F 3 HOH 11 211 7   HOH HOH A . 
F 3 HOH 12 212 5   HOH HOH A . 
F 3 HOH 13 213 162 HOH HOH A . 
F 3 HOH 14 214 13  HOH HOH A . 
F 3 HOH 15 215 102 HOH HOH A . 
F 3 HOH 16 216 112 HOH HOH A . 
F 3 HOH 17 217 69  HOH HOH A . 
F 3 HOH 18 218 19  HOH HOH A . 
F 3 HOH 19 219 31  HOH HOH A . 
F 3 HOH 20 220 87  HOH HOH A . 
F 3 HOH 21 221 45  HOH HOH A . 
F 3 HOH 22 222 115 HOH HOH A . 
F 3 HOH 23 223 41  HOH HOH A . 
F 3 HOH 24 224 26  HOH HOH A . 
F 3 HOH 25 225 67  HOH HOH A . 
F 3 HOH 26 226 30  HOH HOH A . 
F 3 HOH 27 227 85  HOH HOH A . 
F 3 HOH 28 228 99  HOH HOH A . 
F 3 HOH 29 229 9   HOH HOH A . 
F 3 HOH 30 230 159 HOH HOH A . 
F 3 HOH 31 231 55  HOH HOH A . 
F 3 HOH 32 232 32  HOH HOH A . 
F 3 HOH 33 233 56  HOH HOH A . 
F 3 HOH 34 234 80  HOH HOH A . 
F 3 HOH 35 235 66  HOH HOH A . 
F 3 HOH 36 236 96  HOH HOH A . 
F 3 HOH 37 237 163 HOH HOH A . 
F 3 HOH 38 238 129 HOH HOH A . 
F 3 HOH 39 239 38  HOH HOH A . 
F 3 HOH 40 240 3   HOH HOH A . 
F 3 HOH 41 241 77  HOH HOH A . 
F 3 HOH 42 242 43  HOH HOH A . 
F 3 HOH 43 243 106 HOH HOH A . 
F 3 HOH 44 244 171 HOH HOH A . 
F 3 HOH 45 245 119 HOH HOH A . 
F 3 HOH 46 246 54  HOH HOH A . 
F 3 HOH 47 247 29  HOH HOH A . 
F 3 HOH 48 248 50  HOH HOH A . 
F 3 HOH 49 249 110 HOH HOH A . 
F 3 HOH 50 250 147 HOH HOH A . 
F 3 HOH 51 251 71  HOH HOH A . 
F 3 HOH 52 252 88  HOH HOH A . 
F 3 HOH 53 253 27  HOH HOH A . 
F 3 HOH 54 254 10  HOH HOH A . 
F 3 HOH 55 255 173 HOH HOH A . 
F 3 HOH 56 256 94  HOH HOH A . 
F 3 HOH 57 257 48  HOH HOH A . 
F 3 HOH 58 258 101 HOH HOH A . 
F 3 HOH 59 259 118 HOH HOH A . 
F 3 HOH 60 260 11  HOH HOH A . 
F 3 HOH 61 261 47  HOH HOH A . 
F 3 HOH 62 262 130 HOH HOH A . 
F 3 HOH 63 263 141 HOH HOH A . 
F 3 HOH 64 264 73  HOH HOH A . 
F 3 HOH 65 265 95  HOH HOH A . 
F 3 HOH 66 266 121 HOH HOH A . 
F 3 HOH 67 267 126 HOH HOH A . 
F 3 HOH 68 268 133 HOH HOH A . 
F 3 HOH 69 269 64  HOH HOH A . 
F 3 HOH 70 270 92  HOH HOH A . 
F 3 HOH 71 271 35  HOH HOH A . 
F 3 HOH 72 272 8   HOH HOH A . 
F 3 HOH 73 273 154 HOH HOH A . 
F 3 HOH 74 274 12  HOH HOH A . 
F 3 HOH 75 275 168 HOH HOH A . 
F 3 HOH 76 276 156 HOH HOH A . 
F 3 HOH 77 277 143 HOH HOH A . 
F 3 HOH 78 278 37  HOH HOH A . 
F 3 HOH 79 279 142 HOH HOH A . 
F 3 HOH 80 280 98  HOH HOH A . 
F 3 HOH 81 281 100 HOH HOH A . 
F 3 HOH 82 282 103 HOH HOH A . 
F 3 HOH 83 283 146 HOH HOH A . 
F 3 HOH 84 284 164 HOH HOH A . 
G 3 HOH 1  201 105 HOH HOH B . 
G 3 HOH 2  202 158 HOH HOH B . 
G 3 HOH 3  203 161 HOH HOH B . 
G 3 HOH 4  204 51  HOH HOH B . 
G 3 HOH 5  205 152 HOH HOH B . 
G 3 HOH 6  206 108 HOH HOH B . 
G 3 HOH 7  207 113 HOH HOH B . 
G 3 HOH 8  208 83  HOH HOH B . 
G 3 HOH 9  209 137 HOH HOH B . 
G 3 HOH 10 210 70  HOH HOH B . 
G 3 HOH 11 211 46  HOH HOH B . 
G 3 HOH 12 212 59  HOH HOH B . 
G 3 HOH 13 213 117 HOH HOH B . 
G 3 HOH 14 214 52  HOH HOH B . 
G 3 HOH 15 215 25  HOH HOH B . 
G 3 HOH 16 216 170 HOH HOH B . 
G 3 HOH 17 217 62  HOH HOH B . 
G 3 HOH 18 218 86  HOH HOH B . 
G 3 HOH 19 219 53  HOH HOH B . 
G 3 HOH 20 220 15  HOH HOH B . 
G 3 HOH 21 221 36  HOH HOH B . 
G 3 HOH 22 222 2   HOH HOH B . 
G 3 HOH 23 223 93  HOH HOH B . 
G 3 HOH 24 224 34  HOH HOH B . 
G 3 HOH 25 225 49  HOH HOH B . 
G 3 HOH 26 226 65  HOH HOH B . 
G 3 HOH 27 227 136 HOH HOH B . 
G 3 HOH 28 228 22  HOH HOH B . 
G 3 HOH 29 229 18  HOH HOH B . 
G 3 HOH 30 230 58  HOH HOH B . 
G 3 HOH 31 231 79  HOH HOH B . 
G 3 HOH 32 232 24  HOH HOH B . 
G 3 HOH 33 233 127 HOH HOH B . 
G 3 HOH 34 234 107 HOH HOH B . 
G 3 HOH 35 235 17  HOH HOH B . 
G 3 HOH 36 236 57  HOH HOH B . 
G 3 HOH 37 237 16  HOH HOH B . 
G 3 HOH 38 238 138 HOH HOH B . 
G 3 HOH 39 239 172 HOH HOH B . 
G 3 HOH 40 240 39  HOH HOH B . 
G 3 HOH 41 241 28  HOH HOH B . 
G 3 HOH 42 242 20  HOH HOH B . 
G 3 HOH 43 243 6   HOH HOH B . 
G 3 HOH 44 244 40  HOH HOH B . 
G 3 HOH 45 245 167 HOH HOH B . 
G 3 HOH 46 246 63  HOH HOH B . 
G 3 HOH 47 247 14  HOH HOH B . 
G 3 HOH 48 248 89  HOH HOH B . 
G 3 HOH 49 249 97  HOH HOH B . 
G 3 HOH 50 250 131 HOH HOH B . 
G 3 HOH 51 251 42  HOH HOH B . 
G 3 HOH 52 252 21  HOH HOH B . 
G 3 HOH 53 253 76  HOH HOH B . 
G 3 HOH 54 254 139 HOH HOH B . 
G 3 HOH 55 255 160 HOH HOH B . 
G 3 HOH 56 256 109 HOH HOH B . 
G 3 HOH 57 257 78  HOH HOH B . 
G 3 HOH 58 258 23  HOH HOH B . 
G 3 HOH 59 259 157 HOH HOH B . 
G 3 HOH 60 260 33  HOH HOH B . 
G 3 HOH 61 261 125 HOH HOH B . 
G 3 HOH 62 262 151 HOH HOH B . 
G 3 HOH 63 263 60  HOH HOH B . 
G 3 HOH 64 264 122 HOH HOH B . 
G 3 HOH 65 265 116 HOH HOH B . 
G 3 HOH 66 266 4   HOH HOH B . 
G 3 HOH 67 267 44  HOH HOH B . 
G 3 HOH 68 268 134 HOH HOH B . 
G 3 HOH 69 269 132 HOH HOH B . 
G 3 HOH 70 270 82  HOH HOH B . 
G 3 HOH 71 271 174 HOH HOH B . 
G 3 HOH 72 272 114 HOH HOH B . 
G 3 HOH 73 273 153 HOH HOH B . 
G 3 HOH 74 274 72  HOH HOH B . 
G 3 HOH 75 275 169 HOH HOH B . 
G 3 HOH 76 276 84  HOH HOH B . 
G 3 HOH 77 277 150 HOH HOH B . 
G 3 HOH 78 278 155 HOH HOH B . 
G 3 HOH 79 279 128 HOH HOH B . 
G 3 HOH 80 280 90  HOH HOH B . 
G 3 HOH 81 281 123 HOH HOH B . 
G 3 HOH 82 282 104 HOH HOH B . 
G 3 HOH 83 283 81  HOH HOH B . 
# 
loop_
_software.citation_id 
_software.classification 
_software.compiler_name 
_software.compiler_version 
_software.contact_author 
_software.contact_author_email 
_software.date 
_software.description 
_software.dependencies 
_software.hardware 
_software.language 
_software.location 
_software.mods 
_software.name 
_software.os 
_software.os_version 
_software.type 
_software.version 
_software.pdbx_ordinal 
? refinement       ? ? ? ? ? ? ? ? ? ? ? PHENIX ? ? ? 1.20.1_4487 1 
? 'data reduction' ? ? ? ? ? ? ? ? ? ? ? XDS    ? ? ? .           2 
? 'data scaling'   ? ? ? ? ? ? ? ? ? ? ? XDS    ? ? ? .           3 
? phasing          ? ? ? ? ? ? ? ? ? ? ? SHELXD ? ? ? .           4 
# 
_cell.angle_alpha                  62.590 
_cell.angle_alpha_esd              ? 
_cell.angle_beta                   63.800 
_cell.angle_beta_esd               ? 
_cell.angle_gamma                  88.700 
_cell.angle_gamma_esd              ? 
_cell.entry_id                     8PFQ 
_cell.details                      ? 
_cell.formula_units_Z              ? 
_cell.length_a                     26.763 
_cell.length_a_esd                 ? 
_cell.length_b                     27.037 
_cell.length_b_esd                 ? 
_cell.length_c                     29.141 
_cell.length_c_esd                 ? 
_cell.volume                       16358.491 
_cell.volume_esd                   ? 
_cell.Z_PDB                        2 
_cell.reciprocal_angle_alpha       ? 
_cell.reciprocal_angle_beta        ? 
_cell.reciprocal_angle_gamma       ? 
_cell.reciprocal_angle_alpha_esd   ? 
_cell.reciprocal_angle_beta_esd    ? 
_cell.reciprocal_angle_gamma_esd   ? 
_cell.reciprocal_length_a          ? 
_cell.reciprocal_length_b          ? 
_cell.reciprocal_length_c          ? 
_cell.reciprocal_length_a_esd      ? 
_cell.reciprocal_length_b_esd      ? 
_cell.reciprocal_length_c_esd      ? 
_cell.pdbx_unique_axis             ? 
_cell.pdbx_esd_method              ? 
# 
_symmetry.entry_id                         8PFQ 
_symmetry.cell_setting                     ? 
_symmetry.Int_Tables_number                1 
_symmetry.space_group_name_Hall            'P 1' 
_symmetry.space_group_name_H-M             'P 1' 
_symmetry.pdbx_full_space_group_name_H-M   ? 
# 
_exptl.absorpt_coefficient_mu     ? 
_exptl.absorpt_correction_T_max   ? 
_exptl.absorpt_correction_T_min   ? 
_exptl.absorpt_correction_type    ? 
_exptl.absorpt_process_details    ? 
_exptl.entry_id                   8PFQ 
_exptl.crystals_number            1 
_exptl.details                    ? 
_exptl.method                     'X-RAY DIFFRACTION' 
_exptl.method_details             ? 
# 
_exptl_crystal.colour                       ? 
_exptl_crystal.density_diffrn               ? 
_exptl_crystal.density_Matthews             2.12 
_exptl_crystal.density_method               ? 
_exptl_crystal.density_percent_sol          41.87 
_exptl_crystal.description                  ? 
_exptl_crystal.F_000                        ? 
_exptl_crystal.id                           1 
_exptl_crystal.preparation                  ? 
_exptl_crystal.size_max                     ? 
_exptl_crystal.size_mid                     ? 
_exptl_crystal.size_min                     ? 
_exptl_crystal.size_rad                     ? 
_exptl_crystal.colour_lustre                ? 
_exptl_crystal.colour_modifier              ? 
_exptl_crystal.colour_primary               ? 
_exptl_crystal.density_meas                 ? 
_exptl_crystal.density_meas_esd             ? 
_exptl_crystal.density_meas_gt              ? 
_exptl_crystal.density_meas_lt              ? 
_exptl_crystal.density_meas_temp            ? 
_exptl_crystal.density_meas_temp_esd        ? 
_exptl_crystal.density_meas_temp_gt         ? 
_exptl_crystal.density_meas_temp_lt         ? 
_exptl_crystal.pdbx_crystal_image_url       ? 
_exptl_crystal.pdbx_crystal_image_format    ? 
_exptl_crystal.pdbx_mosaicity               ? 
_exptl_crystal.pdbx_mosaicity_esd           ? 
_exptl_crystal.pdbx_mosaic_method           ? 
_exptl_crystal.pdbx_mosaic_block_size       ? 
_exptl_crystal.pdbx_mosaic_block_size_esd   ? 
# 
_exptl_crystal_grow.apparatus       ? 
_exptl_crystal_grow.atmosphere      ? 
_exptl_crystal_grow.crystal_id      1 
_exptl_crystal_grow.details         ? 
_exptl_crystal_grow.method          'VAPOR DIFFUSION, SITTING DROP' 
_exptl_crystal_grow.method_ref      ? 
_exptl_crystal_grow.pH              7.0 
_exptl_crystal_grow.pressure        ? 
_exptl_crystal_grow.pressure_esd    ? 
_exptl_crystal_grow.seeding         ? 
_exptl_crystal_grow.seeding_ref     ? 
_exptl_crystal_grow.temp_details    ? 
_exptl_crystal_grow.temp_esd        ? 
_exptl_crystal_grow.time            ? 
_exptl_crystal_grow.pdbx_details    '10 % v/v MPD, 40 mM sodium cacodylate, 12 mM spermine and 80 mM potassium chloride' 
_exptl_crystal_grow.pdbx_pH_range   ? 
_exptl_crystal_grow.temp            298 
# 
_diffrn.ambient_environment              ? 
_diffrn.ambient_temp                     100 
_diffrn.ambient_temp_details             ? 
_diffrn.ambient_temp_esd                 ? 
_diffrn.crystal_id                       1 
_diffrn.crystal_support                  ? 
_diffrn.crystal_treatment                ? 
_diffrn.details                          ? 
_diffrn.id                               1 
_diffrn.ambient_pressure                 ? 
_diffrn.ambient_pressure_esd             ? 
_diffrn.ambient_pressure_gt              ? 
_diffrn.ambient_pressure_lt              ? 
_diffrn.ambient_temp_gt                  ? 
_diffrn.ambient_temp_lt                  ? 
_diffrn.pdbx_serial_crystal_experiment   N 
# 
_diffrn_detector.details                      ? 
_diffrn_detector.detector                     PIXEL 
_diffrn_detector.diffrn_id                    1 
_diffrn_detector.type                         'DECTRIS PILATUS 2M-F' 
_diffrn_detector.area_resol_mean              ? 
_diffrn_detector.dtime                        ? 
_diffrn_detector.pdbx_frames_total            ? 
_diffrn_detector.pdbx_collection_time_total   ? 
_diffrn_detector.pdbx_collection_date         2022-02-09 
_diffrn_detector.pdbx_frequency               ? 
_diffrn_detector.id                           ? 
_diffrn_detector.number_of_axes               ? 
# 
_diffrn_radiation.collimation                      ? 
_diffrn_radiation.diffrn_id                        1 
_diffrn_radiation.filter_edge                      ? 
_diffrn_radiation.inhomogeneity                    ? 
_diffrn_radiation.monochromator                    ? 
_diffrn_radiation.polarisn_norm                    ? 
_diffrn_radiation.polarisn_ratio                   ? 
_diffrn_radiation.probe                            ? 
_diffrn_radiation.type                             ? 
_diffrn_radiation.xray_symbol                      ? 
_diffrn_radiation.wavelength_id                    1 
_diffrn_radiation.pdbx_monochromatic_or_laue_m_l   M 
_diffrn_radiation.pdbx_wavelength_list             ? 
_diffrn_radiation.pdbx_wavelength                  ? 
_diffrn_radiation.pdbx_diffrn_protocol             'SINGLE WAVELENGTH' 
_diffrn_radiation.pdbx_analyzer                    ? 
_diffrn_radiation.pdbx_scattering_type             x-ray 
# 
_diffrn_radiation_wavelength.id           1 
_diffrn_radiation_wavelength.wavelength   1.000 
_diffrn_radiation_wavelength.wt           1.0 
# 
_diffrn_source.current                     ? 
_diffrn_source.details                     ? 
_diffrn_source.diffrn_id                   1 
_diffrn_source.power                       ? 
_diffrn_source.size                        ? 
_diffrn_source.source                      SYNCHROTRON 
_diffrn_source.target                      ? 
_diffrn_source.type                        'SLS BEAMLINE X06SA' 
_diffrn_source.voltage                     ? 
_diffrn_source.take-off_angle              ? 
_diffrn_source.pdbx_wavelength_list        1.000 
_diffrn_source.pdbx_wavelength             ? 
_diffrn_source.pdbx_synchrotron_beamline   X06SA 
_diffrn_source.pdbx_synchrotron_site       SLS 
# 
_reflns.B_iso_Wilson_estimate                          9.21 
_reflns.entry_id                                       8PFQ 
_reflns.data_reduction_details                         ? 
_reflns.data_reduction_method                          ? 
_reflns.d_resolution_high                              1.01 
_reflns.d_resolution_low                               23.38 
_reflns.details                                        ? 
_reflns.limit_h_max                                    ? 
_reflns.limit_h_min                                    ? 
_reflns.limit_k_max                                    ? 
_reflns.limit_k_min                                    ? 
_reflns.limit_l_max                                    ? 
_reflns.limit_l_min                                    ? 
_reflns.number_all                                     ? 
_reflns.number_obs                                     27271 
_reflns.observed_criterion                             ? 
_reflns.observed_criterion_F_max                       ? 
_reflns.observed_criterion_F_min                       ? 
_reflns.observed_criterion_I_max                       ? 
_reflns.observed_criterion_I_min                       ? 
_reflns.observed_criterion_sigma_F                     ? 
_reflns.observed_criterion_sigma_I                     ? 
_reflns.percent_possible_obs                           82.01 
_reflns.R_free_details                                 ? 
_reflns.Rmerge_F_all                                   ? 
_reflns.Rmerge_F_obs                                   ? 
_reflns.Friedel_coverage                               ? 
_reflns.number_gt                                      ? 
_reflns.threshold_expression                           ? 
_reflns.pdbx_redundancy                                3.3 
_reflns.pdbx_netI_over_av_sigmaI                       ? 
_reflns.pdbx_netI_over_sigmaI                          8.86 
_reflns.pdbx_res_netI_over_av_sigmaI_2                 ? 
_reflns.pdbx_res_netI_over_sigmaI_2                    ? 
_reflns.pdbx_chi_squared                               ? 
_reflns.pdbx_scaling_rejects                           ? 
_reflns.pdbx_d_res_high_opt                            ? 
_reflns.pdbx_d_res_low_opt                             ? 
_reflns.pdbx_d_res_opt_method                          ? 
_reflns.phase_calculation_details                      ? 
_reflns.pdbx_Rrim_I_all                                0.05207 
_reflns.pdbx_Rpim_I_all                                0.02766 
_reflns.pdbx_d_opt                                     ? 
_reflns.pdbx_number_measured_all                       ? 
_reflns.pdbx_diffrn_id                                 1 
_reflns.pdbx_ordinal                                   1 
_reflns.pdbx_CC_half                                   0.998 
_reflns.pdbx_CC_star                                   1 
_reflns.pdbx_R_split                                   ? 
_reflns.pdbx_Rmerge_I_obs                              0.05207 
_reflns.pdbx_Rmerge_I_all                              ? 
_reflns.pdbx_Rsym_value                                ? 
_reflns.pdbx_CC_split_method                           ? 
_reflns.pdbx_aniso_diffraction_limit_axis_1_ortho[1]   ? 
_reflns.pdbx_aniso_diffraction_limit_axis_1_ortho[2]   ? 
_reflns.pdbx_aniso_diffraction_limit_axis_1_ortho[3]   ? 
_reflns.pdbx_aniso_diffraction_limit_axis_2_ortho[1]   ? 
_reflns.pdbx_aniso_diffraction_limit_axis_2_ortho[2]   ? 
_reflns.pdbx_aniso_diffraction_limit_axis_2_ortho[3]   ? 
_reflns.pdbx_aniso_diffraction_limit_axis_3_ortho[1]   ? 
_reflns.pdbx_aniso_diffraction_limit_axis_3_ortho[2]   ? 
_reflns.pdbx_aniso_diffraction_limit_axis_3_ortho[3]   ? 
_reflns.pdbx_aniso_diffraction_limit_1                 ? 
_reflns.pdbx_aniso_diffraction_limit_2                 ? 
_reflns.pdbx_aniso_diffraction_limit_3                 ? 
_reflns.pdbx_aniso_B_tensor_eigenvector_1_ortho[1]     ? 
_reflns.pdbx_aniso_B_tensor_eigenvector_1_ortho[2]     ? 
_reflns.pdbx_aniso_B_tensor_eigenvector_1_ortho[3]     ? 
_reflns.pdbx_aniso_B_tensor_eigenvector_2_ortho[1]     ? 
_reflns.pdbx_aniso_B_tensor_eigenvector_2_ortho[2]     ? 
_reflns.pdbx_aniso_B_tensor_eigenvector_2_ortho[3]     ? 
_reflns.pdbx_aniso_B_tensor_eigenvector_3_ortho[1]     ? 
_reflns.pdbx_aniso_B_tensor_eigenvector_3_ortho[2]     ? 
_reflns.pdbx_aniso_B_tensor_eigenvector_3_ortho[3]     ? 
_reflns.pdbx_aniso_B_tensor_eigenvalue_1               ? 
_reflns.pdbx_aniso_B_tensor_eigenvalue_2               ? 
_reflns.pdbx_aniso_B_tensor_eigenvalue_3               ? 
_reflns.pdbx_orthogonalization_convention              ? 
_reflns.pdbx_percent_possible_ellipsoidal              ? 
_reflns.pdbx_percent_possible_spherical                ? 
_reflns.pdbx_percent_possible_ellipsoidal_anomalous    ? 
_reflns.pdbx_percent_possible_spherical_anomalous      ? 
_reflns.pdbx_redundancy_anomalous                      ? 
_reflns.pdbx_CC_half_anomalous                         ? 
_reflns.pdbx_absDiff_over_sigma_anomalous              ? 
_reflns.pdbx_percent_possible_anomalous                ? 
_reflns.pdbx_observed_signal_threshold                 ? 
_reflns.pdbx_signal_type                               ? 
_reflns.pdbx_signal_details                            ? 
_reflns.pdbx_signal_software_id                        ? 
# 
_reflns_shell.d_res_high                                    1.01 
_reflns_shell.d_res_low                                     1.046 
_reflns_shell.meanI_over_sigI_all                           ? 
_reflns_shell.meanI_over_sigI_obs                           0.61 
_reflns_shell.number_measured_all                           ? 
_reflns_shell.number_measured_obs                           ? 
_reflns_shell.number_possible                               ? 
_reflns_shell.number_unique_all                             ? 
_reflns_shell.number_unique_obs                             1270 
_reflns_shell.percent_possible_obs                          ? 
_reflns_shell.Rmerge_F_all                                  ? 
_reflns_shell.Rmerge_F_obs                                  ? 
_reflns_shell.meanI_over_sigI_gt                            ? 
_reflns_shell.meanI_over_uI_all                             ? 
_reflns_shell.meanI_over_uI_gt                              ? 
_reflns_shell.number_measured_gt                            ? 
_reflns_shell.number_unique_gt                              ? 
_reflns_shell.percent_possible_gt                           ? 
_reflns_shell.Rmerge_F_gt                                   ? 
_reflns_shell.Rmerge_I_gt                                   ? 
_reflns_shell.pdbx_redundancy                               ? 
_reflns_shell.pdbx_chi_squared                              ? 
_reflns_shell.pdbx_netI_over_sigmaI_all                     ? 
_reflns_shell.pdbx_netI_over_sigmaI_obs                     ? 
_reflns_shell.pdbx_Rrim_I_all                               1.095 
_reflns_shell.pdbx_Rpim_I_all                               0.7333 
_reflns_shell.pdbx_rejects                                  ? 
_reflns_shell.pdbx_ordinal                                  1 
_reflns_shell.pdbx_diffrn_id                                1 
_reflns_shell.pdbx_CC_half                                  0.465 
_reflns_shell.pdbx_CC_star                                  0.797 
_reflns_shell.pdbx_R_split                                  ? 
_reflns_shell.percent_possible_all                          25.97 
_reflns_shell.Rmerge_I_all                                  ? 
_reflns_shell.Rmerge_I_obs                                  0.8088 
_reflns_shell.pdbx_Rsym_value                               ? 
_reflns_shell.pdbx_percent_possible_ellipsoidal             ? 
_reflns_shell.pdbx_percent_possible_spherical               ? 
_reflns_shell.pdbx_percent_possible_ellipsoidal_anomalous   ? 
_reflns_shell.pdbx_percent_possible_spherical_anomalous     ? 
_reflns_shell.pdbx_redundancy_anomalous                     ? 
_reflns_shell.pdbx_CC_half_anomalous                        ? 
_reflns_shell.pdbx_absDiff_over_sigma_anomalous             ? 
_reflns_shell.pdbx_percent_possible_anomalous               ? 
# 
_refine.aniso_B[1][1]                            ? 
_refine.aniso_B[1][2]                            ? 
_refine.aniso_B[1][3]                            ? 
_refine.aniso_B[2][2]                            ? 
_refine.aniso_B[2][3]                            ? 
_refine.aniso_B[3][3]                            ? 
_refine.B_iso_max                                ? 
_refine.B_iso_mean                               13.78 
_refine.B_iso_min                                ? 
_refine.correlation_coeff_Fo_to_Fc               ? 
_refine.correlation_coeff_Fo_to_Fc_free          ? 
_refine.details                                  ? 
_refine.diff_density_max                         ? 
_refine.diff_density_max_esd                     ? 
_refine.diff_density_min                         ? 
_refine.diff_density_min_esd                     ? 
_refine.diff_density_rms                         ? 
_refine.diff_density_rms_esd                     ? 
_refine.entry_id                                 8PFQ 
_refine.pdbx_refine_id                           'X-RAY DIFFRACTION' 
_refine.ls_abs_structure_details                 ? 
_refine.ls_abs_structure_Flack                   ? 
_refine.ls_abs_structure_Flack_esd               ? 
_refine.ls_abs_structure_Rogers                  ? 
_refine.ls_abs_structure_Rogers_esd              ? 
_refine.ls_d_res_high                            1.01 
_refine.ls_d_res_low                             23.38 
_refine.ls_extinction_coef                       ? 
_refine.ls_extinction_coef_esd                   ? 
_refine.ls_extinction_expression                 ? 
_refine.ls_extinction_method                     ? 
_refine.ls_goodness_of_fit_all                   ? 
_refine.ls_goodness_of_fit_all_esd               ? 
_refine.ls_goodness_of_fit_obs                   ? 
_refine.ls_goodness_of_fit_obs_esd               ? 
_refine.ls_hydrogen_treatment                    ? 
_refine.ls_matrix_type                           ? 
_refine.ls_number_constraints                    ? 
_refine.ls_number_parameters                     ? 
_refine.ls_number_reflns_all                     ? 
_refine.ls_number_reflns_obs                     27256 
_refine.ls_number_reflns_R_free                  1364 
_refine.ls_number_reflns_R_work                  25892 
_refine.ls_number_restraints                     ? 
_refine.ls_percent_reflns_obs                    81.60 
_refine.ls_percent_reflns_R_free                 5.00 
_refine.ls_R_factor_all                          ? 
_refine.ls_R_factor_obs                          0.1551 
_refine.ls_R_factor_R_free                       0.1753 
_refine.ls_R_factor_R_free_error                 ? 
_refine.ls_R_factor_R_free_error_details         ? 
_refine.ls_R_factor_R_work                       0.1540 
_refine.ls_R_Fsqd_factor_obs                     ? 
_refine.ls_R_I_factor_obs                        ? 
_refine.ls_redundancy_reflns_all                 ? 
_refine.ls_redundancy_reflns_obs                 ? 
_refine.ls_restrained_S_all                      ? 
_refine.ls_restrained_S_obs                      ? 
_refine.ls_shift_over_esd_max                    ? 
_refine.ls_shift_over_esd_mean                   ? 
_refine.ls_structure_factor_coef                 ? 
_refine.ls_weighting_details                     ? 
_refine.ls_weighting_scheme                      ? 
_refine.ls_wR_factor_all                         ? 
_refine.ls_wR_factor_obs                         ? 
_refine.ls_wR_factor_R_free                      ? 
_refine.ls_wR_factor_R_work                      ? 
_refine.occupancy_max                            ? 
_refine.occupancy_min                            ? 
_refine.solvent_model_details                    'FLAT BULK SOLVENT MODEL' 
_refine.solvent_model_param_bsol                 ? 
_refine.solvent_model_param_ksol                 ? 
_refine.pdbx_R_complete                          ? 
_refine.ls_R_factor_gt                           ? 
_refine.ls_goodness_of_fit_gt                    ? 
_refine.ls_goodness_of_fit_ref                   ? 
_refine.ls_shift_over_su_max                     ? 
_refine.ls_shift_over_su_max_lt                  ? 
_refine.ls_shift_over_su_mean                    ? 
_refine.ls_shift_over_su_mean_lt                 ? 
_refine.pdbx_ls_sigma_I                          ? 
_refine.pdbx_ls_sigma_F                          1.96 
_refine.pdbx_ls_sigma_Fsqd                       ? 
_refine.pdbx_data_cutoff_high_absF               ? 
_refine.pdbx_data_cutoff_high_rms_absF           ? 
_refine.pdbx_data_cutoff_low_absF                ? 
_refine.pdbx_isotropic_thermal_model             ? 
_refine.pdbx_ls_cross_valid_method               'FREE R-VALUE' 
_refine.pdbx_method_to_determine_struct          'AB INITIO PHASING' 
_refine.pdbx_starting_model                      ? 
_refine.pdbx_stereochemistry_target_values       'GeoStd + Monomer Library + CDL v1.2' 
_refine.pdbx_R_Free_selection_details            ? 
_refine.pdbx_stereochem_target_val_spec_case     ? 
_refine.pdbx_overall_ESU_R                       ? 
_refine.pdbx_overall_ESU_R_Free                  ? 
_refine.pdbx_solvent_vdw_probe_radii             1.1000 
_refine.pdbx_solvent_ion_probe_radii             ? 
_refine.pdbx_solvent_shrinkage_radii             0.9000 
_refine.pdbx_real_space_R                        ? 
_refine.pdbx_density_correlation                 ? 
_refine.pdbx_pd_number_of_powder_patterns        ? 
_refine.pdbx_pd_number_of_points                 ? 
_refine.pdbx_pd_meas_number_of_points            ? 
_refine.pdbx_pd_proc_ls_prof_R_factor            ? 
_refine.pdbx_pd_proc_ls_prof_wR_factor           ? 
_refine.pdbx_pd_Marquardt_correlation_coeff      ? 
_refine.pdbx_pd_Fsqrd_R_factor                   ? 
_refine.pdbx_pd_ls_matrix_band_width             ? 
_refine.pdbx_overall_phase_error                 22.5813 
_refine.pdbx_overall_SU_R_free_Cruickshank_DPI   ? 
_refine.pdbx_overall_SU_R_free_Blow_DPI          ? 
_refine.pdbx_overall_SU_R_Blow_DPI               ? 
_refine.pdbx_TLS_residual_ADP_flag               ? 
_refine.pdbx_diffrn_id                           1 
_refine.overall_SU_B                             ? 
_refine.overall_SU_ML                            0.1032 
_refine.overall_SU_R_Cruickshank_DPI             ? 
_refine.overall_SU_R_free                        ? 
_refine.overall_FOM_free_R_set                   ? 
_refine.overall_FOM_work_R_set                   ? 
_refine.pdbx_average_fsc_overall                 ? 
_refine.pdbx_average_fsc_work                    ? 
_refine.pdbx_average_fsc_free                    ? 
# 
_refine_hist.pdbx_refine_id                   'X-RAY DIFFRACTION' 
_refine_hist.cycle_id                         LAST 
_refine_hist.details                          ? 
_refine_hist.d_res_high                       1.01 
_refine_hist.d_res_low                        23.38 
_refine_hist.number_atoms_solvent             167 
_refine_hist.number_atoms_total               682 
_refine_hist.number_reflns_all                ? 
_refine_hist.number_reflns_obs                ? 
_refine_hist.number_reflns_R_free             ? 
_refine_hist.number_reflns_R_work             ? 
_refine_hist.R_factor_all                     ? 
_refine_hist.R_factor_obs                     ? 
_refine_hist.R_factor_R_free                  ? 
_refine_hist.R_factor_R_work                  ? 
_refine_hist.pdbx_number_residues_total       ? 
_refine_hist.pdbx_B_iso_mean_ligand           ? 
_refine_hist.pdbx_B_iso_mean_solvent          ? 
_refine_hist.pdbx_number_atoms_protein        0 
_refine_hist.pdbx_number_atoms_nucleic_acid   512 
_refine_hist.pdbx_number_atoms_ligand         3 
_refine_hist.pdbx_number_atoms_lipid          ? 
_refine_hist.pdbx_number_atoms_carb           ? 
_refine_hist.pdbx_pseudo_atom_details         ? 
# 
loop_
_refine_ls_restr.pdbx_refine_id 
_refine_ls_restr.criterion 
_refine_ls_restr.dev_ideal 
_refine_ls_restr.dev_ideal_target 
_refine_ls_restr.number 
_refine_ls_restr.rejects 
_refine_ls_restr.type 
_refine_ls_restr.weight 
_refine_ls_restr.pdbx_restraint_function 
'X-RAY DIFFRACTION' ? 0.0042 ? 572 ? f_bond_d           ? ? 
'X-RAY DIFFRACTION' ? 0.9530 ? 890 ? f_angle_d          ? ? 
'X-RAY DIFFRACTION' ? 0.0271 ? 116 ? f_chiral_restr     ? ? 
'X-RAY DIFFRACTION' ? 0.0101 ? 24  ? f_plane_restr      ? ? 
'X-RAY DIFFRACTION' ? 6.6451 ? 268 ? f_dihedral_angle_d ? ? 
# 
loop_
_refine_ls_shell.pdbx_refine_id 
_refine_ls_shell.d_res_high 
_refine_ls_shell.d_res_low 
_refine_ls_shell.number_reflns_all 
_refine_ls_shell.number_reflns_obs 
_refine_ls_shell.number_reflns_R_free 
_refine_ls_shell.number_reflns_R_work 
_refine_ls_shell.percent_reflns_obs 
_refine_ls_shell.percent_reflns_R_free 
_refine_ls_shell.R_factor_all 
_refine_ls_shell.R_factor_obs 
_refine_ls_shell.R_factor_R_free_error 
_refine_ls_shell.R_factor_R_work 
_refine_ls_shell.redundancy_reflns_all 
_refine_ls_shell.redundancy_reflns_obs 
_refine_ls_shell.wR_factor_all 
_refine_ls_shell.wR_factor_obs 
_refine_ls_shell.wR_factor_R_free 
_refine_ls_shell.wR_factor_R_work 
_refine_ls_shell.pdbx_R_complete 
_refine_ls_shell.pdbx_total_number_of_bins_used 
_refine_ls_shell.pdbx_phase_error 
_refine_ls_shell.pdbx_fsc_work 
_refine_ls_shell.pdbx_fsc_free 
_refine_ls_shell.R_factor_R_free 
'X-RAY DIFFRACTION' 1.01 1.04  . . 42  798  24.84 . . . . 0.3999 . . . . . . . . . . . 0.5002 
'X-RAY DIFFRACTION' 1.04 1.09  . . 92  1733 55.47 . . . . 0.2794 . . . . . . . . . . . 0.2852 
'X-RAY DIFFRACTION' 1.09 1.14  . . 139 2656 83.81 . . . . 0.2130 . . . . . . . . . . . 0.2457 
'X-RAY DIFFRACTION' 1.14 1.20  . . 148 2807 89.06 . . . . 0.1791 . . . . . . . . . . . 0.1955 
'X-RAY DIFFRACTION' 1.20 1.27  . . 155 2934 90.83 . . . . 0.1551 . . . . . . . . . . . 0.1850 
'X-RAY DIFFRACTION' 1.27 1.37  . . 151 2886 91.84 . . . . 0.1589 . . . . . . . . . . . 0.1995 
'X-RAY DIFFRACTION' 1.37 1.51  . . 157 2965 93.28 . . . . 0.1563 . . . . . . . . . . . 0.1716 
'X-RAY DIFFRACTION' 1.51 1.72  . . 157 2988 94.42 . . . . 0.1376 . . . . . . . . . . . 0.1614 
'X-RAY DIFFRACTION' 1.72 2.17  . . 160 3034 95.74 . . . . 0.1467 . . . . . . . . . . . 0.1673 
'X-RAY DIFFRACTION' 2.17 23.38 . . 163 3091 97.13 . . . . 0.1433 . . . . . . . . . . . 0.1607 
# 
_struct.entry_id                     8PFQ 
_struct.title                        'RNA structure with 1-methylpseudouridine, P1 space group' 
_struct.pdbx_model_details           ? 
_struct.pdbx_formula_weight          ? 
_struct.pdbx_formula_weight_method   ? 
_struct.pdbx_model_type_details      ? 
_struct.pdbx_CASP_flag               N 
# 
_struct_keywords.entry_id        8PFQ 
_struct_keywords.text            'SARS-CoV-2, COVID-19, Coronavirus, mRNA vaccine, RNA' 
_struct_keywords.pdbx_keywords   RNA 
# 
loop_
_struct_asym.id 
_struct_asym.pdbx_blank_PDB_chainid_flag 
_struct_asym.pdbx_modified 
_struct_asym.entity_id 
_struct_asym.details 
A N N 1 ? 
B N N 1 ? 
C N N 2 ? 
D N N 2 ? 
E N N 2 ? 
F N N 3 ? 
G N N 3 ? 
# 
_struct_ref.id                         1 
_struct_ref.db_name                    PDB 
_struct_ref.db_code                    8PFQ 
_struct_ref.pdbx_db_accession          8PFQ 
_struct_ref.pdbx_db_isoform            ? 
_struct_ref.entity_id                  1 
_struct_ref.pdbx_seq_one_letter_code   ? 
_struct_ref.pdbx_align_begin           1 
# 
loop_
_struct_ref_seq.align_id 
_struct_ref_seq.ref_id 
_struct_ref_seq.pdbx_PDB_id_code 
_struct_ref_seq.pdbx_strand_id 
_struct_ref_seq.seq_align_beg 
_struct_ref_seq.pdbx_seq_align_beg_ins_code 
_struct_ref_seq.seq_align_end 
_struct_ref_seq.pdbx_seq_align_end_ins_code 
_struct_ref_seq.pdbx_db_accession 
_struct_ref_seq.db_align_beg 
_struct_ref_seq.pdbx_db_align_beg_ins_code 
_struct_ref_seq.db_align_end 
_struct_ref_seq.pdbx_db_align_end_ins_code 
_struct_ref_seq.pdbx_auth_seq_align_beg 
_struct_ref_seq.pdbx_auth_seq_align_end 
1 1 8PFQ A 1 ? 12 ? 8PFQ 1  ? 12 ? 1  12 
2 1 8PFQ B 1 ? 12 ? 8PFQ 21 ? 32 ? 21 32 
# 
_pdbx_struct_assembly.id                   1 
_pdbx_struct_assembly.details              author_defined_assembly 
_pdbx_struct_assembly.method_details       ? 
_pdbx_struct_assembly.oligomeric_details   dimeric 
_pdbx_struct_assembly.oligomeric_count     2 
# 
loop_
_pdbx_struct_assembly_prop.biol_id 
_pdbx_struct_assembly_prop.type 
_pdbx_struct_assembly_prop.value 
_pdbx_struct_assembly_prop.details 
1 'ABSA (A^2)' 1390 ? 
1 MORE         -9   ? 
1 'SSA (A^2)'  4570 ? 
# 
_pdbx_struct_assembly_gen.assembly_id       1 
_pdbx_struct_assembly_gen.oper_expression   1 
_pdbx_struct_assembly_gen.asym_id_list      A,B,C,D,E,F,G 
# 
_pdbx_struct_assembly_auth_evidence.id                     1 
_pdbx_struct_assembly_auth_evidence.assembly_id            1 
_pdbx_struct_assembly_auth_evidence.experimental_support   none 
_pdbx_struct_assembly_auth_evidence.details                ? 
# 
_pdbx_struct_oper_list.id                   1 
_pdbx_struct_oper_list.type                 'identity operation' 
_pdbx_struct_oper_list.name                 1_555 
_pdbx_struct_oper_list.symmetry_operation   x,y,z 
_pdbx_struct_oper_list.matrix[1][1]         1.0000000000 
_pdbx_struct_oper_list.matrix[1][2]         0.0000000000 
_pdbx_struct_oper_list.matrix[1][3]         0.0000000000 
_pdbx_struct_oper_list.vector[1]            0.0000000000 
_pdbx_struct_oper_list.matrix[2][1]         0.0000000000 
_pdbx_struct_oper_list.matrix[2][2]         1.0000000000 
_pdbx_struct_oper_list.matrix[2][3]         0.0000000000 
_pdbx_struct_oper_list.vector[2]            0.0000000000 
_pdbx_struct_oper_list.matrix[3][1]         0.0000000000 
_pdbx_struct_oper_list.matrix[3][2]         0.0000000000 
_pdbx_struct_oper_list.matrix[3][3]         1.0000000000 
_pdbx_struct_oper_list.vector[3]            0.0000000000 
# 
loop_
_struct_conn.id 
_struct_conn.conn_type_id 
_struct_conn.pdbx_leaving_atom_flag 
_struct_conn.pdbx_PDB_id 
_struct_conn.ptnr1_label_asym_id 
_struct_conn.ptnr1_label_comp_id 
_struct_conn.ptnr1_label_seq_id 
_struct_conn.ptnr1_label_atom_id 
_struct_conn.pdbx_ptnr1_label_alt_id 
_struct_conn.pdbx_ptnr1_PDB_ins_code 
_struct_conn.pdbx_ptnr1_standard_comp_id 
_struct_conn.ptnr1_symmetry 
_struct_conn.ptnr2_label_asym_id 
_struct_conn.ptnr2_label_comp_id 
_struct_conn.ptnr2_label_seq_id 
_struct_conn.ptnr2_label_atom_id 
_struct_conn.pdbx_ptnr2_label_alt_id 
_struct_conn.pdbx_ptnr2_PDB_ins_code 
_struct_conn.ptnr1_auth_asym_id 
_struct_conn.ptnr1_auth_comp_id 
_struct_conn.ptnr1_auth_seq_id 
_struct_conn.ptnr2_auth_asym_id 
_struct_conn.ptnr2_auth_comp_id 
_struct_conn.ptnr2_auth_seq_id 
_struct_conn.ptnr2_symmetry 
_struct_conn.pdbx_ptnr3_label_atom_id 
_struct_conn.pdbx_ptnr3_label_seq_id 
_struct_conn.pdbx_ptnr3_label_comp_id 
_struct_conn.pdbx_ptnr3_label_asym_id 
_struct_conn.pdbx_ptnr3_label_alt_id 
_struct_conn.pdbx_ptnr3_PDB_ins_code 
_struct_conn.details 
_struct_conn.pdbx_dist_value 
_struct_conn.pdbx_value_order 
_struct_conn.pdbx_role 
covale1  covale both ? A A   6  "O3'" ? ? ? 1_555 A B8H 7  P  ? ? A A   6   A B8H 7   1_555 ? ? ? ? ? ? ?                       
1.615 ? ? 
covale2  covale one  ? A B8H 7  "O3'" ? ? ? 1_555 A U   8  P  ? ? A B8H 7   A U   8   1_555 ? ? ? ? ? ? ?                       
1.600 ? ? 
covale3  covale both ? B A   6  "O3'" ? ? ? 1_555 B B8H 7  P  ? ? B A   26  B B8H 27  1_555 ? ? ? ? ? ? ?                       
1.610 ? ? 
covale4  covale one  ? B B8H 7  "O3'" ? ? ? 1_555 B U   8  P  ? ? B B8H 27  B U   28  1_555 ? ? ? ? ? ? ?                       
1.606 ? ? 
metalc1  metalc ?    ? C MG  .  MG    ? ? ? 1_555 F HOH .  O  ? ? A MG  101 A HOH 247 1_555 ? ? ? ? ? ? ?                       
2.286 ? ? 
metalc2  metalc ?    ? C MG  .  MG    ? ? ? 1_555 F HOH .  O  ? ? A MG  101 A HOH 260 1_555 ? ? ? ? ? ? ?                       
2.361 ? ? 
metalc3  metalc ?    ? C MG  .  MG    ? ? ? 1_555 G HOH .  O  ? ? A MG  101 B HOH 249 1_555 ? ? ? ? ? ? ?                       
2.085 ? ? 
metalc4  metalc ?    ? C MG  .  MG    ? ? ? 1_555 G HOH .  O  ? ? A MG  101 B HOH 281 1_555 ? ? ? ? ? ? ?                       
2.165 ? ? 
metalc5  metalc ?    ? D MG  .  MG    ? ? ? 1_555 F HOH .  O  ? ? A MG  102 A HOH 230 1_555 ? ? ? ? ? ? ?                       
2.317 ? ? 
metalc6  metalc ?    ? D MG  .  MG    ? ? ? 1_555 F HOH .  O  ? ? A MG  102 A HOH 232 1_555 ? ? ? ? ? ? ?                       
2.089 ? ? 
metalc7  metalc ?    ? D MG  .  MG    ? ? ? 1_555 F HOH .  O  ? ? A MG  102 A HOH 276 1_555 ? ? ? ? ? ? ?                       
2.151 ? ? 
metalc8  metalc ?    ? F HOH .  O     ? ? ? 1_555 E MG  .  MG ? ? A HOH 281 B MG  101 1_555 ? ? ? ? ? ? ?                       
2.236 ? ? 
metalc9  metalc ?    ? E MG  .  MG    ? ? ? 1_555 G HOH .  O  ? ? B MG  101 B HOH 230 1_555 ? ? ? ? ? ? ?                       
2.059 ? ? 
metalc10 metalc ?    ? E MG  .  MG    ? ? ? 1_555 G HOH .  O  ? ? B MG  101 B HOH 235 1_555 ? ? ? ? ? ? ?                       
2.047 ? ? 
metalc11 metalc ?    ? E MG  .  MG    ? ? ? 1_555 G HOH .  O  ? ? B MG  101 B HOH 243 1_555 ? ? ? ? ? ? ?                       
2.010 ? ? 
metalc12 metalc ?    ? E MG  .  MG    ? ? ? 1_555 G HOH .  O  ? ? B MG  101 B HOH 282 1_555 ? ? ? ? ? ? ?                       
2.031 ? ? 
metalc13 metalc ?    ? E MG  .  MG    ? ? ? 1_555 G HOH .  O  ? ? B MG  101 B HOH 283 1_555 ? ? ? ? ? ? ?                       
2.027 ? ? 
hydrog1  hydrog ?    ? A C   1  N3    ? ? ? 1_555 B G   12 N1 ? ? A C   1   B G   32  1_555 ? ? ? ? ? ? WATSON-CRICK            ? 
? ? 
hydrog2  hydrog ?    ? A C   1  N4    ? ? ? 1_555 B G   12 O6 ? ? A C   1   B G   32  1_555 ? ? ? ? ? ? WATSON-CRICK            ? 
? ? 
hydrog3  hydrog ?    ? A C   1  O2    ? ? ? 1_555 B G   12 N2 ? ? A C   1   B G   32  1_555 ? ? ? ? ? ? WATSON-CRICK            ? 
? ? 
hydrog4  hydrog ?    ? A G   2  N1    ? ? ? 1_555 B C   11 N3 ? ? A G   2   B C   31  1_555 ? ? ? ? ? ? WATSON-CRICK            ? 
? ? 
hydrog5  hydrog ?    ? A G   2  N2    ? ? ? 1_555 B C   11 O2 ? ? A G   2   B C   31  1_555 ? ? ? ? ? ? WATSON-CRICK            ? 
? ? 
hydrog6  hydrog ?    ? A G   2  O6    ? ? ? 1_555 B C   11 N4 ? ? A G   2   B C   31  1_555 ? ? ? ? ? ? WATSON-CRICK            ? 
? ? 
hydrog7  hydrog ?    ? A C   3  N3    ? ? ? 1_555 B G   10 N1 ? ? A C   3   B G   30  1_555 ? ? ? ? ? ? WATSON-CRICK            ? 
? ? 
hydrog8  hydrog ?    ? A C   3  N4    ? ? ? 1_555 B G   10 O6 ? ? A C   3   B G   30  1_555 ? ? ? ? ? ? WATSON-CRICK            ? 
? ? 
hydrog9  hydrog ?    ? A C   3  O2    ? ? ? 1_555 B G   10 N2 ? ? A C   3   B G   30  1_555 ? ? ? ? ? ? WATSON-CRICK            ? 
? ? 
hydrog10 hydrog ?    ? A G   4  N1    ? ? ? 1_555 B A   9  N1 ? ? A G   4   B A   29  1_555 ? ? ? ? ? ? TYPE_8_PAIR             ? 
? ? 
hydrog11 hydrog ?    ? A G   4  O6    ? ? ? 1_555 B A   9  N6 ? ? A G   4   B A   29  1_555 ? ? ? ? ? ? TYPE_8_PAIR             ? 
? ? 
hydrog12 hydrog ?    ? A A   5  N1    ? ? ? 1_555 B U   8  N3 ? ? A A   5   B U   28  1_555 ? ? ? ? ? ? WATSON-CRICK            ? 
? ? 
hydrog13 hydrog ?    ? A A   5  N6    ? ? ? 1_555 B U   8  O4 ? ? A A   5   B U   28  1_555 ? ? ? ? ? ? WATSON-CRICK            ? 
? ? 
hydrog14 hydrog ?    ? A A   6  N1    ? ? ? 1_555 B B8H 7  N3 ? ? A A   6   B B8H 27  1_555 ? ? ? ? ? ? 'REVERSED WATSON-CRICK' ? 
? ? 
hydrog15 hydrog ?    ? A A   6  N6    ? ? ? 1_555 B B8H 7  O2 ? ? A A   6   B B8H 27  1_555 ? ? ? ? ? ? 'REVERSED WATSON-CRICK' ? 
? ? 
hydrog16 hydrog ?    ? A B8H 7  N3    ? ? ? 1_555 B A   6  N1 ? ? A B8H 7   B A   26  1_555 ? ? ? ? ? ? 'REVERSED WATSON-CRICK' ? 
? ? 
hydrog17 hydrog ?    ? A B8H 7  O2    ? ? ? 1_555 B A   6  N6 ? ? A B8H 7   B A   26  1_555 ? ? ? ? ? ? 'REVERSED WATSON-CRICK' ? 
? ? 
hydrog18 hydrog ?    ? A U   8  N3    ? ? ? 1_555 B A   5  N1 ? ? A U   8   B A   25  1_555 ? ? ? ? ? ? WATSON-CRICK            ? 
? ? 
hydrog19 hydrog ?    ? A U   8  O4    ? ? ? 1_555 B A   5  N6 ? ? A U   8   B A   25  1_555 ? ? ? ? ? ? WATSON-CRICK            ? 
? ? 
hydrog20 hydrog ?    ? A A   9  N1    ? ? ? 1_555 B G   4  N1 ? ? A A   9   B G   24  1_555 ? ? ? ? ? ? TYPE_8_PAIR             ? 
? ? 
hydrog21 hydrog ?    ? A A   9  N6    ? ? ? 1_555 B G   4  O6 ? ? A A   9   B G   24  1_555 ? ? ? ? ? ? TYPE_8_PAIR             ? 
? ? 
hydrog22 hydrog ?    ? A G   10 N1    ? ? ? 1_555 B C   3  N3 ? ? A G   10  B C   23  1_555 ? ? ? ? ? ? WATSON-CRICK            ? 
? ? 
hydrog23 hydrog ?    ? A G   10 N2    ? ? ? 1_555 B C   3  O2 ? ? A G   10  B C   23  1_555 ? ? ? ? ? ? WATSON-CRICK            ? 
? ? 
hydrog24 hydrog ?    ? A G   10 O6    ? ? ? 1_555 B C   3  N4 ? ? A G   10  B C   23  1_555 ? ? ? ? ? ? WATSON-CRICK            ? 
? ? 
hydrog25 hydrog ?    ? A C   11 N3    ? ? ? 1_555 B G   2  N1 ? ? A C   11  B G   22  1_555 ? ? ? ? ? ? WATSON-CRICK            ? 
? ? 
hydrog26 hydrog ?    ? A C   11 N4    ? ? ? 1_555 B G   2  O6 ? ? A C   11  B G   22  1_555 ? ? ? ? ? ? WATSON-CRICK            ? 
? ? 
hydrog27 hydrog ?    ? A C   11 O2    ? ? ? 1_555 B G   2  N2 ? ? A C   11  B G   22  1_555 ? ? ? ? ? ? WATSON-CRICK            ? 
? ? 
hydrog28 hydrog ?    ? A G   12 N1    ? ? ? 1_555 B C   1  N3 ? ? A G   12  B C   21  1_555 ? ? ? ? ? ? WATSON-CRICK            ? 
? ? 
hydrog29 hydrog ?    ? A G   12 N2    ? ? ? 1_555 B C   1  O2 ? ? A G   12  B C   21  1_555 ? ? ? ? ? ? WATSON-CRICK            ? 
? ? 
hydrog30 hydrog ?    ? A G   12 O6    ? ? ? 1_555 B C   1  N4 ? ? A G   12  B C   21  1_555 ? ? ? ? ? ? WATSON-CRICK            ? 
? ? 
# 
loop_
_struct_conn_type.id 
_struct_conn_type.criteria 
_struct_conn_type.reference 
covale ? ? 
metalc ? ? 
hydrog ? ? 
# 
loop_
_pdbx_struct_conn_angle.id 
_pdbx_struct_conn_angle.ptnr1_label_atom_id 
_pdbx_struct_conn_angle.ptnr1_label_alt_id 
_pdbx_struct_conn_angle.ptnr1_label_asym_id 
_pdbx_struct_conn_angle.ptnr1_label_comp_id 
_pdbx_struct_conn_angle.ptnr1_label_seq_id 
_pdbx_struct_conn_angle.ptnr1_auth_atom_id 
_pdbx_struct_conn_angle.ptnr1_auth_asym_id 
_pdbx_struct_conn_angle.ptnr1_auth_comp_id 
_pdbx_struct_conn_angle.ptnr1_auth_seq_id 
_pdbx_struct_conn_angle.ptnr1_PDB_ins_code 
_pdbx_struct_conn_angle.ptnr1_symmetry 
_pdbx_struct_conn_angle.ptnr2_label_atom_id 
_pdbx_struct_conn_angle.ptnr2_label_alt_id 
_pdbx_struct_conn_angle.ptnr2_label_asym_id 
_pdbx_struct_conn_angle.ptnr2_label_comp_id 
_pdbx_struct_conn_angle.ptnr2_label_seq_id 
_pdbx_struct_conn_angle.ptnr2_auth_atom_id 
_pdbx_struct_conn_angle.ptnr2_auth_asym_id 
_pdbx_struct_conn_angle.ptnr2_auth_comp_id 
_pdbx_struct_conn_angle.ptnr2_auth_seq_id 
_pdbx_struct_conn_angle.ptnr2_PDB_ins_code 
_pdbx_struct_conn_angle.ptnr2_symmetry 
_pdbx_struct_conn_angle.ptnr3_label_atom_id 
_pdbx_struct_conn_angle.ptnr3_label_alt_id 
_pdbx_struct_conn_angle.ptnr3_label_asym_id 
_pdbx_struct_conn_angle.ptnr3_label_comp_id 
_pdbx_struct_conn_angle.ptnr3_label_seq_id 
_pdbx_struct_conn_angle.ptnr3_auth_atom_id 
_pdbx_struct_conn_angle.ptnr3_auth_asym_id 
_pdbx_struct_conn_angle.ptnr3_auth_comp_id 
_pdbx_struct_conn_angle.ptnr3_auth_seq_id 
_pdbx_struct_conn_angle.ptnr3_PDB_ins_code 
_pdbx_struct_conn_angle.ptnr3_symmetry 
_pdbx_struct_conn_angle.value 
_pdbx_struct_conn_angle.value_esd 
1  O ? F HOH . ? A HOH 247 ? 1_555 MG ? C MG . ? A MG 101 ? 1_555 O ? F HOH . ? A HOH 260 ? 1_555 75.8  ? 
2  O ? F HOH . ? A HOH 247 ? 1_555 MG ? C MG . ? A MG 101 ? 1_555 O ? G HOH . ? B HOH 249 ? 1_555 79.0  ? 
3  O ? F HOH . ? A HOH 260 ? 1_555 MG ? C MG . ? A MG 101 ? 1_555 O ? G HOH . ? B HOH 249 ? 1_555 151.2 ? 
4  O ? F HOH . ? A HOH 247 ? 1_555 MG ? C MG . ? A MG 101 ? 1_555 O ? G HOH . ? B HOH 281 ? 1_555 172.0 ? 
5  O ? F HOH . ? A HOH 260 ? 1_555 MG ? C MG . ? A MG 101 ? 1_555 O ? G HOH . ? B HOH 281 ? 1_555 96.7  ? 
6  O ? G HOH . ? B HOH 249 ? 1_555 MG ? C MG . ? A MG 101 ? 1_555 O ? G HOH . ? B HOH 281 ? 1_555 107.6 ? 
7  O ? F HOH . ? A HOH 230 ? 1_555 MG ? D MG . ? A MG 102 ? 1_555 O ? F HOH . ? A HOH 232 ? 1_555 86.2  ? 
8  O ? F HOH . ? A HOH 230 ? 1_555 MG ? D MG . ? A MG 102 ? 1_555 O ? F HOH . ? A HOH 276 ? 1_555 80.3  ? 
9  O ? F HOH . ? A HOH 232 ? 1_555 MG ? D MG . ? A MG 102 ? 1_555 O ? F HOH . ? A HOH 276 ? 1_555 165.0 ? 
10 O ? F HOH . ? A HOH 281 ? 1_555 MG ? E MG . ? B MG 101 ? 1_555 O ? G HOH . ? B HOH 230 ? 1_555 172.6 ? 
11 O ? F HOH . ? A HOH 281 ? 1_555 MG ? E MG . ? B MG 101 ? 1_555 O ? G HOH . ? B HOH 235 ? 1_555 81.6  ? 
12 O ? G HOH . ? B HOH 230 ? 1_555 MG ? E MG . ? B MG 101 ? 1_555 O ? G HOH . ? B HOH 235 ? 1_555 91.2  ? 
13 O ? F HOH . ? A HOH 281 ? 1_555 MG ? E MG . ? B MG 101 ? 1_555 O ? G HOH . ? B HOH 243 ? 1_555 89.2  ? 
14 O ? G HOH . ? B HOH 230 ? 1_555 MG ? E MG . ? B MG 101 ? 1_555 O ? G HOH . ? B HOH 243 ? 1_555 92.4  ? 
15 O ? G HOH . ? B HOH 235 ? 1_555 MG ? E MG . ? B MG 101 ? 1_555 O ? G HOH . ? B HOH 243 ? 1_555 90.4  ? 
16 O ? F HOH . ? A HOH 281 ? 1_555 MG ? E MG . ? B MG 101 ? 1_555 O ? G HOH . ? B HOH 282 ? 1_555 82.3  ? 
17 O ? G HOH . ? B HOH 230 ? 1_555 MG ? E MG . ? B MG 101 ? 1_555 O ? G HOH . ? B HOH 282 ? 1_555 105.0 ? 
18 O ? G HOH . ? B HOH 235 ? 1_555 MG ? E MG . ? B MG 101 ? 1_555 O ? G HOH . ? B HOH 282 ? 1_555 162.9 ? 
19 O ? G HOH . ? B HOH 243 ? 1_555 MG ? E MG . ? B MG 101 ? 1_555 O ? G HOH . ? B HOH 282 ? 1_555 83.8  ? 
20 O ? F HOH . ? A HOH 281 ? 1_555 MG ? E MG . ? B MG 101 ? 1_555 O ? G HOH . ? B HOH 283 ? 1_555 87.5  ? 
21 O ? G HOH . ? B HOH 230 ? 1_555 MG ? E MG . ? B MG 101 ? 1_555 O ? G HOH . ? B HOH 283 ? 1_555 90.8  ? 
22 O ? G HOH . ? B HOH 235 ? 1_555 MG ? E MG . ? B MG 101 ? 1_555 O ? G HOH . ? B HOH 283 ? 1_555 88.9  ? 
23 O ? G HOH . ? B HOH 243 ? 1_555 MG ? E MG . ? B MG 101 ? 1_555 O ? G HOH . ? B HOH 283 ? 1_555 176.7 ? 
24 O ? G HOH . ? B HOH 282 ? 1_555 MG ? E MG . ? B MG 101 ? 1_555 O ? G HOH . ? B HOH 283 ? 1_555 95.9  ? 
# 
_pdbx_entry_details.entry_id                   8PFQ 
_pdbx_entry_details.has_ligand_of_interest     Y 
_pdbx_entry_details.compound_details           ? 
_pdbx_entry_details.source_details             ? 
_pdbx_entry_details.nonpolymer_details         ? 
_pdbx_entry_details.sequence_details           ? 
_pdbx_entry_details.has_protein_modification   N 
# 
loop_
_pdbx_validate_close_contact.id 
_pdbx_validate_close_contact.PDB_model_num 
_pdbx_validate_close_contact.auth_atom_id_1 
_pdbx_validate_close_contact.auth_asym_id_1 
_pdbx_validate_close_contact.auth_comp_id_1 
_pdbx_validate_close_contact.auth_seq_id_1 
_pdbx_validate_close_contact.PDB_ins_code_1 
_pdbx_validate_close_contact.label_alt_id_1 
_pdbx_validate_close_contact.auth_atom_id_2 
_pdbx_validate_close_contact.auth_asym_id_2 
_pdbx_validate_close_contact.auth_comp_id_2 
_pdbx_validate_close_contact.auth_seq_id_2 
_pdbx_validate_close_contact.PDB_ins_code_2 
_pdbx_validate_close_contact.label_alt_id_2 
_pdbx_validate_close_contact.dist 
1 1 O A HOH 213 ? ? O A HOH 266 ? ? 2.10 
2 1 O A HOH 203 ? ? O A HOH 243 ? ? 2.17 
# 
_pdbx_validate_symm_contact.id                1 
_pdbx_validate_symm_contact.PDB_model_num     1 
_pdbx_validate_symm_contact.auth_atom_id_1    O 
_pdbx_validate_symm_contact.auth_asym_id_1    B 
_pdbx_validate_symm_contact.auth_comp_id_1    HOH 
_pdbx_validate_symm_contact.auth_seq_id_1     223 
_pdbx_validate_symm_contact.PDB_ins_code_1    ? 
_pdbx_validate_symm_contact.label_alt_id_1    ? 
_pdbx_validate_symm_contact.site_symmetry_1   1_555 
_pdbx_validate_symm_contact.auth_atom_id_2    O 
_pdbx_validate_symm_contact.auth_asym_id_2    B 
_pdbx_validate_symm_contact.auth_comp_id_2    HOH 
_pdbx_validate_symm_contact.auth_seq_id_2     227 
_pdbx_validate_symm_contact.PDB_ins_code_2    ? 
_pdbx_validate_symm_contact.label_alt_id_2    ? 
_pdbx_validate_symm_contact.site_symmetry_2   1_565 
_pdbx_validate_symm_contact.dist              2.08 
# 
_space_group_symop.id              1 
_space_group_symop.operation_xyz   x,y,z 
# 
loop_
_chem_comp_atom.comp_id 
_chem_comp_atom.atom_id 
_chem_comp_atom.type_symbol 
_chem_comp_atom.pdbx_aromatic_flag 
_chem_comp_atom.pdbx_stereo_config 
_chem_comp_atom.pdbx_ordinal 
A   OP3    O  N N 1   
A   P      P  N N 2   
A   OP1    O  N N 3   
A   OP2    O  N N 4   
A   "O5'"  O  N N 5   
A   "C5'"  C  N N 6   
A   "C4'"  C  N R 7   
A   "O4'"  O  N N 8   
A   "C3'"  C  N S 9   
A   "O3'"  O  N N 10  
A   "C2'"  C  N R 11  
A   "O2'"  O  N N 12  
A   "C1'"  C  N R 13  
A   N9     N  Y N 14  
A   C8     C  Y N 15  
A   N7     N  Y N 16  
A   C5     C  Y N 17  
A   C6     C  Y N 18  
A   N6     N  N N 19  
A   N1     N  Y N 20  
A   C2     C  Y N 21  
A   N3     N  Y N 22  
A   C4     C  Y N 23  
A   HOP3   H  N N 24  
A   HOP2   H  N N 25  
A   "H5'"  H  N N 26  
A   "H5''" H  N N 27  
A   "H4'"  H  N N 28  
A   "H3'"  H  N N 29  
A   "HO3'" H  N N 30  
A   "H2'"  H  N N 31  
A   "HO2'" H  N N 32  
A   "H1'"  H  N N 33  
A   H8     H  N N 34  
A   H61    H  N N 35  
A   H62    H  N N 36  
A   H2     H  N N 37  
B8H N1     N  N N 38  
B8H C2     C  N N 39  
B8H C4     C  N N 40  
B8H "C1'"  C  N S 41  
B8H "C2'"  C  N R 42  
B8H "C3'"  C  N S 43  
B8H "C4'"  C  N R 44  
B8H C5     C  N N 45  
B8H "C5'"  C  N N 46  
B8H C6     C  N N 47  
B8H CN1    C  N N 48  
B8H N3     N  N N 49  
B8H O2     O  N N 50  
B8H "O2'"  O  N N 51  
B8H "O3'"  O  N N 52  
B8H O4     O  N N 53  
B8H "O4'"  O  N N 54  
B8H "O5'"  O  N N 55  
B8H OP1    O  N N 56  
B8H OP2    O  N N 57  
B8H P      P  N N 58  
B8H O1     O  N N 59  
B8H H1     H  N N 60  
B8H H2     H  N N 61  
B8H H3     H  N N 62  
B8H H4     H  N N 63  
B8H H5     H  N N 64  
B8H H6     H  N N 65  
B8H H7     H  N N 66  
B8H H8     H  N N 67  
B8H H9     H  N N 68  
B8H H10    H  N N 69  
B8H H11    H  N N 70  
B8H H12    H  N N 71  
B8H H13    H  N N 72  
B8H H14    H  N N 73  
B8H H15    H  N N 74  
C   OP3    O  N N 75  
C   P      P  N N 76  
C   OP1    O  N N 77  
C   OP2    O  N N 78  
C   "O5'"  O  N N 79  
C   "C5'"  C  N N 80  
C   "C4'"  C  N R 81  
C   "O4'"  O  N N 82  
C   "C3'"  C  N S 83  
C   "O3'"  O  N N 84  
C   "C2'"  C  N R 85  
C   "O2'"  O  N N 86  
C   "C1'"  C  N R 87  
C   N1     N  N N 88  
C   C2     C  N N 89  
C   O2     O  N N 90  
C   N3     N  N N 91  
C   C4     C  N N 92  
C   N4     N  N N 93  
C   C5     C  N N 94  
C   C6     C  N N 95  
C   HOP3   H  N N 96  
C   HOP2   H  N N 97  
C   "H5'"  H  N N 98  
C   "H5''" H  N N 99  
C   "H4'"  H  N N 100 
C   "H3'"  H  N N 101 
C   "HO3'" H  N N 102 
C   "H2'"  H  N N 103 
C   "HO2'" H  N N 104 
C   "H1'"  H  N N 105 
C   H41    H  N N 106 
C   H42    H  N N 107 
C   H5     H  N N 108 
C   H6     H  N N 109 
G   OP3    O  N N 110 
G   P      P  N N 111 
G   OP1    O  N N 112 
G   OP2    O  N N 113 
G   "O5'"  O  N N 114 
G   "C5'"  C  N N 115 
G   "C4'"  C  N R 116 
G   "O4'"  O  N N 117 
G   "C3'"  C  N S 118 
G   "O3'"  O  N N 119 
G   "C2'"  C  N R 120 
G   "O2'"  O  N N 121 
G   "C1'"  C  N R 122 
G   N9     N  Y N 123 
G   C8     C  Y N 124 
G   N7     N  Y N 125 
G   C5     C  Y N 126 
G   C6     C  N N 127 
G   O6     O  N N 128 
G   N1     N  N N 129 
G   C2     C  N N 130 
G   N2     N  N N 131 
G   N3     N  N N 132 
G   C4     C  Y N 133 
G   HOP3   H  N N 134 
G   HOP2   H  N N 135 
G   "H5'"  H  N N 136 
G   "H5''" H  N N 137 
G   "H4'"  H  N N 138 
G   "H3'"  H  N N 139 
G   "HO3'" H  N N 140 
G   "H2'"  H  N N 141 
G   "HO2'" H  N N 142 
G   "H1'"  H  N N 143 
G   H8     H  N N 144 
G   H1     H  N N 145 
G   H21    H  N N 146 
G   H22    H  N N 147 
HOH O      O  N N 148 
HOH H1     H  N N 149 
HOH H2     H  N N 150 
MG  MG     MG N N 151 
U   OP3    O  N N 152 
U   P      P  N N 153 
U   OP1    O  N N 154 
U   OP2    O  N N 155 
U   "O5'"  O  N N 156 
U   "C5'"  C  N N 157 
U   "C4'"  C  N R 158 
U   "O4'"  O  N N 159 
U   "C3'"  C  N S 160 
U   "O3'"  O  N N 161 
U   "C2'"  C  N R 162 
U   "O2'"  O  N N 163 
U   "C1'"  C  N R 164 
U   N1     N  N N 165 
U   C2     C  N N 166 
U   O2     O  N N 167 
U   N3     N  N N 168 
U   C4     C  N N 169 
U   O4     O  N N 170 
U   C5     C  N N 171 
U   C6     C  N N 172 
U   HOP3   H  N N 173 
U   HOP2   H  N N 174 
U   "H5'"  H  N N 175 
U   "H5''" H  N N 176 
U   "H4'"  H  N N 177 
U   "H3'"  H  N N 178 
U   "HO3'" H  N N 179 
U   "H2'"  H  N N 180 
U   "HO2'" H  N N 181 
U   "H1'"  H  N N 182 
U   H3     H  N N 183 
U   H5     H  N N 184 
U   H6     H  N N 185 
# 
loop_
_chem_comp_bond.comp_id 
_chem_comp_bond.atom_id_1 
_chem_comp_bond.atom_id_2 
_chem_comp_bond.value_order 
_chem_comp_bond.pdbx_aromatic_flag 
_chem_comp_bond.pdbx_stereo_config 
_chem_comp_bond.pdbx_ordinal 
A   OP3   P      sing N N 1   
A   OP3   HOP3   sing N N 2   
A   P     OP1    doub N N 3   
A   P     OP2    sing N N 4   
A   P     "O5'"  sing N N 5   
A   OP2   HOP2   sing N N 6   
A   "O5'" "C5'"  sing N N 7   
A   "C5'" "C4'"  sing N N 8   
A   "C5'" "H5'"  sing N N 9   
A   "C5'" "H5''" sing N N 10  
A   "C4'" "O4'"  sing N N 11  
A   "C4'" "C3'"  sing N N 12  
A   "C4'" "H4'"  sing N N 13  
A   "O4'" "C1'"  sing N N 14  
A   "C3'" "O3'"  sing N N 15  
A   "C3'" "C2'"  sing N N 16  
A   "C3'" "H3'"  sing N N 17  
A   "O3'" "HO3'" sing N N 18  
A   "C2'" "O2'"  sing N N 19  
A   "C2'" "C1'"  sing N N 20  
A   "C2'" "H2'"  sing N N 21  
A   "O2'" "HO2'" sing N N 22  
A   "C1'" N9     sing N N 23  
A   "C1'" "H1'"  sing N N 24  
A   N9    C8     sing Y N 25  
A   N9    C4     sing Y N 26  
A   C8    N7     doub Y N 27  
A   C8    H8     sing N N 28  
A   N7    C5     sing Y N 29  
A   C5    C6     sing Y N 30  
A   C5    C4     doub Y N 31  
A   C6    N6     sing N N 32  
A   C6    N1     doub Y N 33  
A   N6    H61    sing N N 34  
A   N6    H62    sing N N 35  
A   N1    C2     sing Y N 36  
A   C2    N3     doub Y N 37  
A   C2    H2     sing N N 38  
A   N3    C4     sing Y N 39  
B8H "C5'" "C4'"  sing N N 40  
B8H "C5'" "O5'"  sing N N 41  
B8H "C4'" "O4'"  sing N N 42  
B8H "C4'" "C3'"  sing N N 43  
B8H OP2   P      doub N N 44  
B8H "O2'" "C2'"  sing N N 45  
B8H "O4'" "C1'"  sing N N 46  
B8H "O3'" "C3'"  sing N N 47  
B8H P     "O5'"  sing N N 48  
B8H P     OP1    sing N N 49  
B8H "C3'" "C2'"  sing N N 50  
B8H "C1'" "C2'"  sing N N 51  
B8H "C1'" C5     sing N N 52  
B8H C5    C6     doub N N 53  
B8H C5    C4     sing N N 54  
B8H O4    C4     doub N N 55  
B8H C6    N1     sing N N 56  
B8H C4    N3     sing N N 57  
B8H N1    CN1    sing N N 58  
B8H N1    C2     sing N N 59  
B8H N3    C2     sing N N 60  
B8H C2    O2     doub N N 61  
B8H P     O1     sing N N 62  
B8H "C1'" H1     sing N N 63  
B8H "C2'" H2     sing N N 64  
B8H "C3'" H3     sing N N 65  
B8H "C4'" H4     sing N N 66  
B8H "C5'" H5     sing N N 67  
B8H "C5'" H6     sing N N 68  
B8H C6    H7     sing N N 69  
B8H CN1   H8     sing N N 70  
B8H CN1   H9     sing N N 71  
B8H CN1   H10    sing N N 72  
B8H N3    H11    sing N N 73  
B8H "O2'" H12    sing N N 74  
B8H "O3'" H13    sing N N 75  
B8H OP1   H14    sing N N 76  
B8H O1    H15    sing N N 77  
C   OP3   P      sing N N 78  
C   OP3   HOP3   sing N N 79  
C   P     OP1    doub N N 80  
C   P     OP2    sing N N 81  
C   P     "O5'"  sing N N 82  
C   OP2   HOP2   sing N N 83  
C   "O5'" "C5'"  sing N N 84  
C   "C5'" "C4'"  sing N N 85  
C   "C5'" "H5'"  sing N N 86  
C   "C5'" "H5''" sing N N 87  
C   "C4'" "O4'"  sing N N 88  
C   "C4'" "C3'"  sing N N 89  
C   "C4'" "H4'"  sing N N 90  
C   "O4'" "C1'"  sing N N 91  
C   "C3'" "O3'"  sing N N 92  
C   "C3'" "C2'"  sing N N 93  
C   "C3'" "H3'"  sing N N 94  
C   "O3'" "HO3'" sing N N 95  
C   "C2'" "O2'"  sing N N 96  
C   "C2'" "C1'"  sing N N 97  
C   "C2'" "H2'"  sing N N 98  
C   "O2'" "HO2'" sing N N 99  
C   "C1'" N1     sing N N 100 
C   "C1'" "H1'"  sing N N 101 
C   N1    C2     sing N N 102 
C   N1    C6     sing N N 103 
C   C2    O2     doub N N 104 
C   C2    N3     sing N N 105 
C   N3    C4     doub N N 106 
C   C4    N4     sing N N 107 
C   C4    C5     sing N N 108 
C   N4    H41    sing N N 109 
C   N4    H42    sing N N 110 
C   C5    C6     doub N N 111 
C   C5    H5     sing N N 112 
C   C6    H6     sing N N 113 
G   OP3   P      sing N N 114 
G   OP3   HOP3   sing N N 115 
G   P     OP1    doub N N 116 
G   P     OP2    sing N N 117 
G   P     "O5'"  sing N N 118 
G   OP2   HOP2   sing N N 119 
G   "O5'" "C5'"  sing N N 120 
G   "C5'" "C4'"  sing N N 121 
G   "C5'" "H5'"  sing N N 122 
G   "C5'" "H5''" sing N N 123 
G   "C4'" "O4'"  sing N N 124 
G   "C4'" "C3'"  sing N N 125 
G   "C4'" "H4'"  sing N N 126 
G   "O4'" "C1'"  sing N N 127 
G   "C3'" "O3'"  sing N N 128 
G   "C3'" "C2'"  sing N N 129 
G   "C3'" "H3'"  sing N N 130 
G   "O3'" "HO3'" sing N N 131 
G   "C2'" "O2'"  sing N N 132 
G   "C2'" "C1'"  sing N N 133 
G   "C2'" "H2'"  sing N N 134 
G   "O2'" "HO2'" sing N N 135 
G   "C1'" N9     sing N N 136 
G   "C1'" "H1'"  sing N N 137 
G   N9    C8     sing Y N 138 
G   N9    C4     sing Y N 139 
G   C8    N7     doub Y N 140 
G   C8    H8     sing N N 141 
G   N7    C5     sing Y N 142 
G   C5    C6     sing N N 143 
G   C5    C4     doub Y N 144 
G   C6    O6     doub N N 145 
G   C6    N1     sing N N 146 
G   N1    C2     sing N N 147 
G   N1    H1     sing N N 148 
G   C2    N2     sing N N 149 
G   C2    N3     doub N N 150 
G   N2    H21    sing N N 151 
G   N2    H22    sing N N 152 
G   N3    C4     sing N N 153 
HOH O     H1     sing N N 154 
HOH O     H2     sing N N 155 
U   OP3   P      sing N N 156 
U   OP3   HOP3   sing N N 157 
U   P     OP1    doub N N 158 
U   P     OP2    sing N N 159 
U   P     "O5'"  sing N N 160 
U   OP2   HOP2   sing N N 161 
U   "O5'" "C5'"  sing N N 162 
U   "C5'" "C4'"  sing N N 163 
U   "C5'" "H5'"  sing N N 164 
U   "C5'" "H5''" sing N N 165 
U   "C4'" "O4'"  sing N N 166 
U   "C4'" "C3'"  sing N N 167 
U   "C4'" "H4'"  sing N N 168 
U   "O4'" "C1'"  sing N N 169 
U   "C3'" "O3'"  sing N N 170 
U   "C3'" "C2'"  sing N N 171 
U   "C3'" "H3'"  sing N N 172 
U   "O3'" "HO3'" sing N N 173 
U   "C2'" "O2'"  sing N N 174 
U   "C2'" "C1'"  sing N N 175 
U   "C2'" "H2'"  sing N N 176 
U   "O2'" "HO2'" sing N N 177 
U   "C1'" N1     sing N N 178 
U   "C1'" "H1'"  sing N N 179 
U   N1    C2     sing N N 180 
U   N1    C6     sing N N 181 
U   C2    O2     doub N N 182 
U   C2    N3     sing N N 183 
U   N3    C4     sing N N 184 
U   N3    H3     sing N N 185 
U   C4    O4     doub N N 186 
U   C4    C5     sing N N 187 
U   C5    C6     doub N N 188 
U   C5    H5     sing N N 189 
U   C6    H6     sing N N 190 
# 
_ndb_struct_conf_na.entry_id   8PFQ 
_ndb_struct_conf_na.feature    'double helix' 
# 
loop_
_ndb_struct_na_base_pair.model_number 
_ndb_struct_na_base_pair.i_label_asym_id 
_ndb_struct_na_base_pair.i_label_comp_id 
_ndb_struct_na_base_pair.i_label_seq_id 
_ndb_struct_na_base_pair.i_symmetry 
_ndb_struct_na_base_pair.j_label_asym_id 
_ndb_struct_na_base_pair.j_label_comp_id 
_ndb_struct_na_base_pair.j_label_seq_id 
_ndb_struct_na_base_pair.j_symmetry 
_ndb_struct_na_base_pair.shear 
_ndb_struct_na_base_pair.stretch 
_ndb_struct_na_base_pair.stagger 
_ndb_struct_na_base_pair.buckle 
_ndb_struct_na_base_pair.propeller 
_ndb_struct_na_base_pair.opening 
_ndb_struct_na_base_pair.pair_number 
_ndb_struct_na_base_pair.pair_name 
_ndb_struct_na_base_pair.i_auth_asym_id 
_ndb_struct_na_base_pair.i_auth_seq_id 
_ndb_struct_na_base_pair.i_PDB_ins_code 
_ndb_struct_na_base_pair.j_auth_asym_id 
_ndb_struct_na_base_pair.j_auth_seq_id 
_ndb_struct_na_base_pair.j_PDB_ins_code 
_ndb_struct_na_base_pair.hbond_type_28 
_ndb_struct_na_base_pair.hbond_type_12 
1 A C   1  1_555 B G   12 1_555 0.154  -0.128 0.038  5.902   -16.427 -0.339   1  A_C1:G32_B   A 1  ? B 32 ? 19 1 
1 A G   2  1_555 B C   11 1_555 -0.245 -0.167 -0.005 -5.568  -15.542 0.340    2  A_G2:C31_B   A 2  ? B 31 ? 19 1 
1 A C   3  1_555 B G   10 1_555 0.110  -0.091 0.259  -2.253  -8.299  -1.828   3  A_C3:G30_B   A 3  ? B 30 ? 19 1 
1 A G   4  1_555 B A   9  1_555 -0.022 1.464  -0.320 3.318   -7.355  -16.341  4  A_G4:A29_B   A 4  ? B 29 ? 8  1 
1 A A   5  1_555 B U   8  1_555 0.061  -0.071 0.156  5.600   -9.073  -3.799   5  A_A5:U28_B   A 5  ? B 28 ? 20 1 
1 A A   6  1_555 B B8H 7  1_555 0.134  1.155  -0.234 25.485  -2.019  173.556  6  A_A6:B8H27_B A 6  ? B 27 ? 21 1 
1 A B8H 7  1_555 B A   6  1_555 -0.200 -1.176 0.134  -22.559 -1.188  -169.744 7  A_B8H7:A26_B A 7  ? B 26 ? 21 1 
1 A U   8  1_555 B A   5  1_555 -0.057 -0.071 0.205  -1.783  -11.335 -2.519   8  A_U8:A25_B   A 8  ? B 25 ? 20 1 
1 A A   9  1_555 B G   4  1_555 -0.008 1.496  -0.397 1.830   -8.458  -18.303  9  A_A9:G24_B   A 9  ? B 24 ? 8  1 
1 A G   10 1_555 B C   3  1_555 -0.104 -0.130 0.345  5.084   -13.585 -2.356   10 A_G10:C23_B  A 10 ? B 23 ? 19 1 
1 A C   11 1_555 B G   2  1_555 0.213  -0.161 0.153  4.254   -17.701 0.324    11 A_C11:G22_B  A 11 ? B 22 ? 19 1 
1 A G   12 1_555 B C   1  1_555 -0.092 -0.137 0.021  -9.197  -15.040 -1.166   12 A_G12:C21_B  A 12 ? B 21 ? 19 1 
# 
loop_
_ndb_struct_na_base_pair_step.model_number 
_ndb_struct_na_base_pair_step.i_label_asym_id_1 
_ndb_struct_na_base_pair_step.i_label_comp_id_1 
_ndb_struct_na_base_pair_step.i_label_seq_id_1 
_ndb_struct_na_base_pair_step.i_symmetry_1 
_ndb_struct_na_base_pair_step.j_label_asym_id_1 
_ndb_struct_na_base_pair_step.j_label_comp_id_1 
_ndb_struct_na_base_pair_step.j_label_seq_id_1 
_ndb_struct_na_base_pair_step.j_symmetry_1 
_ndb_struct_na_base_pair_step.i_label_asym_id_2 
_ndb_struct_na_base_pair_step.i_label_comp_id_2 
_ndb_struct_na_base_pair_step.i_label_seq_id_2 
_ndb_struct_na_base_pair_step.i_symmetry_2 
_ndb_struct_na_base_pair_step.j_label_asym_id_2 
_ndb_struct_na_base_pair_step.j_label_comp_id_2 
_ndb_struct_na_base_pair_step.j_label_seq_id_2 
_ndb_struct_na_base_pair_step.j_symmetry_2 
_ndb_struct_na_base_pair_step.shift 
_ndb_struct_na_base_pair_step.slide 
_ndb_struct_na_base_pair_step.rise 
_ndb_struct_na_base_pair_step.tilt 
_ndb_struct_na_base_pair_step.roll 
_ndb_struct_na_base_pair_step.twist 
_ndb_struct_na_base_pair_step.x_displacement 
_ndb_struct_na_base_pair_step.y_displacement 
_ndb_struct_na_base_pair_step.helical_rise 
_ndb_struct_na_base_pair_step.inclination 
_ndb_struct_na_base_pair_step.tip 
_ndb_struct_na_base_pair_step.helical_twist 
_ndb_struct_na_base_pair_step.step_number 
_ndb_struct_na_base_pair_step.step_name 
_ndb_struct_na_base_pair_step.i_auth_asym_id_1 
_ndb_struct_na_base_pair_step.i_auth_seq_id_1 
_ndb_struct_na_base_pair_step.i_PDB_ins_code_1 
_ndb_struct_na_base_pair_step.j_auth_asym_id_1 
_ndb_struct_na_base_pair_step.j_auth_seq_id_1 
_ndb_struct_na_base_pair_step.j_PDB_ins_code_1 
_ndb_struct_na_base_pair_step.i_auth_asym_id_2 
_ndb_struct_na_base_pair_step.i_auth_seq_id_2 
_ndb_struct_na_base_pair_step.i_PDB_ins_code_2 
_ndb_struct_na_base_pair_step.j_auth_asym_id_2 
_ndb_struct_na_base_pair_step.j_auth_seq_id_2 
_ndb_struct_na_base_pair_step.j_PDB_ins_code_2 
1 A C   1  1_555 B G   12 1_555 A G   2  1_555 B C   11 1_555 -0.210 -1.527 3.375 -1.142   13.332  33.688   -4.244 0.185  2.610  
21.959  1.880   36.177   1  AA_C1G2:C31G32_BB     A 1  ? B 32 ? A 2  ? B 31 ? 
1 A G   2  1_555 B C   11 1_555 A C   3  1_555 B G   10 1_555 -0.157 -1.319 3.193 -1.579   7.035   34.008   -3.217 0.037  2.875  
11.863  2.662   34.742   2  AA_G2C3:G30C31_BB     A 2  ? B 31 ? A 3  ? B 30 ? 
1 A C   3  1_555 B G   10 1_555 A G   4  1_555 B A   9  1_555 -0.842 -1.759 3.069 3.662    9.847   26.528   -5.437 2.404  2.158  
20.468  -7.612  28.498   3  AA_C3G4:A29G30_BB     A 3  ? B 30 ? A 4  ? B 29 ? 
1 A G   4  1_555 B A   9  1_555 A A   5  1_555 B U   8  1_555 0.306  -1.685 3.154 -5.399   12.871  27.949   -5.218 -1.444 2.100  
24.787  10.398  31.178   4  AA_G4A5:U28A29_BB     A 4  ? B 29 ? A 5  ? B 28 ? 
1 A A   5  1_555 B U   8  1_555 A A   6  1_555 B B8H 7  1_555 1.131  -0.923 3.522 -7.203   11.489  -50.891  0.192  0.744  3.752  
-13.105 -8.216  -52.551  5  AA_A5A6:B8H27U28_BB   A 5  ? B 28 ? A 6  ? B 27 ? 
1 A A   6  1_555 B B8H 7  1_555 A B8H 7  1_555 B A   6  1_555 -3.394 0.969  1.054 -31.243  167.280 -152.103 -0.587 -1.716 0.644  
-83.782 -15.648 -177.634 6  AA_A6B8H7:A26B8H27_BB A 6  ? B 27 ? A 7  ? B 26 ? 
1 A B8H 7  1_555 B A   6  1_555 A U   8  1_555 B A   5  1_555 -2.701 2.407  0.056 -152.725 -75.237 -118.444 -1.240 -1.279 -0.646 
37.921  -76.976 -175.016 7  AA_B8H7U8:A25A26_BB   A 7  ? B 26 ? A 8  ? B 25 ? 
1 A U   8  1_555 B A   5  1_555 A A   9  1_555 B G   4  1_555 -0.679 -1.541 3.129 4.556    12.886  28.475   -4.866 1.968  2.120  
24.493  -8.659  31.525   8  AA_U8A9:G24A25_BB     A 8  ? B 25 ? A 9  ? B 24 ? 
1 A A   9  1_555 B G   4  1_555 A G   10 1_555 B C   3  1_555 0.950  -1.487 3.083 -5.164   11.116  29.449   -4.416 -2.524 2.198  
20.770  9.649   31.846   9  AA_A9G10:C23G24_BB    A 9  ? B 24 ? A 10 ? B 23 ? 
1 A G   10 1_555 B C   3  1_555 A C   11 1_555 B G   2  1_555 0.323  -1.565 3.203 1.647    4.405   35.301   -3.169 -0.299 3.003  
7.224   -2.702  35.603   10 AA_G10C11:G22C23_BB   A 10 ? B 23 ? A 11 ? B 22 ? 
1 A C   11 1_555 B G   2  1_555 A G   12 1_555 B C   1  1_555 0.033  -1.767 3.367 2.834    12.899  33.733   -4.550 0.321  2.539  
21.245  -4.668  36.156   11 AA_C11G12:C21G22_BB   A 11 ? B 22 ? A 12 ? B 21 ? 
# 
loop_
_pdbx_audit_support.funding_organization 
_pdbx_audit_support.country 
_pdbx_audit_support.grant_number 
_pdbx_audit_support.ordinal 
'University of Zurich'              Switzerland ?             1 
'Swiss National Science Foundation' Switzerland 206021_164018 2 
# 
_space_group.name_H-M_alt     'P 1' 
_space_group.name_Hall        'P 1' 
_space_group.IT_number        1 
_space_group.crystal_system   triclinic 
_space_group.id               1 
# 
_atom_sites.entry_id                    8PFQ 
_atom_sites.Cartn_transf_matrix[1][1]   ? 
_atom_sites.Cartn_transf_matrix[1][2]   ? 
_atom_sites.Cartn_transf_matrix[1][3]   ? 
_atom_sites.Cartn_transf_matrix[2][1]   ? 
_atom_sites.Cartn_transf_matrix[2][2]   ? 
_atom_sites.Cartn_transf_matrix[2][3]   ? 
_atom_sites.Cartn_transf_matrix[3][1]   ? 
_atom_sites.Cartn_transf_matrix[3][2]   ? 
_atom_sites.Cartn_transf_matrix[3][3]   ? 
_atom_sites.Cartn_transf_vector[1]      ? 
_atom_sites.Cartn_transf_vector[2]      ? 
_atom_sites.Cartn_transf_vector[3]      ? 
_atom_sites.fract_transf_matrix[1][1]   0.03052167 
_atom_sites.fract_transf_matrix[1][2]   -0.02730983 
_atom_sites.fract_transf_matrix[1][3]   0.01227727 
_atom_sites.fract_transf_matrix[2][1]   -0.00105017 
_atom_sites.fract_transf_matrix[2][2]   -0.03003923 
_atom_sites.fract_transf_matrix[2][3]   -0.03043788 
_atom_sites.fract_transf_matrix[3][1]   0.01118959 
_atom_sites.fract_transf_matrix[3][2]   0.04155130 
_atom_sites.fract_transf_matrix[3][3]   -0.01019153 
_atom_sites.fract_transf_vector[1]      0.962437 
_atom_sites.fract_transf_vector[2]      0.731604 
_atom_sites.fract_transf_vector[3]      0.641118 
_atom_sites.solution_primary            ? 
_atom_sites.solution_secondary          ? 
_atom_sites.solution_hydrogens          ? 
_atom_sites.special_details             ? 
# 
loop_
_atom_type.symbol 
_atom_type.scat_dispersion_real 
_atom_type.scat_dispersion_imag 
_atom_type.scat_Cromer_Mann_a1 
_atom_type.scat_Cromer_Mann_a2 
_atom_type.scat_Cromer_Mann_a3 
_atom_type.scat_Cromer_Mann_a4 
_atom_type.scat_Cromer_Mann_b1 
_atom_type.scat_Cromer_Mann_b2 
_atom_type.scat_Cromer_Mann_b3 
_atom_type.scat_Cromer_Mann_b4 
_atom_type.scat_Cromer_Mann_c 
_atom_type.scat_source 
_atom_type.scat_dispersion_source 
C  ? ? 3.54356 2.42580 ?       ? 25.62398 1.50364  ?        ? 0.0 
;2-Gaussian fit: Grosse-Kunstleve RW, Sauter NK, Adams PD: Newsletter of the IUCr Commission on Crystallographic Computing 2004, 3, 22-31.
;
? 
H  ? ? 0.53795 0.34799 0.11320 ? 10.08003 29.74760 2.57510  ? 0.0 
;3-Gaussian fit: Grosse-Kunstleve RW, Sauter NK, Adams PD: Newsletter of the IUCr Commission on Crystallographic Computing 2004, 3, 22-31.
;
? 
MG ? ? 6.67814 2.96430 2.32496 ? 4.14073  0.42890  71.01992 ? 0.0 
;3-Gaussian fit: Grosse-Kunstleve RW, Sauter NK, Adams PD: Newsletter of the IUCr Commission on Crystallographic Computing 2004, 3, 22-31.
;
? 
N  ? ? 4.01032 2.96436 ?       ? 19.97189 1.75589  ?        ? 0.0 
;2-Gaussian fit: Grosse-Kunstleve RW, Sauter NK, Adams PD: Newsletter of the IUCr Commission on Crystallographic Computing 2004, 3, 22-31.
;
? 
O  ? ? 4.49882 3.47563 ?       ? 15.80542 1.70748  ?        ? 0.0 
;2-Gaussian fit: Grosse-Kunstleve RW, Sauter NK, Adams PD: Newsletter of the IUCr Commission on Crystallographic Computing 2004, 3, 22-31.
;
? 
P  ? ? 9.51135 5.44231 ?       ? 1.42069  35.72801 ?        ? 0.0 
;2-Gaussian fit: Grosse-Kunstleve RW, Sauter NK, Adams PD: Newsletter of the IUCr Commission on Crystallographic Computing 2004, 3, 22-31.
;
? 
# 
loop_
_atom_site.group_PDB 
_atom_site.id 
_atom_site.type_symbol 
_atom_site.label_atom_id 
_atom_site.label_alt_id 
_atom_site.label_comp_id 
_atom_site.label_asym_id 
_atom_site.label_entity_id 
_atom_site.label_seq_id 
_atom_site.pdbx_PDB_ins_code 
_atom_site.Cartn_x 
_atom_site.Cartn_y 
_atom_site.Cartn_z 
_atom_site.occupancy 
_atom_site.B_iso_or_equiv 
_atom_site.pdbx_formal_charge 
_atom_site.auth_seq_id 
_atom_site.auth_comp_id 
_atom_site.auth_asym_id 
_atom_site.auth_atom_id 
_atom_site.pdbx_PDB_model_num 
ATOM   1   O  "O5'"  . C   A 1 1  ? 1.98005   -12.10854 4.57123   1.000 13.00412 ? 1   C   A "O5'"  1 
ATOM   2   C  "C5'"  . C   A 1 1  ? 2.50209   -12.47002 5.83851   1.000 11.64863 ? 1   C   A "C5'"  1 
ATOM   3   C  "C4'"  . C   A 1 1  ? 4.00742   -12.38504 5.87131   1.000 10.30777 ? 1   C   A "C4'"  1 
ATOM   4   O  "O4'"  . C   A 1 1  ? 4.58740   -13.32231 4.92737   1.000 9.18291  ? 1   C   A "O4'"  1 
ATOM   5   C  "C3'"  . C   A 1 1  ? 4.61927   -11.05296 5.47683   1.000 10.21210 ? 1   C   A "C3'"  1 
ATOM   6   O  "O3'"  . C   A 1 1  ? 4.55382   -10.10453 6.51860   1.000 10.74140 ? 1   C   A "O3'"  1 
ATOM   7   C  "C2'"  . C   A 1 1  ? 6.03473   -11.45622 5.11071   1.000 10.08890 ? 1   C   A "C2'"  1 
ATOM   8   O  "O2'"  . C   A 1 1  ? 6.79427   -11.71639 6.28635   1.000 10.17585 ? 1   C   A "O2'"  1 
ATOM   9   C  "C1'"  . C   A 1 1  ? 5.77397   -12.77384 4.38814   1.000 9.23847  ? 1   C   A "C1'"  1 
ATOM   10  N  N1     . C   A 1 1  ? 5.58969   -12.59250 2.93124   1.000 9.03790  ? 1   C   A N1     1 
ATOM   11  C  C2     . C   A 1 1  ? 6.73031   -12.41122 2.15226   1.000 8.58550  ? 1   C   A C2     1 
ATOM   12  O  O2     . C   A 1 1  ? 7.83097   -12.39205 2.71568   1.000 8.96399  ? 1   C   A O2     1 
ATOM   13  N  N3     . C   A 1 1  ? 6.61382   -12.27311 0.81474   1.000 8.51380  ? 1   C   A N3     1 
ATOM   14  C  C4     . C   A 1 1  ? 5.41373   -12.29709 0.24427   1.000 8.80665  ? 1   C   A C4     1 
ATOM   15  N  N4     . C   A 1 1  ? 5.34627   -12.15412 -1.07965  1.000 9.48137  ? 1   C   A N4     1 
ATOM   16  C  C5     . C   A 1 1  ? 4.22998   -12.47319 1.01702   1.000 9.52425  ? 1   C   A C5     1 
ATOM   17  C  C6     . C   A 1 1  ? 4.36239   -12.62012 2.34143   1.000 9.31448  ? 1   C   A C6     1 
ATOM   18  H  "H5'"  . C   A 1 1  ? 2.23292   -13.37924 6.04290   1.000 14.00294 ? 1   C   A "H5'"  1 
ATOM   19  H  "H5''" . C   A 1 1  ? 2.13773   -11.87397 6.51147   1.000 14.00294 ? 1   C   A "H5''" 1 
ATOM   20  H  "H4'"  . C   A 1 1  ? 4.30376   -12.61605 6.76558   1.000 12.39390 ? 1   C   A "H4'"  1 
ATOM   21  H  "H3'"  . C   A 1 1  ? 4.17116   -10.69999 4.69229   1.000 12.27910 ? 1   C   A "H3'"  1 
ATOM   22  H  "H2'"  . C   A 1 1  ? 6.47311   -10.80896 4.53645   1.000 12.13126 ? 1   C   A "H2'"  1 
ATOM   23  H  "HO2'" . C   A 1 1  ? 6.85977   -12.54722 6.39133   1.000 12.23560 ? 1   C   A "HO2'" 1 
ATOM   24  H  "H1'"  . C   A 1 1  ? 6.51619   -13.37914 4.54184   1.000 11.11075 ? 1   C   A "H1'"  1 
ATOM   25  H  H41    . C   A 1 1  ? 4.58264   -12.16576 -1.47505  1.000 11.40223 ? 1   C   A H41    1 
ATOM   26  H  H42    . C   A 1 1  ? 6.06638   -12.05028 -1.53819  1.000 11.40223 ? 1   C   A H42    1 
ATOM   27  H  H5     . C   A 1 1  ? 3.39174   -12.48571 0.61441   1.000 11.45369 ? 1   C   A H5     1 
ATOM   28  H  H6     . C   A 1 1  ? 3.60469   -12.74289 2.86651   1.000 11.20195 ? 1   C   A H6     1 
ATOM   29  H  "HO5'" . C   A 1 1  ? 1.15475   -12.15616 4.42702   1.000 15.62952 ? 1   C   A "HO5'" 1 
ATOM   30  P  P      . G   A 1 2  ? 4.51447   -8.53485  6.18757   1.000 11.34050 ? 2   G   A P      1 
ATOM   31  O  OP1    . G   A 1 2  ? 4.25896   -7.84880  7.47562   1.000 12.77015 ? 2   G   A OP1    1 
ATOM   32  O  OP2    . G   A 1 2  ? 3.62779   -8.28191  5.02227   1.000 11.53406 ? 2   G   A OP2    1 
ATOM   33  O  "O5'"  . G   A 1 2  ? 5.98664   -8.19049  5.69665   1.000 10.98387 ? 2   G   A "O5'"  1 
ATOM   34  C  "C5'"  . G   A 1 2  ? 7.10470   -8.28849  6.55953   1.000 11.03563 ? 2   G   A "C5'"  1 
ATOM   35  C  "C4'"  . G   A 1 2  ? 8.35507   -7.91469  5.81291   1.000 10.81074 ? 2   G   A "C4'"  1 
ATOM   36  O  "O4'"  . G   A 1 2  ? 8.61888   -8.90209  4.78495   1.000 10.37717 ? 2   G   A "O4'"  1 
ATOM   37  C  "C3'"  . G   A 1 2  ? 8.28915   -6.60548  5.04417   1.000 10.52290 ? 2   G   A "C3'"  1 
ATOM   38  O  "O3'"  . G   A 1 2  ? 8.47519   -5.47890  5.86949   1.000 11.46431 ? 2   G   A "O3'"  1 
ATOM   39  C  "C2'"  . G   A 1 2  ? 9.36462   -6.79444  3.99189   1.000 10.63854 ? 2   G   A "C2'"  1 
ATOM   40  O  "O2'"  . G   A 1 2  ? 10.65721  -6.63794  4.56474   1.000 11.36897 ? 2   G   A "O2'"  1 
ATOM   41  C  "C1'"  . G   A 1 2  ? 9.15638   -8.26073  3.64302   1.000 9.82588  ? 2   G   A "C1'"  1 
ATOM   42  N  N9     . G   A 1 2  ? 8.22277   -8.46371  2.52428   1.000 9.40111  ? 2   G   A N9     1 
ATOM   43  C  C8     . G   A 1 2  ? 6.91753   -8.87955  2.59100   1.000 9.89105  ? 2   G   A C8     1 
ATOM   44  N  N7     . G   A 1 2  ? 6.36307   -9.01807  1.41247   1.000 9.20931  ? 2   G   A N7     1 
ATOM   45  C  C5     . G   A 1 2  ? 7.37331   -8.69179  0.51701   1.000 8.61972  ? 2   G   A C5     1 
ATOM   46  C  C6     . G   A 1 2  ? 7.38457   -8.67376  -0.90293  1.000 9.32313  ? 2   G   A C6     1 
ATOM   47  O  O6     . G   A 1 2  ? 6.47560   -8.95729  -1.70004  1.000 9.53345  ? 2   G   A O6     1 
ATOM   48  N  N1     . G   A 1 2  ? 8.62277   -8.27634  -1.39267  1.000 8.67851  ? 2   G   A N1     1 
ATOM   49  C  C2     . G   A 1 2  ? 9.71236   -7.95140  -0.62256  1.000 9.15672  ? 2   G   A C2     1 
ATOM   50  N  N2     . G   A 1 2  ? 10.82420  -7.57771  -1.26618  1.000 9.33990  ? 2   G   A N2     1 
ATOM   51  N  N3     . G   A 1 2  ? 9.71736   -7.97206  0.69187   1.000 8.56671  ? 2   G   A N3     1 
ATOM   52  C  C4     . G   A 1 2  ? 8.52564   -8.35834  1.19216   1.000 9.00017  ? 2   G   A C4     1 
ATOM   53  H  "H5'"  . G   A 1 2  ? 7.18249   -9.19800  6.88759   1.000 13.26734 ? 2   G   A "H5'"  1 
ATOM   54  H  "H5''" . G   A 1 2  ? 6.98597   -7.68989  7.31350   1.000 13.26734 ? 2   G   A "H5''" 1 
ATOM   55  H  "H4'"  . G   A 1 2  ? 9.10273   -7.88954  6.43040   1.000 12.99747 ? 2   G   A "H4'"  1 
ATOM   56  H  "H3'"  . G   A 1 2  ? 7.42957   -6.52895  4.60126   1.000 12.65205 ? 2   G   A "H3'"  1 
ATOM   57  H  "H2'"  . G   A 1 2  ? 9.24223   -6.21470  3.22388   1.000 12.79083 ? 2   G   A "H2'"  1 
ATOM   58  H  "HO2'" . G   A 1 2  ? 10.95977  -7.39477  4.76789   1.000 13.66734 ? 2   G   A "HO2'" 1 
ATOM   59  H  "H1'"  . G   A 1 2  ? 10.01537  -8.64846  3.41348   1.000 11.81564 ? 2   G   A "H1'"  1 
ATOM   60  H  H8     . G   A 1 2  ? 6.47223   -9.04595  3.39032   1.000 11.89384 ? 2   G   A H8     1 
ATOM   61  H  H1     . G   A 1 2  ? 8.71406   -8.23017  -2.24657  1.000 10.43879 ? 2   G   A H1     1 
ATOM   62  H  H21    . G   A 1 2  ? 10.83761  -7.55875  -2.12587  1.000 11.23246 ? 2   G   A H21    1 
ATOM   63  H  H22    . G   A 1 2  ? 11.52545  -7.35647  -0.82021  1.000 11.23246 ? 2   G   A H22    1 
ATOM   64  P  P      . C   A 1 3  ? 7.70646   -4.11778  5.52515   1.000 11.95182 ? 3   C   A P      1 
ATOM   65  O  OP1    . C   A 1 3  ? 7.99660   -3.21107  6.65855   1.000 13.34877 ? 3   C   A OP1    1 
ATOM   66  O  OP2    . C   A 1 3  ? 6.30024   -4.38014  5.12629   1.000 12.68008 ? 3   C   A OP2    1 
ATOM   67  O  "O5'"  . C   A 1 3  ? 8.45038   -3.57949  4.22892   1.000 10.33750 ? 3   C   A "O5'"  1 
ATOM   68  C  "C5'"  . C   A 1 3  ? 9.82293   -3.24009  4.27708   1.000 10.08168 ? 3   C   A "C5'"  1 
ATOM   69  C  "C4'"  . C   A 1 3  ? 10.32597  -2.85226  2.91816   1.000 9.53893  ? 3   C   A "C4'"  1 
ATOM   70  O  "O4'"  . C   A 1 3  ? 10.34964  -4.00822  2.03722   1.000 9.32698  ? 3   C   A "O4'"  1 
ATOM   71  C  "C3'"  . C   A 1 3  ? 9.47938   -1.85006  2.15290   1.000 9.69024  ? 3   C   A "C3'"  1 
ATOM   72  O  "O3'"  . C   A 1 3  ? 9.62979   -0.52757  2.62718   1.000 9.98580  ? 3   C   A "O3'"  1 
ATOM   73  C  "C2'"  . C   A 1 3  ? 9.96602   -2.06968  0.72764   1.000 9.88945  ? 3   C   A "C2'"  1 
ATOM   74  O  "O2'"  . C   A 1 3  ? 11.26296  -1.50629  0.55176   1.000 10.09322 ? 3   C   A "O2'"  1 
ATOM   75  C  "C1'"  . C   A 1 3  ? 10.08150  -3.59443  0.70915   1.000 9.69991  ? 3   C   A "C1'"  1 
ATOM   76  N  N1     . C   A 1 3  ? 8.82888   -4.24623  0.25052   1.000 9.41443  ? 3   C   A N1     1 
ATOM   77  C  C2     . C   A 1 3  ? 8.61614   -4.41375  -1.12345  1.000 8.89717  ? 3   C   A C2     1 
ATOM   78  O  O2     . C   A 1 3  ? 9.47400   -3.99062  -1.91092  1.000 9.33889  ? 3   C   A O2     1 
ATOM   79  N  N3     . C   A 1 3  ? 7.48010   -5.00581  -1.56129  1.000 8.90172  ? 3   C   A N3     1 
ATOM   80  C  C4     . C   A 1 3  ? 6.56874   -5.41777  -0.67960  1.000 9.10800  ? 3   C   A C4     1 
ATOM   81  N  N4     . C   A 1 3  ? 5.45865   -6.00279  -1.13161  1.000 9.47111  ? 3   C   A N4     1 
ATOM   82  C  C5     . C   A 1 3  ? 6.76485   -5.26631  0.72265   1.000 9.18000  ? 3   C   A C5     1 
ATOM   83  C  C6     . C   A 1 3  ? 7.88908   -4.67884  1.14286   1.000 9.37940  ? 3   C   A C6     1 
ATOM   84  H  "H5'"  . C   A 1 3  ? 10.32930  -4.00190  4.59979   1.000 12.12259 ? 3   C   A "H5'"  1 
ATOM   85  H  "H5''" . C   A 1 3  ? 9.94701   -2.49679  4.88783   1.000 12.12259 ? 3   C   A "H5''" 1 
ATOM   86  H  "H4'"  . C   A 1 3  ? 11.22793  -2.50882  3.01513   1.000 11.47129 ? 3   C   A "H4'"  1 
ATOM   87  H  "H3'"  . C   A 1 3  ? 8.54113   -2.08928  2.21089   1.000 11.65287 ? 3   C   A "H3'"  1 
ATOM   88  H  "H2'"  . C   A 1 3  ? 9.34180   -1.74170  0.06156   1.000 11.89192 ? 3   C   A "H2'"  1 
ATOM   89  H  "HO2'" . C   A 1 3  ? 11.19447  -0.67015  0.50953   1.000 12.13645 ? 3   C   A "HO2'" 1 
ATOM   90  H  "H1'"  . C   A 1 3  ? 10.81044  -3.86215  0.12788   1.000 11.66448 ? 3   C   A "H1'"  1 
ATOM   91  H  H41    . C   A 1 3  ? 4.85981   -6.27487  -0.57758  1.000 11.38992 ? 3   C   A H41    1 
ATOM   92  H  H42    . C   A 1 3  ? 5.34170   -6.10793  -1.97711  1.000 11.38992 ? 3   C   A H42    1 
ATOM   93  H  H5     . C   A 1 3  ? 6.12789   -5.56800  1.32943   1.000 11.04058 ? 3   C   A H5     1 
ATOM   94  H  H6     . C   A 1 3  ? 8.03363   -4.56300  2.05423   1.000 11.27986 ? 3   C   A H6     1 
ATOM   95  P  P      . G   A 1 4  ? 8.38931   0.49362   2.60896   1.000 10.48309 ? 4   G   A P      1 
ATOM   96  O  OP1    . G   A 1 4  ? 8.76046   1.52077   3.61195   1.000 11.61116 ? 4   G   A OP1    1 
ATOM   97  O  OP2    . G   A 1 4  ? 7.10953   -0.26062  2.73836   1.000 10.98380 ? 4   G   A OP2    1 
ATOM   98  O  "O5'"  . G   A 1 4  ? 8.41236   1.14475   1.15365   1.000 11.85355 ? 4   G   A "O5'"  1 
ATOM   99  C  "C5'"  . G   A 1 4  ? 9.51502   1.92526   0.72254   1.000 12.51190 ? 4   G   A "C5'"  1 
ATOM   100 C  "C4'"  . G   A 1 4  ? 9.64889   1.90006   -0.77714  1.000 13.06130 ? 4   G   A "C4'"  1 
ATOM   101 O  "O4'"  . G   A 1 4  ? 9.76420   0.52891   -1.23643  1.000 13.13838 ? 4   G   A "O4'"  1 
ATOM   102 C  "C3'"  . G   A 1 4  ? 8.47493   2.44711   -1.57333  1.000 13.48598 ? 4   G   A "C3'"  1 
ATOM   103 O  "O3'"  . G   A 1 4  ? 8.47453   3.85598   -1.64283  1.000 14.34495 ? 4   G   A "O3'"  1 
ATOM   104 C  "C2'"  . G   A 1 4  ? 8.66191   1.77519   -2.92069  1.000 13.40140 ? 4   G   A "C2'"  1 
ATOM   105 O  "O2'"  . G   A 1 4  ? 9.71023   2.39123   -3.65532  1.000 14.03738 ? 4   G   A "O2'"  1 
ATOM   106 C  "C1'"  . G   A 1 4  ? 9.11880   0.38903   -2.48516  1.000 12.90868 ? 4   G   A "C1'"  1 
ATOM   107 N  N9     . G   A 1 4  ? 7.98431   -0.53691  -2.33006  1.000 12.15339 ? 4   G   A N9     1 
ATOM   108 C  C8     . G   A 1 4  ? 7.34417   -0.97442  -1.19505  1.000 12.03484 ? 4   G   A C8     1 
ATOM   109 N  N7     . G   A 1 4  ? 6.37166   -1.81166  -1.44202  1.000 11.58427 ? 4   G   A N7     1 
ATOM   110 C  C5     . G   A 1 4  ? 6.37691   -1.93010  -2.82556  1.000 11.26251 ? 4   G   A C5     1 
ATOM   111 C  C6     . G   A 1 4  ? 5.54821   -2.67846  -3.69944  1.000 10.40333 ? 4   G   A C6     1 
ATOM   112 O  O6     . G   A 1 4  ? 4.62336   -3.44370  -3.41435  1.000 9.92737  ? 4   G   A O6     1 
ATOM   113 N  N1     . G   A 1 4  ? 5.90208   -2.48676  -5.03000  1.000 11.30105 ? 4   G   A N1     1 
ATOM   114 C  C2     . G   A 1 4  ? 6.91270   -1.67190  -5.46894  1.000 11.66485 ? 4   G   A C2     1 
ATOM   115 N  N2     . G   A 1 4  ? 7.09473   -1.61824  -6.79473  1.000 12.73250 ? 4   G   A N2     1 
ATOM   116 N  N3     . G   A 1 4  ? 7.69309   -0.96941  -4.67247  1.000 11.84920 ? 4   G   A N3     1 
ATOM   117 C  C4     . G   A 1 4  ? 7.36127   -1.14389  -3.37850  1.000 11.54526 ? 4   G   A C4     1 
ATOM   118 H  "H5'"  . G   A 1 4  ? 10.32743  1.57491   1.12023   1.000 15.03886 ? 4   G   A "H5'"  1 
ATOM   119 H  "H5''" . G   A 1 4  ? 9.38980   2.84153   1.01524   1.000 15.03886 ? 4   G   A "H5''" 1 
ATOM   120 H  "H4'"  . G   A 1 4  ? 10.44868  2.39084   -1.02284  1.000 15.69814 ? 4   G   A "H4'"  1 
ATOM   121 H  "H3'"  . G   A 1 4  ? 7.64343   2.14578   -1.17494  1.000 16.20776 ? 4   G   A "H3'"  1 
ATOM   122 H  "H2'"  . G   A 1 4  ? 7.83910   1.74568   -3.43353  1.000 16.10626 ? 4   G   A "H2'"  1 
ATOM   123 H  "HO2'" . G   A 1 4  ? 9.70673   3.21623   -3.49732  1.000 16.86943 ? 4   G   A "HO2'" 1 
ATOM   124 H  "H1'"  . G   A 1 4  ? 9.74423   0.02904   -3.13336  1.000 15.51499 ? 4   G   A "H1'"  1 
ATOM   125 H  H8     . G   A 1 4  ? 7.57951   -0.70197  -0.33756  1.000 14.46639 ? 4   G   A H8     1 
ATOM   126 H  H1     . G   A 1 4  ? 5.45095   -2.91344  -5.62500  1.000 13.58584 ? 4   G   A H1     1 
ATOM   127 H  H21    . G   A 1 4  ? 6.58725   -2.07540  -7.31729  1.000 15.30358 ? 4   G   A H21    1 
ATOM   128 H  H22    . G   A 1 4  ? 7.71908   -1.12662  -7.12350  1.000 15.30358 ? 4   G   A H22    1 
ATOM   129 P  P      . A   A 1 5  ? 7.10093   4.64613   -1.87398  1.000 15.93058 ? 5   A   A P      1 
ATOM   130 O  OP1    . A   A 1 5  ? 7.46477   6.07565   -2.01322  1.000 16.64813 ? 5   A   A OP1    1 
ATOM   131 O  OP2    . A   A 1 5  ? 6.11067   4.20665   -0.86576  1.000 16.96098 ? 5   A   A OP2    1 
ATOM   132 O  "O5'"  . A   A 1 5  ? 6.57345   4.13769   -3.28369  1.000 14.28847 ? 5   A   A "O5'"  1 
ATOM   133 C  "C5'"  . A   A 1 5  ? 7.23375   4.53162   -4.46961  1.000 13.35944 ? 5   A   A "C5'"  1 
ATOM   134 C  "C4'"  . A   A 1 5  ? 6.51181   4.03880   -5.68706  1.000 12.54658 ? 5   A   A "C4'"  1 
ATOM   135 O  "O4'"  . A   A 1 5  ? 6.51215   2.59188   -5.73144  1.000 12.51048 ? 5   A   A "O4'"  1 
ATOM   136 C  "C3'"  . A   A 1 5  ? 5.03933   4.39063   -5.78206  1.000 12.00200 ? 5   A   A "C3'"  1 
ATOM   137 O  "O3'"  . A   A 1 5  ? 4.83168   5.73685   -6.14708  1.000 12.77749 ? 5   A   A "O3'"  1 
ATOM   138 C  "C2'"  . A   A 1 5  ? 4.54973   3.38551   -6.80940  1.000 11.60948 ? 5   A   A "C2'"  1 
ATOM   139 O  "O2'"  . A   A 1 5  ? 4.93437   3.78322   -8.11375  1.000 13.22659 ? 5   A   A "O2'"  1 
ATOM   140 C  "C1'"  . A   A 1 5  ? 5.35868   2.14829   -6.41796  1.000 11.34060 ? 5   A   A "C1'"  1 
ATOM   141 N  N9     . A   A 1 5  ? 4.60167   1.23655   -5.54394  1.000 10.76147 ? 5   A   A N9     1 
ATOM   142 C  C8     . A   A 1 5  ? 4.72504   1.05443   -4.19048  1.000 10.55167 ? 5   A   A C8     1 
ATOM   143 N  N7     . A   A 1 5  ? 3.91101   0.15117   -3.71098  1.000 10.27316 ? 5   A   A N7     1 
ATOM   144 C  C5     . A   A 1 5  ? 3.20769   -0.29199  -4.82119  1.000 10.40454 ? 5   A   A C5     1 
ATOM   145 C  C6     . A   A 1 5  ? 2.19990   -1.25589  -4.96690  1.000 10.17839 ? 5   A   A C6     1 
ATOM   146 N  N6     . A   A 1 5  ? 1.70569   -1.96898  -3.96354  1.000 10.04960 ? 5   A   A N6     1 
ATOM   147 N  N1     . A   A 1 5  ? 1.69810   -1.46470  -6.20265  1.000 10.35971 ? 5   A   A N1     1 
ATOM   148 C  C2     . A   A 1 5  ? 2.19718   -0.74416  -7.20992  1.000 10.68065 ? 5   A   A C2     1 
ATOM   149 N  N3     . A   A 1 5  ? 3.15330   0.17655   -7.20767  1.000 10.70755 ? 5   A   A N3     1 
ATOM   150 C  C4     . A   A 1 5  ? 3.62156   0.36392   -5.96032  1.000 10.46286 ? 5   A   A C4     1 
ATOM   151 H  "H5'"  . A   A 1 5  ? 8.13404   4.17056   -4.46656  1.000 16.05590 ? 5   A   A "H5'"  1 
ATOM   152 H  "H5''" . A   A 1 5  ? 7.28195   5.49996   -4.49940  1.000 16.05590 ? 5   A   A "H5''" 1 
ATOM   153 H  "H4'"  . A   A 1 5  ? 6.97678   4.37646   -6.46853  1.000 15.08047 ? 5   A   A "H4'"  1 
ATOM   154 H  "H3'"  . A   A 1 5  ? 4.59678   4.22277   -4.93538  1.000 14.42697 ? 5   A   A "H3'"  1 
ATOM   155 H  "H2'"  . A   A 1 5  ? 3.59464   3.22856   -6.74553  1.000 13.95595 ? 5   A   A "H2'"  1 
ATOM   156 H  "HO2'" . A   A 1 5  ? 4.57907   4.52375   -8.28980  1.000 15.89648 ? 5   A   A "HO2'" 1 
ATOM   157 H  "H1'"  . A   A 1 5  ? 5.62503   1.66939   -7.21834  1.000 13.63330 ? 5   A   A "H1'"  1 
ATOM   158 H  H8     . A   A 1 5  ? 5.32908   1.52750   -3.66489  1.000 12.68658 ? 5   A   A H8     1 
ATOM   159 H  H61    . A   A 1 5  ? 1.08362   -2.54437  -4.11039  1.000 12.08410 ? 5   A   A H61    1 
ATOM   160 H  H62    . A   A 1 5  ? 2.00733   -1.85591  -3.16614  1.000 12.08410 ? 5   A   A H62    1 
ATOM   161 H  H2     . A   A 1 5  ? 1.81616   -0.91350  -8.04121  1.000 12.84136 ? 5   A   A H2     1 
ATOM   162 P  P      . A   A 1 6  ? 3.60649   6.56702   -5.52021  1.000 13.15666 ? 6   A   A P      1 
ATOM   163 O  OP1    . A   A 1 6  ? 3.80742   7.98932   -5.88202  1.000 15.18761 ? 6   A   A OP1    1 
ATOM   164 O  OP2    . A   A 1 6  ? 3.40384   6.17687   -4.10491  1.000 13.60604 ? 6   A   A OP2    1 
ATOM   165 O  "O5'"  . A   A 1 6  ? 2.33707   6.01227   -6.30001  1.000 11.74690 ? 6   A   A "O5'"  1 
ATOM   166 C  "C5'"  . A   A 1 6  ? 2.24851   6.12806   -7.70581  1.000 11.44330 ? 6   A   A "C5'"  1 
ATOM   167 C  "C4'"  . A   A 1 6  ? 1.19854   5.19982   -8.24333  1.000 10.25781 ? 6   A   A "C4'"  1 
ATOM   168 O  "O4'"  . A   A 1 6  ? 1.56300   3.82555   -7.95432  1.000 9.93901  ? 6   A   A "O4'"  1 
ATOM   169 C  "C3'"  . A   A 1 6  ? -0.18335  5.34328   -7.63468  1.000 8.93246  ? 6   A   A "C3'"  1 
ATOM   170 O  "O3'"  . A   A 1 6  ? -0.90420  6.43447   -8.16809  1.000 8.88708  ? 6   A   A "O3'"  1 
ATOM   171 C  "C2'"  . A   A 1 6  ? -0.80127  3.98766   -7.93258  1.000 8.96543  ? 6   A   A "C2'"  1 
ATOM   172 O  "O2'"  . A   A 1 6  ? -1.22520  3.91592   -9.28460  1.000 9.41583  ? 6   A   A "O2'"  1 
ATOM   173 C  "C1'"  . A   A 1 6  ? 0.39807   3.06403   -7.72517  1.000 8.93488  ? 6   A   A "C1'"  1 
ATOM   174 N  N9     . A   A 1 6  ? 0.43409   2.51772   -6.35510  1.000 8.61185  ? 6   A   A N9     1 
ATOM   175 C  C8     . A   A 1 6  ? 1.16094   2.91759   -5.26443  1.000 8.43003  ? 6   A   A C8     1 
ATOM   176 N  N7     . A   A 1 6  ? 0.93232   2.19609   -4.19562  1.000 8.77337  ? 6   A   A N7     1 
ATOM   177 C  C5     . A   A 1 6  ? -0.00236  1.26356   -4.60810  1.000 8.53201  ? 6   A   A C5     1 
ATOM   178 C  C6     . A   A 1 6  ? -0.65822  0.22038   -3.94019  1.000 8.89964  ? 6   A   A C6     1 
ATOM   179 N  N6     . A   A 1 6  ? -0.45703  -0.09887  -2.66570  1.000 9.57395  ? 6   A   A N6     1 
ATOM   180 N  N1     . A   A 1 6  ? -1.54236  -0.50709  -4.64450  1.000 9.28811  ? 6   A   A N1     1 
ATOM   181 C  C2     . A   A 1 6  ? -1.74473  -0.20172  -5.93184  1.000 9.24338  ? 6   A   A C2     1 
ATOM   182 N  N3     . A   A 1 6  ? -1.19111  0.74964   -6.67545  1.000 8.90439  ? 6   A   A N3     1 
ATOM   183 C  C4     . A   A 1 6  ? -0.31624  1.45590   -5.93838  1.000 8.13948  ? 6   A   A C4     1 
ATOM   184 H  "H5'"  . A   A 1 6  ? 3.10614   5.90638   -8.10109  1.000 13.75653 ? 6   A   A "H5'"  1 
ATOM   185 H  "H5''" . A   A 1 6  ? 2.01984   7.04137   -7.93918  1.000 13.75653 ? 6   A   A "H5''" 1 
ATOM   186 H  "H4'"  . A   A 1 6  ? 1.13736   5.31500   -9.20452  1.000 12.33395 ? 6   A   A "H4'"  1 
ATOM   187 H  "H3'"  . A   A 1 6  ? -0.11001  5.45585   -6.67403  1.000 10.74353 ? 6   A   A "H3'"  1 
ATOM   188 H  "H2'"  . A   A 1 6  ? -1.52441  3.76941   -7.32404  1.000 10.78310 ? 6   A   A "H2'"  1 
ATOM   189 H  "HO2'" . A   A 1 6  ? -1.45021  4.68328   -9.54173  1.000 11.32358 ? 6   A   A "HO2'" 1 
ATOM   190 H  "H1'"  . A   A 1 6  ? 0.36970   2.33154   -8.36044  1.000 10.74644 ? 6   A   A "H1'"  1 
ATOM   191 H  H8     . A   A 1 6  ? 1.75758   3.63078   -5.28150  1.000 10.14062 ? 6   A   A H8     1 
ATOM   192 H  H61    . A   A 1 6  ? -0.88723  -0.75509  -2.31372  1.000 11.51332 ? 6   A   A H61    1 
ATOM   193 H  H62    . A   A 1 6  ? 0.10335   0.35080   -2.19308  1.000 11.51332 ? 6   A   A H62    1 
ATOM   194 H  H2     . A   A 1 6  ? -2.36620  -0.73574  -6.37174  1.000 11.11663 ? 6   A   A H2     1 
HETATM 195 N  N1     . B8H A 1 7  ? -2.96578  3.33583   -4.20759  1.000 10.14765 ? 7   B8H A N1     1 
HETATM 196 C  C2     . B8H A 1 7  ? -3.37384  2.31435   -3.34280  1.000 10.37866 ? 7   B8H A C2     1 
HETATM 197 C  C4     . B8H A 1 7  ? -5.02074  1.66215   -4.83583  1.000 10.84891 ? 7   B8H A C4     1 
HETATM 198 C  "C1'"  . B8H A 1 7  ? -5.31653  2.85836   -7.09982  1.000 10.38220 ? 7   B8H A "C1'"  1 
HETATM 199 C  "C2'"  . B8H A 1 7  ? -6.57401  3.71591   -6.98347  1.000 10.92567 ? 7   B8H A "C2'"  1 
HETATM 200 C  "C3'"  . B8H A 1 7  ? -6.01223  5.07918   -7.34308  1.000 10.58697 ? 7   B8H A "C3'"  1 
HETATM 201 C  "C4'"  . B8H A 1 7  ? -5.04003  4.74740   -8.46238  1.000 10.70005 ? 7   B8H A "C4'"  1 
HETATM 202 C  C5     . B8H A 1 7  ? -4.62016  2.71514   -5.78226  1.000 10.68170 ? 7   B8H A C5     1 
HETATM 203 C  "C5'"  . B8H A 1 7  ? -3.95490  5.76422   -8.67905  1.000 10.09535 ? 7   B8H A "C5'"  1 
HETATM 204 C  C6     . B8H A 1 7  ? -3.56972  3.51964   -5.37391  1.000 10.03604 ? 7   B8H A C6     1 
HETATM 205 C  CN1    . B8H A 1 7  ? -1.86666  4.22424   -3.84018  1.000 10.58899 ? 7   B8H A CN1    1 
HETATM 206 N  N3     . B8H A 1 7  ? -4.37887  1.52410   -3.67798  1.000 11.25377 ? 7   B8H A N3     1 
HETATM 207 O  O2     . B8H A 1 7  ? -2.78952  2.15631   -2.25215  1.000 11.38132 ? 7   B8H A O2     1 
HETATM 208 O  "O2'"  . B8H A 1 7  ? -7.52105  3.29784   -7.95695  1.000 11.47111 ? 7   B8H A "O2'"  1 
HETATM 209 O  "O3'"  . B8H A 1 7  ? -6.97999  6.02426   -7.73332  1.000 10.47917 ? 7   B8H A "O3'"  1 
HETATM 210 O  O4     . B8H A 1 7  ? -5.97424  0.90564   -5.10601  1.000 12.59075 ? 7   B8H A O4     1 
HETATM 211 O  "O4'"  . B8H A 1 7  ? -4.46507  3.47924   -8.05271  1.000 10.46315 ? 7   B8H A "O4'"  1 
HETATM 212 O  "O5'"  . B8H A 1 7  ? -3.28826  6.02317   -7.45722  1.000 9.99598  ? 7   B8H A "O5'"  1 
HETATM 213 O  OP1    . B8H A 1 7  ? -2.49091  8.34632   -8.09370  1.000 11.61782 ? 7   B8H A OP1    1 
HETATM 214 O  OP2    . B8H A 1 7  ? -1.77856  7.18115   -5.88457  1.000 11.00331 ? 7   B8H A OP2    1 
HETATM 215 P  P      . B8H A 1 7  ? -2.12491  7.09807   -7.34542  1.000 9.99734  ? 7   B8H A P      1 
HETATM 216 H  H1     . B8H A 1 7  ? -5.58006  1.97586   -7.40416  1.000 12.48322 ? 7   B8H A H1     1 
HETATM 217 H  H2     . B8H A 1 7  ? -6.93261  3.68913   -6.08259  1.000 13.13538 ? 7   B8H A H2     1 
HETATM 218 H  H3     . B8H A 1 7  ? -5.51955  5.41130   -6.57636  1.000 12.72895 ? 7   B8H A H3     1 
HETATM 219 H  H4     . B8H A 1 7  ? -5.52606  4.62032   -9.29216  1.000 12.86464 ? 7   B8H A H4     1 
HETATM 220 H  H5     . B8H A 1 7  ? -4.34651  6.58651   -9.01281  1.000 12.13900 ? 7   B8H A H5     1 
HETATM 221 H  H6     . B8H A 1 7  ? -3.31880  5.42282   -9.32690  1.000 12.13900 ? 7   B8H A H6     1 
HETATM 222 H  H7     . B8H A 1 7  ? -3.28044  4.20578   -5.93108  1.000 12.06783 ? 7   B8H A H7     1 
HETATM 223 H  H8     . B8H A 1 7  ? -2.19375  5.13559   -3.78224  1.000 12.73136 ? 7   B8H A H8     1 
HETATM 224 H  H9     . B8H A 1 7  ? -1.17057  4.17223   -4.51372  1.000 12.73136 ? 7   B8H A H9     1 
HETATM 225 H  H10    . B8H A 1 7  ? -1.50667  3.95414   -2.98091  1.000 12.73136 ? 7   B8H A H10    1 
HETATM 226 H  H11    . B8H A 1 7  ? -4.62417  0.90494   -3.13384  1.000 13.52910 ? 7   B8H A H11    1 
HETATM 227 H  H12    . B8H A 1 7  ? -8.29512  3.27497   -7.60921  1.000 13.78991 ? 7   B8H A H12    1 
ATOM   228 P  P      . U   A 1 8  ? -7.55850  7.04943   -6.64975  1.000 11.04765 ? 8   U   A P      1 
ATOM   229 O  OP1    . U   A 1 8  ? -8.38749  8.02701   -7.39124  1.000 12.33245 ? 8   U   A OP1    1 
ATOM   230 O  OP2    . U   A 1 8  ? -6.48999  7.50042   -5.71615  1.000 11.86644 ? 8   U   A OP2    1 
ATOM   231 O  "O5'"  . U   A 1 8  ? -8.51324  6.14547   -5.75981  1.000 10.40925 ? 8   U   A "O5'"  1 
ATOM   232 C  "C5'"  . U   A 1 8  ? -9.64446  5.51650   -6.32715  1.000 10.47833 ? 8   U   A "C5'"  1 
ATOM   233 C  "C4'"  . U   A 1 8  ? -10.27452 4.56990   -5.35024  1.000 9.72687  ? 8   U   A "C4'"  1 
ATOM   234 O  "O4'"  . U   A 1 8  ? -9.37088  3.47178   -5.04834  1.000 9.44205  ? 8   U   A "O4'"  1 
ATOM   235 C  "C3'"  . U   A 1 8  ? -10.60120 5.13704   -3.98281  1.000 9.63995  ? 8   U   A "C3'"  1 
ATOM   236 O  "O3'"  . U   A 1 8  ? -11.73795 5.97765   -3.98370  1.000 9.70659  ? 8   U   A "O3'"  1 
ATOM   237 C  "C2'"  . U   A 1 8  ? -10.75032 3.86322   -3.16553  1.000 8.93352  ? 8   U   A "C2'"  1 
ATOM   238 O  "O2'"  . U   A 1 8  ? -11.95574 3.18120   -3.49216  1.000 9.30209  ? 8   U   A "O2'"  1 
ATOM   239 C  "C1'"  . U   A 1 8  ? -9.58741  3.03671   -3.72141  1.000 8.98218  ? 8   U   A "C1'"  1 
ATOM   240 N  N1     . U   A 1 8  ? -8.33706  3.22977   -2.94849  1.000 8.20320  ? 8   U   A N1     1 
ATOM   241 C  C2     . U   A 1 8  ? -8.14474  2.44674   -1.83146  1.000 7.69518  ? 8   U   A C2     1 
ATOM   242 O  O2     . U   A 1 8  ? -8.97142  1.65096   -1.44100  1.000 8.39900  ? 8   U   A O2     1 
ATOM   243 N  N3     . U   A 1 8  ? -6.96354  2.65636   -1.17293  1.000 8.48998  ? 8   U   A N3     1 
ATOM   244 C  C4     . U   A 1 8  ? -5.97651  3.54968   -1.51232  1.000 9.45815  ? 8   U   A C4     1 
ATOM   245 O  O4     . U   A 1 8  ? -4.96894  3.61387   -0.81310  1.000 9.77278  ? 8   U   A O4     1 
ATOM   246 C  C5     . U   A 1 8  ? -6.23561  4.32641   -2.67733  1.000 9.26910  ? 8   U   A C5     1 
ATOM   247 C  C6     . U   A 1 8  ? -7.37414  4.13061   -3.34588  1.000 8.49568  ? 8   U   A C6     1 
ATOM   248 H  "H5'"  . U   A 1 8  ? -9.37385  5.02564   -7.11881  1.000 12.59858 ? 8   U   A "H5'"  1 
ATOM   249 H  "H5''" . U   A 1 8  ? -10.29241 6.19234   -6.58074  1.000 12.59858 ? 8   U   A "H5''" 1 
ATOM   250 H  "H4'"  . U   A 1 8  ? -11.08112 4.21326   -5.75409  1.000 11.69682 ? 8   U   A "H4'"  1 
ATOM   251 H  "H3'"  . U   A 1 8  ? -9.85222  5.65189   -3.64391  1.000 11.59252 ? 8   U   A "H3'"  1 
ATOM   252 H  "H2'"  . U   A 1 8  ? -10.67664 4.03390   -2.21352  1.000 10.74480 ? 8   U   A "H2'"  1 
ATOM   253 H  "HO2'" . U   A 1 8  ? -12.60787 3.68450   -3.32780  1.000 11.18709 ? 8   U   A "HO2'" 1 
ATOM   254 H  "H1'"  . U   A 1 8  ? -9.82051  2.09517   -3.71413  1.000 10.80319 ? 8   U   A "H1'"  1 
ATOM   255 H  H3     . U   A 1 8  ? -6.82428  2.17794   -0.47198  1.000 10.21256 ? 8   U   A H3     1 
ATOM   256 H  H5     . U   A 1 8  ? -5.62071  4.96067   -2.96804  1.000 11.14750 ? 8   U   A H5     1 
ATOM   257 H  H6     . U   A 1 8  ? -7.52453  4.62684   -4.11791  1.000 10.21939 ? 8   U   A H6     1 
ATOM   258 P  P      . A   A 1 9  ? -11.67983 7.43525   -3.28667  1.000 11.07339 ? 9   A   A P      1 
ATOM   259 O  OP1    . A   A 1 9  ? -12.74938 8.25535   -3.91718  1.000 12.31532 ? 9   A   A OP1    1 
ATOM   260 O  OP2    . A   A 1 9  ? -10.28397 7.92750   -3.25003  1.000 11.89588 ? 9   A   A OP2    1 
ATOM   261 O  "O5'"  . A   A 1 9  ? -12.11457 7.16806   -1.78193  1.000 10.51977 ? 9   A   A "O5'"  1 
ATOM   262 C  "C5'"  . A   A 1 9  ? -13.45182 6.80016   -1.51585  1.000 10.48484 ? 9   A   A "C5'"  1 
ATOM   263 C  "C4'"  . A   A 1 9  ? -13.54195 5.87687   -0.34328  1.000 10.15899 ? 9   A   A "C4'"  1 
ATOM   264 O  "O4'"  . A   A 1 9  ? -12.69474 4.71968   -0.55749  1.000 10.49331 ? 9   A   A "O4'"  1 
ATOM   265 C  "C3'"  . A   A 1 9  ? -13.07307 6.41938   0.99357   1.000 9.59134  ? 9   A   A "C3'"  1 
ATOM   266 O  "O3'"  . A   A 1 9  ? -14.01451 7.30824   1.56356   1.000 10.37569 ? 9   A   A "O3'"  1 
ATOM   267 C  "C2'"  . A   A 1 9  ? -12.86313 5.13114   1.76458   1.000 10.17466 ? 9   A   A "C2'"  1 
ATOM   268 O  "O2'"  . A   A 1 9  ? -14.11175 4.55792   2.10943   1.000 11.41346 ? 9   A   A "O2'"  1 
ATOM   269 C  "C1'"  . A   A 1 9  ? -12.20255 4.26788   0.68215   1.000 10.30731 ? 9   A   A "C1'"  1 
ATOM   270 N  N9     . A   A 1 9  ? -10.74076 4.45363   0.71518   1.000 9.57767  ? 9   A   A N9     1 
ATOM   271 C  C8     . A   A 1 9  ? -9.93549  5.26840   -0.04475  1.000 9.21612  ? 9   A   A C8     1 
ATOM   272 N  N7     . A   A 1 9  ? -8.67107  5.22825   0.30765   1.000 8.94425  ? 9   A   A N7     1 
ATOM   273 C  C5     . A   A 1 9  ? -8.65382  4.35331   1.38267   1.000 8.63657  ? 9   A   A C5     1 
ATOM   274 C  C6     . A   A 1 9  ? -7.62589  3.90522   2.22771   1.000 8.81246  ? 9   A   A C6     1 
ATOM   275 N  N6     . A   A 1 9  ? -6.35516  4.28325   2.07923   1.000 8.30362  ? 9   A   A N6     1 
ATOM   276 N  N1     . A   A 1 9  ? -7.94799  3.04938   3.22304   1.000 8.52842  ? 9   A   A N1     1 
ATOM   277 C  C2     . A   A 1 9  ? -9.22384  2.67853   3.35522   1.000 9.14039  ? 9   A   A C2     1 
ATOM   278 N  N3     . A   A 1 9  ? -10.27624 3.03460   2.62653   1.000 9.09181  ? 9   A   A N3     1 
ATOM   279 C  C4     . A   A 1 9  ? -9.91897  3.88228   1.65027   1.000 8.60502  ? 9   A   A C4     1 
ATOM   280 H  "H5'"  . A   A 1 9  ? -13.82061 6.35827   -2.29663  1.000 12.60638 ? 9   A   A "H5'"  1 
ATOM   281 H  "H5''" . A   A 1 9  ? -13.96986 7.59914   -1.33101  1.000 12.60638 ? 9   A   A "H5''" 1 
ATOM   282 H  "H4'"  . A   A 1 9  ? -14.46413 5.58919   -0.25547  1.000 12.21537 ? 9   A   A "H4'"  1 
ATOM   283 H  "H3'"  . A   A 1 9  ? -12.22470 6.88243   0.91147   1.000 11.53418 ? 9   A   A "H3'"  1 
ATOM   284 H  "H2'"  . A   A 1 9  ? -12.29302 5.24264   2.54140   1.000 12.23417 ? 9   A   A "H2'"  1 
ATOM   285 H  "HO2'" . A   A 1 9  ? -14.67605 5.17192   2.21024   1.000 13.72073 ? 9   A   A "HO2'" 1 
ATOM   286 H  "H1'"  . A   A 1 9  ? -12.42604 3.32997   0.78840   1.000 12.39335 ? 9   A   A "H1'"  1 
ATOM   287 H  H8     . A   A 1 9  ? -10.25494 5.79645   -0.74045  1.000 11.08392 ? 9   A   A H8     1 
ATOM   288 H  H61    . A   A 1 9  ? -5.75191  3.98280   2.61348   1.000 9.98892  ? 9   A   A H61    1 
ATOM   289 H  H62    . A   A 1 9  ? -6.13922  4.82741   1.44925   1.000 9.98892  ? 9   A   A H62    1 
ATOM   290 H  H2     . A   A 1 9  ? -9.40011  2.09000   4.05342   1.000 10.99305 ? 9   A   A H2     1 
ATOM   291 P  P      . G   A 1 10 ? -13.55094 8.45400   2.59167   1.000 10.94294 ? 10  G   A P      1 
ATOM   292 O  OP1    . G   A 1 10 ? -14.78705 9.19887   2.93936   1.000 12.46961 ? 10  G   A OP1    1 
ATOM   293 O  OP2    . G   A 1 10 ? -12.37476 9.19942   2.07362   1.000 11.19485 ? 10  G   A OP2    1 
ATOM   294 O  "O5'"  . G   A 1 10 ? -13.01920 7.64245   3.84710   1.000 10.18928 ? 10  G   A "O5'"  1 
ATOM   295 C  "C5'"  . G   A 1 10 ? -13.89580 6.81272   4.58320   1.000 10.04687 ? 10  G   A "C5'"  1 
ATOM   296 C  "C4'"  . G   A 1 10 ? -13.14980 6.11247   5.68022   1.000 9.66379  ? 10  G   A "C4'"  1 
ATOM   297 O  "O4'"  . G   A 1 10 ? -12.13531 5.24157   5.11893   1.000 9.54387  ? 10  G   A "O4'"  1 
ATOM   298 C  "C3'"  . G   A 1 10 ? -12.37105 7.00664   6.62339   1.000 9.15946  ? 10  G   A "C3'"  1 
ATOM   299 O  "O3'"  . G   A 1 10 ? -13.20966 7.60773   7.58565   1.000 9.37244  ? 10  G   A "O3'"  1 
ATOM   300 C  "C2'"  . G   A 1 10 ? -11.36461 6.03606   7.20540   1.000 9.32293  ? 10  G   A "C2'"  1 
ATOM   301 O  "O2'"  . G   A 1 10 ? -12.00951 5.19178   8.14305   1.000 10.18619 ? 10  G   A "O2'"  1 
ATOM   302 C  "C1'"  . G   A 1 10 ? -11.01333 5.21010   5.97179   1.000 9.25272  ? 10  G   A "C1'"  1 
ATOM   303 N  N9     . G   A 1 10 ? -9.85829  5.75896   5.24174   1.000 9.10013  ? 10  G   A N9     1 
ATOM   304 C  C8     . G   A 1 10 ? -9.85691  6.45260   4.06018   1.000 9.45402  ? 10  G   A C8     1 
ATOM   305 N  N7     . G   A 1 10 ? -8.66166  6.79918   3.66860   1.000 8.73273  ? 10  G   A N7     1 
ATOM   306 C  C5     . G   A 1 10 ? -7.82489  6.30930   4.65777   1.000 8.05609  ? 10  G   A C5     1 
ATOM   307 C  C6     . G   A 1 10 ? -6.41367  6.37166   4.79323   1.000 8.07419  ? 10  G   A C6     1 
ATOM   308 O  O6     . G   A 1 10 ? -5.59286  6.89072   4.02850   1.000 8.70800  ? 10  G   A O6     1 
ATOM   309 N  N1     . G   A 1 10 ? -5.97856  5.75159   5.96461   1.000 8.07596  ? 10  G   A N1     1 
ATOM   310 C  C2     . G   A 1 10 ? -6.79831  5.14508   6.87608   1.000 8.11273  ? 10  G   A C2     1 
ATOM   311 N  N2     . G   A 1 10 ? -6.19132  4.60367   7.93737   1.000 8.64967  ? 10  G   A N2     1 
ATOM   312 N  N3     . G   A 1 10 ? -8.10951  5.05855   6.75888   1.000 8.31476  ? 10  G   A N3     1 
ATOM   313 C  C4     . G   A 1 10 ? -8.54830  5.67119   5.64064   1.000 8.23990  ? 10  G   A C4     1 
ATOM   314 H  "H5'"  . G   A 1 10 ? -14.28957 6.15388   3.99009   1.000 12.08083 ? 10  G   A "H5'"  1 
ATOM   315 H  "H5''" . G   A 1 10 ? -14.60297 7.35323   4.96877   1.000 12.08083 ? 10  G   A "H5''" 1 
ATOM   316 H  "H4'"  . G   A 1 10 ? -13.77702 5.57526   6.18904   1.000 11.62113 ? 10  G   A "H4'"  1 
ATOM   317 H  "H3'"  . G   A 1 10 ? -11.89925 7.69640   6.13090   1.000 11.01593 ? 10  G   A "H3'"  1 
ATOM   318 H  "H2'"  . G   A 1 10 ? -10.58469 6.47650   7.57773   1.000 11.21209 ? 10  G   A "H2'"  1 
ATOM   319 H  "HO2'" . G   A 1 10 ? -12.38019 5.66635   8.72871   1.000 12.24800 ? 10  G   A "HO2'" 1 
ATOM   320 H  "H1'"  . G   A 1 10 ? -10.82052 4.29655   6.23477   1.000 11.12784 ? 10  G   A "H1'"  1 
ATOM   321 H  H8     . G   A 1 10 ? -10.63015 6.65590   3.58512   1.000 11.36941 ? 10  G   A H8     1 
ATOM   322 H  H1     . G   A 1 10 ? -5.13370  5.75063   6.12527   1.000 9.71574  ? 10  G   A H1     1 
ATOM   323 H  H21    . G   A 1 10 ? -5.33680  4.65765   8.01794   1.000 10.40418 ? 10  G   A H21    1 
ATOM   324 H  H22    . G   A 1 10 ? -6.65545  4.20149   8.53940   1.000 10.40418 ? 10  G   A H22    1 
ATOM   325 P  P      . C   A 1 11 ? -12.91167 9.09536   8.11872   1.000 9.44829  ? 11  C   A P      1 
ATOM   326 O  OP1    . C   A 1 11 ? -14.09002 9.46042   8.96356   1.000 10.71193 ? 11  C   A OP1    1 
ATOM   327 O  OP2    . C   A 1 11 ? -12.51208 9.96701   6.99380   1.000 10.35937 ? 11  C   A OP2    1 
ATOM   328 O  "O5'"  . C   A 1 11 ? -11.63565 8.92919   9.05601   1.000 9.78334  ? 11  C   A "O5'"  1 
ATOM   329 C  "C5'"  . C   A 1 11 ? -11.69741 8.14109   10.23225  1.000 10.09311 ? 11  C   A "C5'"  1 
ATOM   330 C  "C4'"  . C   A 1 11 ? -10.31634 7.87924   10.76687  1.000 9.55491  ? 11  C   A "C4'"  1 
ATOM   331 O  "O4'"  . C   A 1 11 ? -9.53911  7.13322   9.79312   1.000 9.61025  ? 11  C   A "O4'"  1 
ATOM   332 C  "C3'"  . C   A 1 11 ? -9.45538  9.10013   11.03035  1.000 9.30194  ? 11  C   A "C3'"  1 
ATOM   333 O  "O3'"  . C   A 1 11 ? -9.79906  9.78092   12.21642  1.000 9.56860  ? 11  C   A "O3'"  1 
ATOM   334 C  "C2'"  . C   A 1 11 ? -8.06399  8.49904   11.04278  1.000 9.28296  ? 11  C   A "C2'"  1 
ATOM   335 O  "O2'"  . C   A 1 11 ? -7.85734  7.75726   12.23476  1.000 10.17215 ? 11  C   A "O2'"  1 
ATOM   336 C  "C1'"  . C   A 1 11 ? -8.17939  7.52223   9.88070   1.000 9.10808  ? 11  C   A "C1'"  1 
ATOM   337 N  N1     . C   A 1 11 ? -7.77108  8.13989   8.60183   1.000 8.82146  ? 11  C   A N1     1 
ATOM   338 C  C2     . C   A 1 11 ? -6.40369  8.24573   8.36605   1.000 8.76673  ? 11  C   A C2     1 
ATOM   339 O  O2     . C   A 1 11 ? -5.63661  7.82679   9.23732   1.000 10.03422 ? 11  C   A O2     1 
ATOM   340 N  N3     . C   A 1 11 ? -5.96343  8.79772   7.22078   1.000 8.62070  ? 11  C   A N3     1 
ATOM   341 C  C4     . C   A 1 11 ? -6.84118  9.24804   6.32438   1.000 9.07146  ? 11  C   A C4     1 
ATOM   342 N  N4     . C   A 1 11 ? -6.37800  9.78529   5.19755   1.000 9.08323  ? 11  C   A N4     1 
ATOM   343 C  C5     . C   A 1 11 ? -8.24287  9.16330   6.53984   1.000 8.93304  ? 11  C   A C5     1 
ATOM   344 C  C6     . C   A 1 11 ? -8.67006  8.61517   7.68685   1.000 8.69536  ? 11  C   A C6     1 
ATOM   345 H  "H5'"  . C   A 1 11 ? -12.12842 7.29603   10.02977  1.000 12.13631 ? 11  C   A "H5'"  1 
ATOM   346 H  "H5''" . C   A 1 11 ? -12.21816 8.60818   10.90422  1.000 12.13631 ? 11  C   A "H5''" 1 
ATOM   347 H  "H4'"  . C   A 1 11 ? -10.39848 7.36058   11.58244  1.000 11.49047 ? 11  C   A "H4'"  1 
ATOM   348 H  "H3'"  . C   A 1 11 ? -9.53423  9.71990   10.28834  1.000 11.18691 ? 11  C   A "H3'"  1 
ATOM   349 H  "H2'"  . C   A 1 11 ? -7.36755  9.15974   10.90365  1.000 11.16414 ? 11  C   A "H2'"  1 
ATOM   350 H  "HO2'" . C   A 1 11 ? -8.29531  8.11251   12.85733  1.000 12.23116 ? 11  C   A "HO2'" 1 
ATOM   351 H  "H1'"  . C   A 1 11 ? -7.63079  6.73972   10.04683  1.000 10.95428 ? 11  C   A "H1'"  1 
ATOM   352 H  H41    . C   A 1 11 ? -6.92659  10.08216  4.60549   1.000 10.92446 ? 11  C   A H41    1 
ATOM   353 H  H42    . C   A 1 11 ? -5.53027  9.83546   5.06180   1.000 10.92446 ? 11  C   A H42    1 
ATOM   354 H  H5     . C   A 1 11 ? -8.84543  9.47813   5.90524   1.000 10.74423 ? 11  C   A H5     1 
ATOM   355 H  H6     . C   A 1 11 ? -9.58181  8.55792   7.86103   1.000 10.45901 ? 11  C   A H6     1 
ATOM   356 P  P      . G   A 1 12 ? -9.48064  11.35034  12.34225  1.000 9.60373  ? 12  G   A P      1 
ATOM   357 O  OP1    . G   A 1 12 ? -10.02399 11.76727  13.65970  1.000 10.36729 ? 12  G   A OP1    1 
ATOM   358 O  OP2    . G   A 1 12 ? -9.86128  12.06985  11.10309  1.000 10.95061 ? 12  G   A OP2    1 
ATOM   359 O  "O5'"  . G   A 1 12 ? -7.89427  11.41076  12.40055  1.000 9.42543  ? 12  G   A "O5'"  1 
ATOM   360 C  "C5'"  . G   A 1 12 ? -7.19210  10.80718  13.47097  1.000 9.07333  ? 12  G   A "C5'"  1 
ATOM   361 C  "C4'"  . G   A 1 12 ? -5.71815  11.05613  13.32720  1.000 8.87446  ? 12  G   A "C4'"  1 
ATOM   362 O  "O4'"  . G   A 1 12 ? -5.22758  10.40217  12.13330  1.000 9.07724  ? 12  G   A "O4'"  1 
ATOM   363 C  "C3'"  . G   A 1 12 ? -5.31403  12.50902  13.14052  1.000 8.80197  ? 12  G   A "C3'"  1 
ATOM   364 O  "O3'"  . G   A 1 12 ? -5.27031  13.22746  14.35840  1.000 9.44860  ? 12  G   A "O3'"  1 
ATOM   365 C  "C2'"  . G   A 1 12 ? -3.96371  12.38427  12.46066  1.000 9.31402  ? 12  G   A "C2'"  1 
ATOM   366 O  "O2'"  . G   A 1 12 ? -2.96323  12.03128  13.40835  1.000 10.51891 ? 12  G   A "O2'"  1 
ATOM   367 C  "C1'"  . G   A 1 12 ? -4.20674  11.18958  11.54722  1.000 8.56678  ? 12  G   A "C1'"  1 
ATOM   368 N  N9     . G   A 1 12 ? -4.63785  11.54983  10.18522  1.000 8.65275  ? 12  G   A N9     1 
ATOM   369 C  C8     . G   A 1 12 ? -5.90593  11.53719  9.66691   1.000 8.96817  ? 12  G   A C8     1 
ATOM   370 N  N7     . G   A 1 12 ? -5.93610  11.86600  8.40493   1.000 9.21960  ? 12  G   A N7     1 
ATOM   371 C  C5     . G   A 1 12 ? -4.60919  12.09645  8.05914   1.000 8.27899  ? 12  G   A C5     1 
ATOM   372 C  C6     . G   A 1 12 ? -4.00178  12.47432  6.83204   1.000 8.32157  ? 12  G   A C6     1 
ATOM   373 O  O6     . G   A 1 12 ? -4.54822  12.67579  5.73730   1.000 8.81915  ? 12  G   A O6     1 
ATOM   374 N  N1     . G   A 1 12 ? -2.62372  12.58619  6.95836   1.000 8.09970  ? 12  G   A N1     1 
ATOM   375 C  C2     . G   A 1 12 ? -1.91023  12.37584  8.11090   1.000 8.26062  ? 12  G   A C2     1 
ATOM   376 N  N2     . G   A 1 12 ? -0.58350  12.55113  8.02786   1.000 8.76801  ? 12  G   A N2     1 
ATOM   377 N  N3     . G   A 1 12 ? -2.46748  12.01442  9.25478   1.000 8.54924  ? 12  G   A N3     1 
ATOM   378 C  C4     . G   A 1 12 ? -3.80374  11.90043  9.15805   1.000 8.21147  ? 12  G   A C4     1 
ATOM   379 H  "H5'"  . G   A 1 12 ? -7.35966  9.85177   13.46875  1.000 10.91258 ? 12  G   A "H5'"  1 
ATOM   380 H  "H5''" . G   A 1 12 ? -7.50186  11.18017  14.31110  1.000 10.91258 ? 12  G   A "H5''" 1 
ATOM   381 H  "H4'"  . G   A 1 12 ? -5.25545  10.69193  14.09801  1.000 10.67393 ? 12  G   A "H4'"  1 
ATOM   382 H  "H3'"  . G   A 1 12 ? -5.93834  12.94191  12.53740  1.000 10.58695 ? 12  G   A "H3'"  1 
ATOM   383 H  "HO3'" . G   A 1 12 ? -4.56822  13.62985  14.58369  1.000 11.36290 ? 12  G   A "HO3'" 1 
ATOM   384 H  "H2'"  . G   A 1 12 ? -3.72673  13.18114  11.96094  1.000 11.20140 ? 12  G   A "H2'"  1 
ATOM   385 H  "HO2'" . G   A 1 12 ? -2.83613  12.68019  13.92638  1.000 12.64727 ? 12  G   A "HO2'" 1 
ATOM   386 H  "H1'"  . G   A 1 12 ? -3.37887  10.68779  11.48600  1.000 10.30471 ? 12  G   A "H1'"  1 
ATOM   387 H  H8     . G   A 1 12 ? -6.66278  11.31806  10.16094  1.000 10.78638 ? 12  G   A H8     1 
ATOM   388 H  H1     . G   A 1 12 ? -2.18021  12.80578  6.25503   1.000 9.74423  ? 12  G   A H1     1 
ATOM   389 H  H21    . G   A 1 12 ? -0.22669  12.78615  7.28150   1.000 10.54619 ? 12  G   A H21    1 
ATOM   390 H  H22    . G   A 1 12 ? -0.08935  12.42852  8.72096   1.000 10.54619 ? 12  G   A H22    1 
ATOM   391 O  "O5'"  . C   B 1 1  ? 2.66440   12.51188  -0.06379  1.000 13.09141 ? 21  C   B "O5'"  1 
ATOM   392 C  "C5'"  . C   B 1 1  ? 3.86993   13.11398  0.37453   1.000 12.14156 ? 21  C   B "C5'"  1 
ATOM   393 C  "C4'"  . C   B 1 1  ? 3.90706   13.24553  1.87422   1.000 10.51146 ? 21  C   B "C4'"  1 
ATOM   394 O  "O4'"  . C   B 1 1  ? 2.89063   14.18163  2.32949   1.000 10.65649 ? 21  C   B "O4'"  1 
ATOM   395 C  "C3'"  . C   B 1 1  ? 3.61476   11.98587  2.67252   1.000 9.54117  ? 21  C   B "C3'"  1 
ATOM   396 O  "O3'"  . C   B 1 1  ? 4.71550   11.09865  2.71181   1.000 10.01962 ? 21  C   B "O3'"  1 
ATOM   397 C  "C2'"  . C   B 1 1  ? 3.23029   12.56362  4.02352   1.000 9.68886  ? 21  C   B "C2'"  1 
ATOM   398 O  "O2'"  . C   B 1 1  ? 4.39649   13.02657  4.68947   1.000 10.23274 ? 21  C   B "O2'"  1 
ATOM   399 C  "C1'"  . C   B 1 1  ? 2.39665   13.76557  3.58812   1.000 9.69678  ? 21  C   B "C1'"  1 
ATOM   400 N  N1     . C   B 1 1  ? 0.95632   13.43808  3.44949   1.000 9.15970  ? 21  C   B N1     1 
ATOM   401 C  C2     . C   B 1 1  ? 0.19249   13.32948  4.61220   1.000 8.83823  ? 21  C   B C2     1 
ATOM   402 O  O2     . C   B 1 1  ? 0.76473   13.50199  5.69443   1.000 9.66276  ? 21  C   B O2     1 
ATOM   403 N  N3     . C   B 1 1  ? -1.12954  13.06108  4.55009   1.000 8.98642  ? 21  C   B N3     1 
ATOM   404 C  C4     . C   B 1 1  ? -1.70183  12.88950  3.35929   1.000 9.61681  ? 21  C   B C4     1 
ATOM   405 N  N4     . C   B 1 1  ? -3.00454  12.61678  3.31589   1.000 9.65355  ? 21  C   B N4     1 
ATOM   406 C  C5     . C   B 1 1  ? -0.95647  12.98596  2.15010   1.000 9.43715  ? 21  C   B C5     1 
ATOM   407 C  C6     . C   B 1 1  ? 0.35429   13.26180  2.23403   1.000 9.07901  ? 21  C   B C6     1 
ATOM   408 H  "H5'"  . C   B 1 1  ? 3.94705   13.99536  -0.02312  1.000 14.59445 ? 21  C   B "H5'"  1 
ATOM   409 H  "H5''" . C   B 1 1  ? 4.61937   12.57033  0.08524   1.000 14.59445 ? 21  C   B "H5''" 1 
ATOM   410 H  "H4'"  . C   B 1 1  ? 4.78070   13.58475  2.12441   1.000 12.63833 ? 21  C   B "H4'"  1 
ATOM   411 H  "H3'"  . C   B 1 1  ? 2.85285   11.51856  2.29567   1.000 11.47398 ? 21  C   B "H3'"  1 
ATOM   412 H  "H2'"  . C   B 1 1  ? 2.71530   11.95084  4.57141   1.000 11.65121 ? 21  C   B "H2'"  1 
ATOM   413 H  "HO2'" . C   B 1 1  ? 4.42504   13.86464  4.64022   1.000 12.30387 ? 21  C   B "HO2'" 1 
ATOM   414 H  "H1'"  . C   B 1 1  ? 2.49579   14.48149  4.23506   1.000 11.66072 ? 21  C   B "H1'"  1 
ATOM   415 H  H41    . C   B 1 1  ? -3.39486  12.50216  2.55819   1.000 11.60884 ? 21  C   B H41    1 
ATOM   416 H  H42    . C   B 1 1  ? -3.45552  12.55526  4.04557   1.000 11.60884 ? 21  C   B H42    1 
ATOM   417 H  H5     . C   B 1 1  ? -1.36661  12.86125  1.32479   1.000 11.34916 ? 21  C   B H5     1 
ATOM   418 H  H6     . C   B 1 1  ? 0.85930   13.33395  1.45643   1.000 10.91940 ? 21  C   B H6     1 
ATOM   419 H  "HO5'" . C   B 1 1  ? 2.52545   12.39887  -0.88484  1.000 15.73427 ? 21  C   B "HO5'" 1 
ATOM   420 P  P      . G   B 1 2  ? 4.47862   9.51820   2.87168   1.000 10.89279 ? 22  G   B P      1 
ATOM   421 O  OP1    . G   B 1 2  ? 5.81317   8.86597   2.72941   1.000 12.50089 ? 22  G   B OP1    1 
ATOM   422 O  OP2    . G   B 1 2  ? 3.34154   9.10428   2.01235   1.000 11.88293 ? 22  G   B OP2    1 
ATOM   423 O  "O5'"  . G   B 1 2  ? 3.96756   9.34313   4.36700   1.000 10.41786 ? 22  G   B "O5'"  1 
ATOM   424 C  "C5'"  . G   B 1 2  ? 4.79508   9.66862   5.47084   1.000 10.84550 ? 22  G   B "C5'"  1 
ATOM   425 C  "C4'"  . G   B 1 2  ? 4.04538   9.45961   6.75347   1.000 10.75568 ? 22  G   B "C4'"  1 
ATOM   426 O  "O4'"  . G   B 1 2  ? 2.94821   10.40394  6.83478   1.000 10.63230 ? 22  G   B "O4'"  1 
ATOM   427 C  "C3'"  . G   B 1 2  ? 3.37041   8.10669   6.90062   1.000 10.85121 ? 22  G   B "C3'"  1 
ATOM   428 O  "O3'"  . G   B 1 2  ? 4.25551   7.09137   7.31149   1.000 11.71149 ? 22  G   B "O3'"  1 
ATOM   429 C  "C2'"  . G   B 1 2  ? 2.27755   8.39974   7.90793   1.000 10.71559 ? 22  G   B "C2'"  1 
ATOM   430 O  "O2'"  . G   B 1 2  ? 2.82812   8.50485   9.21531   1.000 11.45161 ? 22  G   B "O2'"  1 
ATOM   431 C  "C1'"  . G   B 1 2  ? 1.83525   9.78038   7.44566   1.000 10.41648 ? 22  G   B "C1'"  1 
ATOM   432 N  N9     . G   B 1 2  ? 0.73289   9.73875   6.46597   1.000 9.99271  ? 22  G   B N9     1 
ATOM   433 C  C8     . G   B 1 2  ? 0.76560   9.99660   5.11648   1.000 10.41827 ? 22  G   B C8     1 
ATOM   434 N  N7     . G   B 1 2  ? -0.40748  9.90319   4.55335   1.000 10.40746 ? 22  G   B N7     1 
ATOM   435 C  C5     . G   B 1 2  ? -1.27259  9.59220   5.59995   1.000 9.80156  ? 22  G   B C5     1 
ATOM   436 C  C6     . G   B 1 2  ? -2.68122  9.37322   5.63529   1.000 9.54570  ? 22  G   B C6     1 
ATOM   437 O  O6     . G   B 1 2  ? -3.50260  9.42999   4.70762   1.000 9.94695  ? 22  G   B O6     1 
ATOM   438 N  N1     . G   B 1 2  ? -3.13065  9.05520   6.91870   1.000 8.78868  ? 22  G   B N1     1 
ATOM   439 C  C2     . G   B 1 2  ? -2.33571  8.96321   8.03669   1.000 9.33899  ? 22  G   B C2     1 
ATOM   440 N  N2     . G   B 1 2  ? -2.93857  8.64274   9.19518   1.000 10.00547 ? 22  G   B N2     1 
ATOM   441 N  N3     . G   B 1 2  ? -1.03077  9.18149   8.01793   1.000 9.59550  ? 22  G   B N3     1 
ATOM   442 C  C4     . G   B 1 2  ? -0.57502  9.47960   6.78154   1.000 9.53281  ? 22  G   B C4     1 
ATOM   443 H  "H5'"  . G   B 1 2  ? 5.07098   10.59625  5.40535   1.000 13.03918 ? 22  G   B "H5'"  1 
ATOM   444 H  "H5''" . G   B 1 2  ? 5.58327   9.10330   5.46152   1.000 13.03918 ? 22  G   B "H5''" 1 
ATOM   445 H  "H4'"  . G   B 1 2  ? 4.64370   9.60460   7.50306   1.000 12.93139 ? 22  G   B "H4'"  1 
ATOM   446 H  "H3'"  . G   B 1 2  ? 2.97026   7.85528   6.05352   1.000 13.04603 ? 22  G   B "H3'"  1 
ATOM   447 H  "H2'"  . G   B 1 2  ? 1.55204   7.75674   7.87481   1.000 12.88329 ? 22  G   B "H2'"  1 
ATOM   448 H  "HO2'" . G   B 1 2  ? 3.10259   9.28980   9.33416   1.000 13.76652 ? 22  G   B "HO2'" 1 
ATOM   449 H  "H1'"  . G   B 1 2  ? 1.54988   10.29097  8.21946   1.000 12.52436 ? 22  G   B "H1'"  1 
ATOM   450 H  H8     . G   B 1 2  ? 1.54212   10.21469  4.65351   1.000 12.52650 ? 22  G   B H8     1 
ATOM   451 H  H1     . G   B 1 2  ? -3.97162  8.90493   7.01761   1.000 10.57099 ? 22  G   B H1     1 
ATOM   452 H  H21    . G   B 1 2  ? -3.78640  8.49976   9.21354   1.000 12.03115 ? 22  G   B H21    1 
ATOM   453 H  H22    . G   B 1 2  ? -2.47629  8.58077   9.91771   1.000 12.03115 ? 22  G   B H22    1 
ATOM   454 P  P      . C   B 1 3  ? 3.97435   5.58103   6.85348   1.000 12.27705 ? 23  C   B P      1 
ATOM   455 O  OP1    . C   B 1 3  ? 5.14664   4.77501   7.27011   1.000 13.99973 ? 23  C   B OP1    1 
ATOM   456 O  OP2    . C   B 1 3  ? 3.51834   5.56702   5.44047   1.000 12.15630 ? 23  C   B OP2    1 
ATOM   457 O  "O5'"  . C   B 1 3  ? 2.70903   5.14479   7.71405   1.000 11.21034 ? 23  C   B "O5'"  1 
ATOM   458 C  "C5'"  . C   B 1 3  ? 2.78481   5.03610   9.12492   1.000 11.43644 ? 23  C   B "C5'"  1 
ATOM   459 C  "C4'"  . C   B 1 3  ? 1.44429   4.68506   9.70856   1.000 10.12504 ? 23  C   B "C4'"  1 
ATOM   460 O  "O4'"  . C   B 1 3  ? 0.49412   5.74935   9.43596   1.000 9.74764  ? 23  C   B "O4'"  1 
ATOM   461 C  "C3'"  . C   B 1 3  ? 0.76306   3.44358   9.15141   1.000 9.90649  ? 23  C   B "C3'"  1 
ATOM   462 O  "O3'"  . C   B 1 3  ? 1.29050   2.24234   9.69210   1.000 10.35980 ? 23  C   B "O3'"  1 
ATOM   463 C  "C2'"  . C   B 1 3  ? -0.69204  3.70086   9.51201   1.000 9.21790  ? 23  C   B "C2'"  1 
ATOM   464 O  "O2'"  . C   B 1 3  ? -0.91811  3.49638   10.89962  1.000 9.97637  ? 23  C   B "O2'"  1 
ATOM   465 C  "C1'"  . C   B 1 3  ? -0.79577  5.19813   9.24805   1.000 8.90648  ? 23  C   B "C1'"  1 
ATOM   466 N  N1     . C   B 1 3  ? -1.25937  5.50050   7.87616   1.000 8.72716  ? 23  C   B N1     1 
ATOM   467 C  C2     . C   B 1 3  ? -2.63070  5.42304   7.62631   1.000 8.80570  ? 23  C   B C2     1 
ATOM   468 O  O2     . C   B 1 3  ? -3.38945  5.06478   8.53165   1.000 8.72727  ? 23  C   B O2     1 
ATOM   469 N  N3     . C   B 1 3  ? -3.09475  5.71317   6.39575   1.000 8.97905  ? 23  C   B N3     1 
ATOM   470 C  C4     . C   B 1 3  ? -2.24343  6.07094   5.43522   1.000 9.41782  ? 23  C   B C4     1 
ATOM   471 N  N4     . C   B 1 3  ? -2.74623  6.35742   4.23085   1.000 10.06355 ? 23  C   B N4     1 
ATOM   472 C  C5     . C   B 1 3  ? -0.84154  6.16232   5.65890   1.000 10.38124 ? 23  C   B C5     1 
ATOM   473 C  C6     . C   B 1 3  ? -0.39189  5.87197   6.88489   1.000 9.89407  ? 23  C   B C6     1 
ATOM   474 H  "H5'"  . C   B 1 3  ? 3.08278   5.88179   9.49493   1.000 13.74831 ? 23  C   B "H5'"  1 
ATOM   475 H  "H5''" . C   B 1 3  ? 3.42540   4.34610   9.35822   1.000 13.74831 ? 23  C   B "H5''" 1 
ATOM   476 H  "H4'"  . C   B 1 3  ? 1.54494   4.58174   10.66777  1.000 12.17463 ? 23  C   B "H4'"  1 
ATOM   477 H  "H3'"  . C   B 1 3  ? 0.85391   3.41832   8.18600   1.000 11.91237 ? 23  C   B "H3'"  1 
ATOM   478 H  "H2'"  . C   B 1 3  ? -1.29510  3.17740   8.96137   1.000 11.08606 ? 23  C   B "H2'"  1 
ATOM   479 H  "HO2'" . C   B 1 3  ? -1.06833  2.68108   11.03500  1.000 11.99622 ? 23  C   B "HO2'" 1 
ATOM   480 H  "H1'"  . C   B 1 3  ? -1.41315  5.59877   9.87990   1.000 10.71236 ? 23  C   B "H1'"  1 
ATOM   481 H  H41    . C   B 1 3  ? -2.22194  6.59144   3.59058   1.000 12.10084 ? 23  C   B H41    1 
ATOM   482 H  H42    . C   B 1 3  ? -3.59413  6.30780   4.09597   1.000 12.10084 ? 23  C   B H42    1 
ATOM   483 H  H5     . C   B 1 3  ? -0.25969  6.41437   4.97860   1.000 12.48207 ? 23  C   B H5     1 
ATOM   484 H  H6     . C   B 1 3  ? 0.51900   5.92302   7.06536   1.000 11.89746 ? 23  C   B H6     1 
ATOM   485 P  P      . G   B 1 4  ? 1.73912   1.01680   8.75206   1.000 11.40462 ? 24  G   B P      1 
ATOM   486 O  OP1    . G   B 1 4  ? 2.77338   0.28577   9.52036   1.000 12.45542 ? 24  G   B OP1    1 
ATOM   487 O  OP2    . G   B 1 4  ? 2.04651   1.51036   7.39292   1.000 13.12795 ? 24  G   B OP2    1 
ATOM   488 O  "O5'"  . G   B 1 4  ? 0.45219   0.08586   8.66527   1.000 11.61322 ? 24  G   B "O5'"  1 
ATOM   489 C  "C5'"  . G   B 1 4  ? 0.01878   -0.63600  9.80266   1.000 11.49716 ? 24  G   B "C5'"  1 
ATOM   490 C  "C4'"  . G   B 1 4  ? -1.47397  -0.79677  9.80970   1.000 10.91924 ? 24  G   B "C4'"  1 
ATOM   491 O  "O4'"  . G   B 1 4  ? -2.11191  0.50582   9.76611   1.000 10.14231 ? 24  G   B "O4'"  1 
ATOM   492 C  "C3'"  . G   B 1 4  ? -2.09166  -1.52136  8.62673   1.000 11.05143 ? 24  G   B "C3'"  1 
ATOM   493 O  "O3'"  . G   B 1 4  ? -1.93060  -2.92050  8.67340   1.000 11.79992 ? 24  G   B "O3'"  1 
ATOM   494 C  "C2'"  . G   B 1 4  ? -3.53436  -1.06758  8.72517   1.000 10.63787 ? 24  G   B "C2'"  1 
ATOM   495 O  "O2'"  . G   B 1 4  ? -4.17188  -1.71292  9.81945   1.000 11.39444 ? 24  G   B "O2'"  1 
ATOM   496 C  "C1'"  . G   B 1 4  ? -3.32892  0.40830   9.05429   1.000 10.10889 ? 24  G   B "C1'"  1 
ATOM   497 N  N9     . G   B 1 4  ? -3.22962  1.20560   7.81681   1.000 9.63989  ? 24  G   B N9     1 
ATOM   498 C  C8     . G   B 1 4  ? -2.11897  1.68425   7.16028   1.000 9.97285  ? 24  G   B C8     1 
ATOM   499 N  N7     . G   B 1 4  ? -2.40133  2.33843   6.06713   1.000 9.64546  ? 24  G   B N7     1 
ATOM   500 C  C5     . G   B 1 4  ? -3.78581  2.27349   5.98635   1.000 9.07683  ? 24  G   B C5     1 
ATOM   501 C  C6     . G   B 1 4  ? -4.67685  2.78791   5.00764   1.000 8.82427  ? 24  G   B C6     1 
ATOM   502 O  O6     . G   B 1 4  ? -4.39427  3.43379   3.98833   1.000 8.95288  ? 24  G   B O6     1 
ATOM   503 N  N1     . G   B 1 4  ? -5.99817  2.46082   5.30630   1.000 8.79788  ? 24  G   B N1     1 
ATOM   504 C  C2     . G   B 1 4  ? -6.40162  1.74410   6.40948   1.000 9.37281  ? 24  G   B C2     1 
ATOM   505 N  N2     . G   B 1 4  ? -7.71630  1.53354   6.53667   1.000 11.19490 ? 24  G   B N2     1 
ATOM   506 N  N3     . G   B 1 4  ? -5.58787  1.27592   7.33236   1.000 9.61535  ? 24  G   B N3     1 
ATOM   507 C  C4     . G   B 1 4  ? -4.30439  1.57296   7.05513   1.000 8.89805  ? 24  G   B C4     1 
ATOM   508 H  "H5'"  . G   B 1 4  ? 0.29117   -0.16112  10.60340  1.000 13.82117 ? 24  G   B "H5'"  1 
ATOM   509 H  "H5''" . G   B 1 4  ? 0.43299   -1.51311  9.79938   1.000 13.82117 ? 24  G   B "H5''" 1 
ATOM   510 H  "H4'"  . G   B 1 4  ? -1.72208  -1.25749  10.62644  1.000 13.12767 ? 24  G   B "H4'"  1 
ATOM   511 H  "H3'"  . G   B 1 4  ? -1.69428  -1.19844  7.80289   1.000 13.28629 ? 24  G   B "H3'"  1 
ATOM   512 H  "H2'"  . G   B 1 4  ? -4.03440  -1.18667  7.90258   1.000 12.79002 ? 24  G   B "H2'"  1 
ATOM   513 H  "HO2'" . G   B 1 4  ? -4.25467  -1.16420  10.45004  1.000 13.69791 ? 24  G   B "HO2'" 1 
ATOM   514 H  "H1'"  . G   B 1 4  ? -4.04940  0.74671   9.60862   1.000 12.15525 ? 24  G   B "H1'"  1 
ATOM   515 H  H8     . G   B 1 4  ? -1.25048  1.55399   7.46632   1.000 11.99200 ? 24  G   B H8     1 
ATOM   516 H  H1     . G   B 1 4  ? -6.60700  2.72682   4.76026   1.000 10.58203 ? 24  G   B H1     1 
ATOM   517 H  H21    . G   B 1 4  ? -8.25944  1.83372   5.94128   1.000 13.45847 ? 24  G   B H21    1 
ATOM   518 H  H22    . G   B 1 4  ? -8.01849  1.09796   7.21383   1.000 13.45847 ? 24  G   B H22    1 
ATOM   519 P  P      . A   B 1 5  ? -1.96357  -3.77282  7.31219   1.000 13.21512 ? 25  A   B P      1 
ATOM   520 O  OP1    . A   B 1 5  ? -1.82572  -5.19256  7.71268   1.000 14.05814 ? 25  A   B OP1    1 
ATOM   521 O  OP2    . A   B 1 5  ? -1.02106  -3.14707  6.34881   1.000 14.36590 ? 25  A   B OP2    1 
ATOM   522 O  "O5'"  . A   B 1 5  ? -3.42554  -3.53117  6.73651   1.000 12.37786 ? 25  A   B "O5'"  1 
ATOM   523 C  "C5'"  . A   B 1 5  ? -4.55333  -4.04230  7.42016   1.000 12.27316 ? 25  A   B "C5'"  1 
ATOM   524 C  "C4'"  . A   B 1 5  ? -5.81178  -3.79778  6.64260   1.000 11.77825 ? 25  A   B "C4'"  1 
ATOM   525 O  "O4'"  . A   B 1 5  ? -6.02993  -2.37856  6.47207   1.000 10.86989 ? 25  A   B "O4'"  1 
ATOM   526 C  "C3'"  . A   B 1 5  ? -5.84045  -4.33743  5.22717   1.000 12.12983 ? 25  A   B "C3'"  1 
ATOM   527 O  "O3'"  . A   B 1 5  ? -6.07021  -5.72519  5.20830   1.000 13.22182 ? 25  A   B "O3'"  1 
ATOM   528 C  "C2'"  . A   B 1 5  ? -6.94775  -3.50829  4.59701   1.000 11.94818 ? 25  A   B "C2'"  1 
ATOM   529 O  "O2'"  . A   B 1 5  ? -8.22497  -3.97394  5.00614   1.000 13.85112 ? 25  A   B "O2'"  1 
ATOM   530 C  "C1'"  . A   B 1 5  ? -6.69462  -2.14786  5.24360   1.000 10.47943 ? 25  A   B "C1'"  1 
ATOM   531 N  N9     . A   B 1 5  ? -5.84750  -1.27857  4.40994   1.000 9.62101  ? 25  A   B N9     1 
ATOM   532 C  C8     . A   B 1 5  ? -4.52832  -0.98494  4.60256   1.000 9.79125  ? 25  A   B C8     1 
ATOM   533 N  N7     . A   B 1 5  ? -4.04013  -0.16370  3.70882   1.000 9.34029  ? 25  A   B N7     1 
ATOM   534 C  C5     . A   B 1 5  ? -5.11977  0.11215   2.88183   1.000 9.00861  ? 25  A   B C5     1 
ATOM   535 C  C6     . A   B 1 5  ? -5.26165  0.92756   1.74761   1.000 8.79013  ? 25  A   B C6     1 
ATOM   536 N  N6     . A   B 1 5  ? -4.25746  1.64543   1.24519   1.000 8.76925  ? 25  A   B N6     1 
ATOM   537 N  N1     . A   B 1 5  ? -6.46618  0.98330   1.13345   1.000 8.99728  ? 25  A   B N1     1 
ATOM   538 C  C2     . A   B 1 5  ? -7.46125  0.26267   1.66426   1.000 9.50517  ? 25  A   B C2     1 
ATOM   539 N  N3     . A   B 1 5  ? -7.45570  -0.54064  2.72508   1.000 9.74766  ? 25  A   B N3     1 
ATOM   540 C  C4     . A   B 1 5  ? -6.24332  -0.56393  3.30828   1.000 9.38037  ? 25  A   B C4     1 
ATOM   541 H  "H5'"  . A   B 1 5  ? -4.62434  -3.61005  8.28561   1.000 14.75237 ? 25  A   B "H5'"  1 
ATOM   542 H  "H5''" . A   B 1 5  ? -4.44055  -4.99664  7.55211   1.000 14.75237 ? 25  A   B "H5''" 1 
ATOM   543 H  "H4'"  . A   B 1 5  ? -6.55561  -4.17126  7.14073   1.000 14.15848 ? 25  A   B "H4'"  1 
ATOM   544 H  "H3'"  . A   B 1 5  ? -5.00925  -4.14316  4.76643   1.000 14.58037 ? 25  A   B "H3'"  1 
ATOM   545 H  "H2'"  . A   B 1 5  ? -6.87289  -3.47313  3.63054   1.000 14.36240 ? 25  A   B "H2'"  1 
ATOM   546 H  "HO2'" . A   B 1 5  ? -8.40147  -4.68484  4.59497   1.000 16.64593 ? 25  A   B "HO2'" 1 
ATOM   547 H  "H1'"  . A   B 1 5  ? -7.54275  -1.70629  5.40668   1.000 12.59990 ? 25  A   B "H1'"  1 
ATOM   548 H  H8     . A   B 1 5  ? -4.02504  -1.33505  5.30187   1.000 11.77408 ? 25  A   B H8     1 
ATOM   549 H  H61    . A   B 1 5  ? -4.38303  2.12993   0.54584   1.000 10.54768 ? 25  A   B H61    1 
ATOM   550 H  H62    . A   B 1 5  ? -3.48389  1.62416   1.62034   1.000 10.54768 ? 25  A   B H62    1 
ATOM   551 H  H2     . A   B 1 5  ? -8.27858  0.33400   1.22634   1.000 11.43079 ? 25  A   B H2     1 
ATOM   552 P  P      . A   B 1 6  ? -5.30762  -6.65565  4.14741   1.000 14.77743 ? 26  A   B P      1 
ATOM   553 O  OP1    . A   B 1 6  ? -5.55013  -8.04979  4.58428   1.000 16.32955 ? 26  A   B OP1    1 
ATOM   554 O  OP2    . A   B 1 6  ? -3.91752  -6.19762  3.92578   1.000 15.61311 ? 26  A   B OP2    1 
ATOM   555 O  "O5'"  . A   B 1 6  ? -6.09515  -6.39800  2.79569   1.000 13.90335 ? 26  A   B "O5'"  1 
ATOM   556 C  "C5'"  . A   B 1 6  ? -7.46873  -6.72652  2.70363   1.000 13.11860 ? 26  A   B "C5'"  1 
ATOM   557 C  "C4'"  . A   B 1 6  ? -8.09756  -6.06543  1.51589   1.000 12.72819 ? 26  A   B "C4'"  1 
ATOM   558 O  "O4'"  . A   B 1 6  ? -8.07131  -4.62313  1.67644   1.000 11.76673 ? 26  A   B "O4'"  1 
ATOM   559 C  "C3'"  . A   B 1 6  ? -7.39693  -6.28857  0.18941   1.000 12.36250 ? 26  A   B "C3'"  1 
ATOM   560 O  "O3'"  . A   B 1 6  ? -7.66558  -7.55924  -0.36155  1.000 12.79484 ? 26  A   B "O3'"  1 
ATOM   561 C  "C2'"  . A   B 1 6  ? -7.91740  -5.12112  -0.63060  1.000 12.29720 ? 26  A   B "C2'"  1 
ATOM   562 O  "O2'"  . A   B 1 6  ? -9.26085  -5.35399  -1.02182  1.000 12.91524 ? 26  A   B "O2'"  1 
ATOM   563 C  "C1'"  . A   B 1 6  ? -7.89298  -4.00838  0.41943   1.000 11.31557 ? 26  A   B "C1'"  1 
ATOM   564 N  N9     . A   B 1 6  ? -6.59652  -3.30884  0.40652   1.000 10.53440 ? 26  A   B N9     1 
ATOM   565 C  C8     . A   B 1 6  ? -5.46952  -3.51925  1.16893   1.000 10.78377 ? 26  A   B C8     1 
ATOM   566 N  N7     . A   B 1 6  ? -4.47575  -2.71953  0.85890   1.000 10.13135 ? 26  A   B N7     1 
ATOM   567 C  C5     . A   B 1 6  ? -4.98104  -1.94372  -0.17457  1.000 10.07038 ? 26  A   B C5     1 
ATOM   568 C  C6     . A   B 1 6  ? -4.42981  -0.90851  -0.94039  1.000 10.66524 ? 26  A   B C6     1 
ATOM   569 N  N6     . A   B 1 6  ? -3.19038  -0.44118  -0.78623  1.000 10.98584 ? 26  A   B N6     1 
ATOM   570 N  N1     . A   B 1 6  ? -5.21307  -0.35604  -1.88841  1.000 10.84504 ? 26  A   B N1     1 
ATOM   571 C  C2     . A   B 1 6  ? -6.45594  -0.81097  -2.05113  1.000 10.74772 ? 26  A   B C2     1 
ATOM   572 N  N3     . A   B 1 6  ? -7.08483  -1.77317  -1.39627  1.000 10.37546 ? 26  A   B N3     1 
ATOM   573 C  C4     . A   B 1 6  ? -6.27810  -2.30878  -0.46709  1.000 9.72262  ? 26  A   B C4     1 
ATOM   574 H  "H5'"  . A   B 1 6  ? -7.92202  -6.43347  3.50958   1.000 15.76690 ? 26  A   B "H5'"  1 
ATOM   575 H  "H5''" . A   B 1 6  ? -7.56231  -7.68841  2.62066   1.000 15.76690 ? 26  A   B "H5''" 1 
ATOM   576 H  "H4'"  . A   B 1 6  ? -9.01980  -6.35819  1.44758   1.000 15.29841 ? 26  A   B "H4'"  1 
ATOM   577 H  "H3'"  . A   B 1 6  ? -6.43711  -6.19761  0.29596   1.000 14.85958 ? 26  A   B "H3'"  1 
ATOM   578 H  "H2'"  . A   B 1 6  ? -7.35281  -4.91490  -1.39193  1.000 14.78122 ? 26  A   B "H2'"  1 
ATOM   579 H  "HO2'" . A   B 1 6  ? -9.32881  -6.13907  -1.31273  1.000 15.52286 ? 26  A   B "HO2'" 1 
ATOM   580 H  "H1'"  . A   B 1 6  ? -8.61164  -3.37427  0.27003   1.000 13.60327 ? 26  A   B "H1'"  1 
ATOM   581 H  H8     . A   B 1 6  ? -5.41748  -4.16393  1.83720   1.000 12.96510 ? 26  A   B H8     1 
ATOM   582 H  H61    . A   B 1 6  ? -2.90690  0.19883   -1.28586  1.000 13.20759 ? 26  A   B H61    1 
ATOM   583 H  H62    . A   B 1 6  ? -2.67456  -0.77981  -0.18719  1.000 13.20759 ? 26  A   B H62    1 
ATOM   584 H  H2     . A   B 1 6  ? -6.95019  -0.39304  -2.71893  1.000 12.92184 ? 26  A   B H2     1 
HETATM 585 N  N1     . B8H B 1 7  ? -3.55794  -4.37410  -2.27220  1.000 10.07832 ? 27  B8H B N1     1 
HETATM 586 C  C2     . B8H B 1 7  ? -2.80112  -3.27569  -2.68849  1.000 10.29611 ? 27  B8H B C2     1 
HETATM 587 C  C4     . B8H B 1 7  ? -4.35211  -2.78958  -4.36049  1.000 9.99629  ? 27  B8H B C4     1 
HETATM 588 C  "C1'"  . B8H B 1 7  ? -6.44976  -4.22730  -4.68216  1.000 9.34032  ? 27  B8H B "C1'"  1 
HETATM 589 C  "C2'"  . B8H B 1 7  ? -6.19959  -5.05104  -5.94598  1.000 9.68100  ? 27  B8H B "C2'"  1 
HETATM 590 C  "C3'"  . B8H B 1 7  ? -6.36650  -6.45358  -5.40072  1.000 10.03978 ? 27  B8H B "C3'"  1 
HETATM 591 C  "C4'"  . B8H B 1 7  ? -7.56128  -6.27690  -4.48820  1.000 10.65474 ? 27  B8H B "C4'"  1 
HETATM 592 C  C5     . B8H B 1 7  ? -5.18078  -3.92485  -3.95017  1.000 9.27922  ? 27  B8H B C5     1 
HETATM 593 C  "C5'"  . B8H B 1 7  ? -7.74310  -7.33551  -3.44330  1.000 11.09822 ? 27  B8H B "C5'"  1 
HETATM 594 C  C6     . B8H B 1 7  ? -4.69317  -4.67701  -2.89190  1.000 9.88426  ? 27  B8H B C6     1 
HETATM 595 C  CN1    . B8H B 1 7  ? -3.10931  -5.21262  -1.16565  1.000 11.20481 ? 27  B8H B CN1    1 
HETATM 596 N  N3     . B8H B 1 7  ? -3.22523  -2.52581  -3.69905  1.000 10.19045 ? 27  B8H B N3     1 
HETATM 597 O  O2     . B8H B 1 7  ? -1.73781  -2.99419  -2.09182  1.000 11.03016 ? 27  B8H B O2     1 
HETATM 598 O  "O2'"  . B8H B 1 7  ? -7.24276  -4.80280  -6.87757  1.000 10.24150 ? 27  B8H B "O2'"  1 
HETATM 599 O  "O3'"  . B8H B 1 7  ? -6.59553  -7.43168  -6.39319  1.000 9.85537  ? 27  B8H B "O3'"  1 
HETATM 600 O  O4     . B8H B 1 7  ? -4.70302  -2.05643  -5.30239  1.000 11.58020 ? 27  B8H B O4     1 
HETATM 601 O  "O4'"  . B8H B 1 7  ? -7.31001  -4.99448  -3.85957  1.000 9.67924  ? 27  B8H B "O4'"  1 
HETATM 602 O  "O5'"  . B8H B 1 7  ? -6.58749  -7.42547  -2.63078  1.000 11.86679 ? 27  B8H B "O5'"  1 
HETATM 603 O  OP1    . B8H B 1 7  ? -7.08956  -9.66388  -1.57730  1.000 14.72681 ? 27  B8H B OP1    1 
HETATM 604 O  OP2    . B8H B 1 7  ? -5.20415  -8.10046  -0.69724  1.000 15.21202 ? 27  B8H B OP2    1 
HETATM 605 P  P      . B8H B 1 7  ? -6.57330  -8.28536  -1.29582  1.000 13.57321 ? 27  B8H B P      1 
HETATM 606 H  H1     . B8H B 1 7  ? -6.86119  -3.38885  -4.94411  1.000 11.23297 ? 27  B8H B H1     1 
HETATM 607 H  H2     . B8H B 1 7  ? -5.31317  -4.87525  -6.29845  1.000 11.64178 ? 27  B8H B H2     1 
HETATM 608 H  H3     . B8H B 1 7  ? -5.58001  -6.68627  -4.88286  1.000 12.07232 ? 27  B8H B H3     1 
HETATM 609 H  H4     . B8H B 1 7  ? -8.37052  -6.22798  -5.02078  1.000 12.81027 ? 27  B8H B H4     1 
HETATM 610 H  H5     . B8H B 1 7  ? -7.89751  -8.18959  -3.87643  1.000 13.34245 ? 27  B8H B H5     1 
HETATM 611 H  H6     . B8H B 1 7  ? -8.50729  -7.11091  -2.88970  1.000 13.34245 ? 27  B8H B H6     1 
HETATM 612 H  H7     . B8H B 1 7  ? -5.17694  -5.41821  -2.60644  1.000 11.88569 ? 27  B8H B H7     1 
HETATM 613 H  H8     . B8H B 1 7  ? -2.27763  -4.86131  -0.81095  1.000 13.47036 ? 27  B8H B H8     1 
HETATM 614 H  H9     . B8H B 1 7  ? -3.78351  -5.21479  -0.46827  1.000 13.47036 ? 27  B8H B H9     1 
HETATM 615 H  H10    . B8H B 1 7  ? -2.96896  -6.11835  -1.48321  1.000 13.47036 ? 27  B8H B H10    1 
HETATM 616 H  H11    . B8H B 1 7  ? -2.75553  -1.84521  -3.93519  1.000 12.25312 ? 27  B8H B H11    1 
HETATM 617 H  H12    . B8H B 1 7  ? -6.91065  -4.50293  -7.59897  1.000 12.31438 ? 27  B8H B H12    1 
ATOM   618 P  P      . U   B 1 8  ? -5.37440  -8.28839  -6.98864  1.000 10.79335 ? 28  U   B P      1 
ATOM   619 O  OP1    . U   B 1 8  ? -5.99055  -9.38596  -7.77687  1.000 12.53045 ? 28  U   B OP1    1 
ATOM   620 O  OP2    . U   B 1 8  ? -4.41478  -8.60106  -5.89540  1.000 11.25797 ? 28  U   B OP2    1 
ATOM   621 O  "O5'"  . U   B 1 8  ? -4.63205  -7.27203  -7.95534  1.000 10.86419 ? 28  U   B "O5'"  1 
ATOM   622 C  "C5'"  . U   B 1 8  ? -5.23138  -6.86688  -9.17244  1.000 10.52448 ? 28  U   B "C5'"  1 
ATOM   623 C  "C4'"  . U   B 1 8  ? -4.33262  -5.91447  -9.90560  1.000 11.33743 ? 28  U   B "C4'"  1 
ATOM   624 O  "O4'"  . U   B 1 8  ? -4.16581  -4.70215  -9.12209  1.000 11.36513 ? 28  U   B "O4'"  1 
ATOM   625 C  "C3'"  . U   B 1 8  ? -2.90986  -6.38949  -10.14126 1.000 11.72196 ? 28  U   B "C3'"  1 
ATOM   626 O  "O3'"  . U   B 1 8  ? -2.80233  -7.30759  -11.21505 1.000 14.46468 ? 28  U   B "O3'"  1 
ATOM   627 C  "C2'"  . U   B 1 8  ? -2.17581  -5.07471  -10.36077 1.000 12.30618 ? 28  U   B "C2'"  1 
ATOM   628 O  "O2'"  . U   B 1 8  ? -2.45370  -4.55679  -11.65412 1.000 13.98209 ? 28  U   B "O2'"  1 
ATOM   629 C  "C1'"  . U   B 1 8  ? -2.86305  -4.18475  -9.32052  1.000 11.29238 ? 28  U   B "C1'"  1 
ATOM   630 N  N1     . U   B 1 8  ? -2.15232  -4.17831  -8.01919  1.000 11.30495 ? 28  U   B N1     1 
ATOM   631 C  C2     . U   B 1 8  ? -1.09228  -3.30769  -7.86531  1.000 11.06233 ? 28  U   B C2     1 
ATOM   632 O  O2     . U   B 1 8  ? -0.71850  -2.56630  -8.75748  1.000 12.42443 ? 28  U   B O2     1 
ATOM   633 N  N3     . U   B 1 8  ? -0.47532  -3.34096  -6.63824  1.000 10.44531 ? 28  U   B N3     1 
ATOM   634 C  C4     . U   B 1 8  ? -0.81379  -4.13823  -5.56603  1.000 10.80895 ? 28  U   B C4     1 
ATOM   635 O  O4     . U   B 1 8  ? -0.16388  -4.04691  -4.52403  1.000 11.48202 ? 28  U   B O4     1 
ATOM   636 C  C5     . U   B 1 8  ? -1.92371  -5.01165  -5.80163  1.000 11.63159 ? 28  U   B C5     1 
ATOM   637 C  C6     . U   B 1 8  ? -2.54122  -5.00117  -6.98906  1.000 11.38054 ? 28  U   B C6     1 
ATOM   638 H  "H5'"  . U   B 1 8  ? -6.07735  -6.43095  -8.98486  1.000 12.65396 ? 28  U   B "H5'"  1 
ATOM   639 H  "H5''" . U   B 1 8  ? -5.39383  -7.64659  -9.72611  1.000 12.65396 ? 28  U   B "H5''" 1 
ATOM   640 H  "H4'"  . U   B 1 8  ? -4.73723  -5.69213  -10.75869 1.000 13.62949 ? 28  U   B "H4'"  1 
ATOM   641 H  "H3'"  . U   B 1 8  ? -2.56693  -6.81518  -9.33996  1.000 14.09093 ? 28  U   B "H3'"  1 
ATOM   642 H  "H2'"  . U   B 1 8  ? -1.22217  -5.15312  -10.20171 1.000 14.79199 ? 28  U   B "H2'"  1 
ATOM   643 H  "HO2'" . U   B 1 8  ? -2.19139  -5.10767  -12.23147 1.000 16.80308 ? 28  U   B "HO2'" 1 
ATOM   644 H  "H1'"  . U   B 1 8  ? -2.91569  -3.27605  -9.65577  1.000 13.57543 ? 28  U   B "H1'"  1 
ATOM   645 H  H3     . U   B 1 8  ? 0.19135   -2.80906  -6.52762  1.000 12.55895 ? 28  U   B H3     1 
ATOM   646 H  H5     . U   B 1 8  ? -2.21519  -5.58555  -5.13038  1.000 13.98249 ? 28  U   B H5     1 
ATOM   647 H  H6     . U   B 1 8  ? -3.26210  -5.57337  -7.12250  1.000 13.68123 ? 28  U   B H6     1 
ATOM   648 P  P      . A   B 1 9  ? -1.95508  -8.66975  -11.04083 1.000 16.58748 ? 29  A   B P      1 
ATOM   649 O  OP1    . A   B 1 9  ? -2.33749  -9.54470  -12.17548 1.000 17.55383 ? 29  A   B OP1    1 
ATOM   650 O  OP2    . A   B 1 9  ? -2.07214  -9.19070  -9.66051  1.000 18.26945 ? 29  A   B OP2    1 
ATOM   651 O  "O5'"  . A   B 1 9  ? -0.44997  -8.23154  -11.27813 1.000 16.03341 ? 29  A   B "O5'"  1 
ATOM   652 C  "C5'"  . A   B 1 9  ? -0.01447  -7.93312  -12.58661 1.000 15.02850 ? 29  A   B "C5'"  1 
ATOM   653 C  "C4'"  . A   B 1 9  ? 1.11506   -6.95183  -12.56578 1.000 12.77974 ? 29  A   B "C4'"  1 
ATOM   654 O  "O4'"  . A   B 1 9  ? 0.75237   -5.77019  -11.79715 1.000 12.18481 ? 29  A   B "O4'"  1 
ATOM   655 C  "C3'"  . A   B 1 9  ? 2.40168   -7.40908  -11.90498 1.000 11.10816 ? 29  A   B "C3'"  1 
ATOM   656 O  "O3'"  . A   B 1 9  ? 3.13956   -8.32841  -12.68704 1.000 10.35636 ? 29  A   B "O3'"  1 
ATOM   657 C  "C2'"  . A   B 1 9  ? 3.09970   -6.07712  -11.69066 1.000 10.39866 ? 29  A   B "C2'"  1 
ATOM   658 O  "O2'"  . A   B 1 9  ? 3.60119   -5.58077  -12.92157 1.000 11.22928 ? 29  A   B "O2'"  1 
ATOM   659 C  "C1'"  . A   B 1 9  ? 1.91846   -5.21632  -11.22309 1.000 11.13457 ? 29  A   B "C1'"  1 
ATOM   660 N  N9     . A   B 1 9  ? 1.84633   -5.30415  -9.75836  1.000 9.99338  ? 29  A   B N9     1 
ATOM   661 C  C8     . A   B 1 9  ? 1.09475   -6.11542  -8.95429  1.000 10.17672 ? 29  A   B C8     1 
ATOM   662 N  N7     . A   B 1 9  ? 1.36527   -5.96910  -7.68067  1.000 9.56682  ? 29  A   B N7     1 
ATOM   663 C  C5     . A   B 1 9  ? 2.38702   -5.03085  -7.66233  1.000 9.67096  ? 29  A   B C5     1 
ATOM   664 C  C6     . A   B 1 9  ? 3.12717   -4.44268  -6.62949  1.000 9.23142  ? 29  A   B C6     1 
ATOM   665 N  N6     . A   B 1 9  ? 2.93991   -4.74509  -5.35141  1.000 9.31144  ? 29  A   B N6     1 
ATOM   666 N  N1     . A   B 1 9  ? 4.08429   -3.55283  -6.97010  1.000 9.78881  ? 29  A   B N1     1 
ATOM   667 C  C2     . A   B 1 9  ? 4.26074   -3.25442  -8.25836  1.000 9.84344  ? 29  A   B C2     1 
ATOM   668 N  N3     . A   B 1 9  ? 3.62738   -3.73512  -9.32074  1.000 10.63245 ? 29  A   B N3     1 
ATOM   669 C  C4     . A   B 1 9  ? 2.70139   -4.62718  -8.93594  1.000 9.97373  ? 29  A   B C4     1 
ATOM   670 H  "H5'"  . A   B 1 9  ? -0.75338  -7.55825  -13.09098 1.000 18.05879 ? 29  A   B "H5'"  1 
ATOM   671 H  "H5''" . A   B 1 9  ? 0.28058   -8.74994  -13.01863 1.000 18.05879 ? 29  A   B "H5''" 1 
ATOM   672 H  "H4'"  . A   B 1 9  ? 1.29873   -6.69332  -13.48248 1.000 15.36027 ? 29  A   B "H4'"  1 
ATOM   673 H  "H3'"  . A   B 1 9  ? 2.20915   -7.82752  -11.05131 1.000 13.35438 ? 29  A   B "H3'"  1 
ATOM   674 H  "H2'"  . A   B 1 9  ? 3.79803   -6.11506  -11.01849 1.000 12.50297 ? 29  A   B "H2'"  1 
ATOM   675 H  "HO2'" . A   B 1 9  ? 3.47712   -4.75057  -12.95258 1.000 13.49972 ? 29  A   B "HO2'" 1 
ATOM   676 H  "H1'"  . A   B 1 9  ? 1.98196   -4.29331  -11.51449 1.000 13.38607 ? 29  A   B "H1'"  1 
ATOM   677 H  H8     . A   B 1 9  ? 0.45711   -6.70994  -9.27811  1.000 12.23664 ? 29  A   B H8     1 
ATOM   678 H  H61    . A   B 1 9  ? 3.42637   -4.37525  -4.74628  1.000 11.19831 ? 29  A   B H61    1 
ATOM   679 H  H62    . A   B 1 9  ? 2.33206   -5.31096  -5.12802  1.000 11.19831 ? 29  A   B H62    1 
ATOM   680 H  H2     . A   B 1 9  ? 4.91879   -2.62187  -8.43654  1.000 11.83671 ? 29  A   B H2     1 
ATOM   681 P  P      . G   B 1 10 ? 4.24989   -9.28297  -12.01777 1.000 10.67949 ? 30  G   B P      1 
ATOM   682 O  OP1    . G   B 1 10 ? 4.81778   -10.08023 -13.12584 1.000 11.78463 ? 30  G   B OP1    1 
ATOM   683 O  OP2    . G   B 1 10 ? 3.71590   -9.99992  -10.83230 1.000 12.21910 ? 30  G   B OP2    1 
ATOM   684 O  "O5'"  . G   B 1 10 ? 5.35439   -8.28506  -11.46179 1.000 9.81656  ? 30  G   B "O5'"  1 
ATOM   685 C  "C5'"  . G   B 1 10 ? 6.13789   -7.51210  -12.35059 1.000 9.48899  ? 30  G   B "C5'"  1 
ATOM   686 C  "C4'"  . G   B 1 10 ? 7.10678   -6.65197  -11.59198 1.000 10.61147 ? 30  G   B "C4'"  1 
ATOM   687 O  "O4'"  . G   B 1 10 ? 6.40487   -5.80646  -10.64694 1.000 10.18308 ? 30  G   B "O4'"  1 
ATOM   688 C  "C3'"  . G   B 1 10 ? 8.11890   -7.38195  -10.72911 1.000 10.50206 ? 30  G   B "C3'"  1 
ATOM   689 O  "O3'"  . G   B 1 10 ? 9.15449   -7.93913  -11.50660 1.000 10.91655 ? 30  G   B "O3'"  1 
ATOM   690 C  "C2'"  . G   B 1 10 ? 8.56551   -6.28368  -9.78013  1.000 10.05043 ? 30  G   B "C2'"  1 
ATOM   691 O  "O2'"  . G   B 1 10 ? 9.44528   -5.38432  -10.44102 1.000 12.13187 ? 30  G   B "O2'"  1 
ATOM   692 C  "C1'"  . G   B 1 10 ? 7.23621   -5.57138  -9.52446  1.000 9.74133  ? 30  G   B "C1'"  1 
ATOM   693 N  N9     . G   B 1 10 ? 6.54596   -6.05710  -8.31574  1.000 9.24893  ? 30  G   B N9     1 
ATOM   694 C  C8     . G   B 1 10 ? 5.42620   -6.84072  -8.24007  1.000 9.05281  ? 30  G   B C8     1 
ATOM   695 N  N7     . G   B 1 10 ? 5.03115   -7.06740  -7.01647  1.000 8.93538  ? 30  G   B N7     1 
ATOM   696 C  C5     . G   B 1 10 ? 5.95706   -6.39190  -6.23079  1.000 8.87295  ? 30  G   B C5     1 
ATOM   697 C  C6     . G   B 1 10 ? 6.05496   -6.27019  -4.81974  1.000 8.63670  ? 30  G   B C6     1 
ATOM   698 O  O6     . G   B 1 10 ? 5.31327   -6.74613  -3.94822  1.000 8.89879  ? 30  G   B O6     1 
ATOM   699 N  N1     . G   B 1 10 ? 7.14825   -5.49856  -4.44274  1.000 8.82347  ? 30  G   B N1     1 
ATOM   700 C  C2     . G   B 1 10 ? 8.02371   -4.90509  -5.31892  1.000 9.03153  ? 30  G   B C2     1 
ATOM   701 N  N2     . G   B 1 10 ? 9.01623   -4.18307  -4.77615  1.000 10.25997 ? 30  G   B N2     1 
ATOM   702 N  N3     . G   B 1 10 ? 7.93340   -5.00104  -6.63534  1.000 9.44451  ? 30  G   B N3     1 
ATOM   703 C  C4     . G   B 1 10 ? 6.88239   -5.75536  -7.01835  1.000 8.63032  ? 30  G   B C4     1 
ATOM   704 H  "H5'"  . G   B 1 10 ? 5.55576   -6.94681  -12.88209 1.000 11.41136 ? 30  G   B "H5'"  1 
ATOM   705 H  "H5''" . G   B 1 10 ? 6.62939   -8.10363  -12.94171 1.000 11.41136 ? 30  G   B "H5''" 1 
ATOM   706 H  "H4'"  . G   B 1 10 ? 7.57384   -6.08905  -12.22907 1.000 12.75834 ? 30  G   B "H4'"  1 
ATOM   707 H  "H3'"  . G   B 1 10 ? 7.69363   -8.08396  -10.21217 1.000 12.62705 ? 30  G   B "H3'"  1 
ATOM   708 H  "H2'"  . G   B 1 10 ? 8.95485   -6.63253  -8.96304  1.000 12.08510 ? 30  G   B "H2'"  1 
ATOM   709 H  "HO2'" . G   B 1 10 ? 10.13426  -5.80144  -10.67960 1.000 14.58283 ? 30  G   B "HO2'" 1 
ATOM   710 H  "H1'"  . G   B 1 10 ? 7.40006   -4.62010  -9.42907  1.000 11.71417 ? 30  G   B "H1'"  1 
ATOM   711 H  H8     . G   B 1 10 ? 4.98904   -7.17899  -8.98798  1.000 10.88796 ? 30  G   B H8     1 
ATOM   712 H  H1     . G   B 1 10 ? 7.28609   -5.38482  -3.60152  1.000 10.61275 ? 30  G   B H1     1 
ATOM   713 H  H21    . G   B 1 10 ? 9.08141   -4.11610  -3.92125  1.000 12.33655 ? 30  G   B H21    1 
ATOM   714 H  H22    . G   B 1 10 ? 9.58709   -3.78737  -5.28324  1.000 12.33655 ? 30  G   B H22    1 
ATOM   715 P  P      . C   B 1 11 ? 9.76963   -9.37350  -11.14344 1.000 10.92910 ? 31  C   B P      1 
ATOM   716 O  OP1    . C   B 1 11 ? 10.60422  -9.76243  -12.30506 1.000 12.29576 ? 31  C   B OP1    1 
ATOM   717 O  OP2    . C   B 1 11 ? 8.71896   -10.29800 -10.64844 1.000 12.05086 ? 31  C   B OP2    1 
ATOM   718 O  "O5'"  . C   B 1 11 ? 10.72376  -9.07760  -9.90946  1.000 11.16139 ? 31  C   B "O5'"  1 
ATOM   719 C  "C5'"  . C   B 1 11 ? 11.83196  -8.21454  -10.06749 1.000 11.43764 ? 31  C   B "C5'"  1 
ATOM   720 C  "C4'"  . C   B 1 11 ? 12.32660  -7.71893  -8.74228  1.000 11.08722 ? 31  C   B "C4'"  1 
ATOM   721 O  "O4'"  . C   B 1 11 ? 11.27877  -6.98761  -8.05599  1.000 11.54789 ? 31  C   B "O4'"  1 
ATOM   722 C  "C3'"  . C   B 1 11 ? 12.73565  -8.77820  -7.73364  1.000 10.00683 ? 31  C   B "C3'"  1 
ATOM   723 O  "O3'"  . C   B 1 11 ? 14.00404  -9.33506  -8.01422  1.000 10.37729 ? 31  C   B "O3'"  1 
ATOM   724 C  "C2'"  . C   B 1 11 ? 12.68521  -7.99410  -6.43717  1.000 10.30782 ? 31  C   B "C2'"  1 
ATOM   725 O  "O2'"  . C   B 1 11 ? 13.80605  -7.12353  -6.36614  1.000 11.06587 ? 31  C   B "O2'"  1 
ATOM   726 C  "C1'"  . C   B 1 11 ? 11.42891  -7.15683  -6.66189  1.000 10.80933 ? 31  C   B "C1'"  1 
ATOM   727 N  N1     . C   B 1 11 ? 10.21479  -7.81631  -6.13436  1.000 9.82155  ? 31  C   B N1     1 
ATOM   728 C  C2     . C   B 1 11 ? 9.97075   -7.72612  -4.77034  1.000 10.00380 ? 31  C   B C2     1 
ATOM   729 O  O2     . C   B 1 11 ? 10.80337  -7.12462  -4.07770  1.000 10.68151 ? 31  C   B O2     1 
ATOM   730 N  N3     . C   B 1 11 ? 8.85849   -8.29976  -4.24526  1.000 9.66069  ? 31  C   B N3     1 
ATOM   731 C  C4     . C   B 1 11 ? 8.00752   -8.94424  -5.05353  1.000 9.52320  ? 31  C   B C4     1 
ATOM   732 N  N4     . C   B 1 11 ? 6.91889   -9.48782  -4.50523  1.000 9.56758  ? 31  C   B N4     1 
ATOM   733 C  C5     . C   B 1 11 ? 8.23579   -9.05577  -6.45887  1.000 9.05117  ? 31  C   B C5     1 
ATOM   734 C  C6     . C   B 1 11 ? 9.34045   -8.47617  -6.95025  1.000 9.29478  ? 31  C   B C6     1 
ATOM   735 H  "H5'"  . C   B 1 11 ? 11.56970  -7.45653  -10.61296 1.000 13.74974 ? 31  C   B "H5'"  1 
ATOM   736 H  "H5''" . C   B 1 11 ? 12.54693  -8.69342  -10.51514 1.000 13.74974 ? 31  C   B "H5''" 1 
ATOM   737 H  "H4'"  . C   B 1 11 ? 13.07675  -7.12518  -8.90240  1.000 13.32925 ? 31  C   B "H4'"  1 
ATOM   738 H  "H3'"  . C   B 1 11 ? 12.07772  -9.49059  -7.71060  1.000 12.03277 ? 31  C   B "H3'"  1 
ATOM   739 H  "H2'"  . C   B 1 11 ? 12.60644  -8.55813  -5.65196  1.000 12.39397 ? 31  C   B "H2'"  1 
ATOM   740 H  "HO2'" . C   B 1 11 ? 14.37448  -7.45177  -5.84199  1.000 13.30363 ? 31  C   B "HO2'" 1 
ATOM   741 H  "H1'"  . C   B 1 11 ? 11.53450  -6.29177  -6.23594  1.000 12.99578 ? 31  C   B "H1'"  1 
ATOM   742 H  H41    . C   B 1 11 ? 6.35338   -9.90827  -4.99820  1.000 11.50567 ? 31  C   B H41    1 
ATOM   743 H  H42    . C   B 1 11 ? 6.78291   -9.41763  -3.65896  1.000 11.50567 ? 31  C   B H42    1 
ATOM   744 H  H5     . C   B 1 11 ? 7.64231   -9.51190  -7.01078  1.000 10.88598 ? 31  C   B H5     1 
ATOM   745 H  H6     . C   B 1 11 ? 9.51438   -8.52428  -7.86257  1.000 11.17832 ? 31  C   B H6     1 
ATOM   746 P  P      . G   B 1 12 ? 14.33438  -10.85392 -7.59862  1.000 11.14928 ? 32  G   B P      1 
ATOM   747 O  OP1    . G   B 1 12 ? 15.66976  -11.15322 -8.19773  1.000 12.07772 ? 32  G   B OP1    1 
ATOM   748 O  OP2    . G   B 1 12 ? 13.17994  -11.73454 -7.89530  1.000 12.05066 ? 32  G   B OP2    1 
ATOM   749 O  "O5'"  . G   B 1 12 ? 14.45236  -10.80169 -6.01961  1.000 10.65910 ? 32  G   B "O5'"  1 
ATOM   750 C  "C5'"  . G   B 1 12 ? 15.47184  -10.04697 -5.39521  1.000 9.74464  ? 32  G   B "C5'"  1 
ATOM   751 C  "C4'"  . G   B 1 12 ? 15.30399  -10.09628 -3.90549  1.000 9.45097  ? 32  G   B "C4'"  1 
ATOM   752 O  "O4'"  . G   B 1 12 ? 14.06151  -9.43881  -3.54533  1.000 8.76052  ? 32  G   B "O4'"  1 
ATOM   753 C  "C3'"  . G   B 1 12 ? 15.16698  -11.48813 -3.30892  1.000 8.60207  ? 32  G   B "C3'"  1 
ATOM   754 O  "O3'"  . G   B 1 12 ? 16.40961  -12.14650 -3.14048  1.000 9.29643  ? 32  G   B "O3'"  1 
ATOM   755 C  "C2'"  . G   B 1 12 ? 14.43506  -11.20583 -2.00855  1.000 8.82282  ? 32  G   B "C2'"  1 
ATOM   756 O  "O2'"  . G   B 1 12 ? 15.33030  -10.68299 -1.04193  1.000 9.24752  ? 32  G   B "O2'"  1 
ATOM   757 C  "C1'"  . G   B 1 12 ? 13.47573  -10.10435 -2.44767  1.000 8.63011  ? 32  G   B "C1'"  1 
ATOM   758 N  N9     . G   B 1 12 ? 12.15120  -10.61576 -2.85142  1.000 8.75188  ? 32  G   B N9     1 
ATOM   759 C  C8     . G   B 1 12 ? 11.63765  -10.84518 -4.10846  1.000 9.41021  ? 32  G   B C8     1 
ATOM   760 N  N7     . G   B 1 12 ? 10.40594  -11.28798 -4.09787  1.000 9.05590  ? 32  G   B N7     1 
ATOM   761 C  C5     . G   B 1 12 ? 10.08309  -11.35060 -2.75241  1.000 8.86707  ? 32  G   B C5     1 
ATOM   762 C  C6     . G   B 1 12 ? 8.88784   -11.75583 -2.10320  1.000 8.38021  ? 32  G   B C6     1 
ATOM   763 O  O6     . G   B 1 12 ? 7.83010   -12.13774 -2.60903  1.000 8.44363  ? 32  G   B O6     1 
ATOM   764 N  N1     . G   B 1 12 ? 9.00021   -11.66378 -0.72215  1.000 7.75751  ? 32  G   B N1     1 
ATOM   765 C  C2     . G   B 1 12 ? 10.11393  -11.25273 -0.04142  1.000 8.02816  ? 32  G   B C2     1 
ATOM   766 N  N2     . G   B 1 12 ? 10.03876  -11.24494 1.29665   1.000 8.48208  ? 32  G   B N2     1 
ATOM   767 N  N3     . G   B 1 12 ? 11.22773  -10.86461 -0.63374  1.000 8.26586  ? 32  G   B N3     1 
ATOM   768 C  C4     . G   B 1 12 ? 11.14605  -10.94267 -1.97820  1.000 8.35451  ? 32  G   B C4     1 
ATOM   769 H  "H5'"  . G   B 1 12 ? 15.42289  -9.12607  -5.69595  1.000 11.71815 ? 32  G   B "H5'"  1 
ATOM   770 H  "H5''" . G   B 1 12 ? 16.33782  -10.41203 -5.63542  1.000 11.71815 ? 32  G   B "H5''" 1 
ATOM   771 H  "H4'"  . G   B 1 12 ? 16.04501  -9.63868  -3.47841  1.000 11.36574 ? 32  G   B "H4'"  1 
ATOM   772 H  "H3'"  . G   B 1 12 ? 14.60350  -12.03147 -3.88180  1.000 10.34707 ? 32  G   B "H3'"  1 
ATOM   773 H  "HO3'" . G   B 1 12 ? 16.68839  -12.32641 -2.36878  1.000 11.18030 ? 32  G   B "HO3'" 1 
ATOM   774 H  "H2'"  . G   B 1 12 ? 13.95864  -11.98143 -1.67334  1.000 10.61196 ? 32  G   B "H2'"  1 
ATOM   775 H  "HO2'" . G   B 1 12 ? 15.41810  -11.24110 -0.42032  1.000 11.12160 ? 32  G   B "HO2'" 1 
ATOM   776 H  "H1'"  . G   B 1 12 ? 13.35638  -9.48122  -1.71395  1.000 10.38071 ? 32  G   B "H1'"  1 
ATOM   777 H  H8     . G   B 1 12 ? 12.11990  -10.69942 -4.89019  1.000 11.31683 ? 32  G   B H8     1 
ATOM   778 H  H1     . G   B 1 12 ? 8.31210   -11.88356 -0.25546  1.000 9.33359  ? 32  G   B H1     1 
ATOM   779 H  H21    . G   B 1 12 ? 9.31563   -11.49674 1.68817   1.000 10.20308 ? 32  G   B H21    1 
ATOM   780 H  H22    . G   B 1 12 ? 10.71364  -10.98813 1.76374   1.000 10.20308 ? 32  G   B H22    1 
HETATM 781 MG MG     . MG  C 2 .  ? 2.09279   -3.16344  0.71737   1.000 49.88148 ? 101 MG  A MG     1 
HETATM 782 MG MG     . MG  D 2 .  ? -6.20890  8.85676   0.24953   1.000 49.55228 ? 102 MG  A MG     1 
HETATM 783 MG MG     . MG  E 2 .  ? 1.69453   -9.12402  -4.94367  1.000 15.80467 ? 101 MG  B MG     1 
HETATM 784 O  O      . HOH F 3 .  ? -0.39570  8.42223   -4.11954  1.000 23.39819 ? 201 HOH A O      1 
HETATM 785 O  O      . HOH F 3 .  ? 0.42988   -14.05229 3.94808   1.000 27.28953 ? 202 HOH A O      1 
HETATM 786 O  O      . HOH F 3 .  ? 8.68225   1.29196   6.16907   1.000 27.48988 ? 203 HOH A O      1 
HETATM 787 O  O      . HOH F 3 .  ? -10.74154 3.84924   9.93948   1.000 18.36172 ? 204 HOH A O      1 
HETATM 788 O  O      . HOH F 3 .  ? 5.23767   -8.31691  9.81799   1.000 33.52384 ? 205 HOH A O      1 
HETATM 789 O  O      . HOH F 3 .  ? -7.82859  -0.70792  -5.95903  1.000 31.46582 ? 206 HOH A O      1 
HETATM 790 O  O      . HOH F 3 .  ? -2.10580  1.45707   -9.35218  1.000 10.64049 ? 207 HOH A O      1 
HETATM 791 O  O      . HOH F 3 .  ? -1.84792  14.07567  14.59791  1.000 20.43538 ? 208 HOH A O      1 
HETATM 792 O  O      . HOH F 3 .  ? -13.05616 2.45349   3.24972   1.000 20.37162 ? 209 HOH A O      1 
HETATM 793 O  O      . HOH F 3 .  ? 4.72953   1.97965   -1.00992  1.000 24.57302 ? 210 HOH A O      1 
HETATM 794 O  O      . HOH F 3 .  ? -5.34334  7.01522   11.98402  1.000 13.05706 ? 211 HOH A O      1 
HETATM 795 O  O      . HOH F 3 .  ? -6.78834  2.37217   -10.31154 1.000 12.79351 ? 212 HOH A O      1 
HETATM 796 O  O      . HOH F 3 .  ? -10.85541 11.82112  6.09920   1.000 38.35511 ? 213 HOH A O      1 
HETATM 797 O  O      . HOH F 3 .  ? 9.07562   -12.46953 5.16342   1.000 14.67347 ? 214 HOH A O      1 
HETATM 798 O  O      . HOH F 3 .  ? 11.82307  -1.80369  -2.03523  1.000 24.19421 ? 215 HOH A O      1 
HETATM 799 O  O      . HOH F 3 .  ? -10.19584 9.89863   -6.80928  1.000 25.44988 ? 216 HOH A O      1 
HETATM 800 O  O      . HOH F 3 .  ? -15.33440 7.61018   10.44847  1.000 17.28119 ? 217 HOH A O      1 
HETATM 801 O  O      . HOH F 3 .  ? -7.58610  7.82940   -3.12122  1.000 15.72663 ? 218 HOH A O      1 
HETATM 802 O  O      . HOH F 3 .  ? 3.77756   -9.31384  -1.48633  1.000 14.47080 ? 219 HOH A O      1 
HETATM 803 O  O      . HOH F 3 .  ? -15.78008 10.86115  1.01561   1.000 34.23879 ? 220 HOH A O      1 
HETATM 804 O  O      . HOH F 3 .  ? -2.86971  8.37451   -10.79851 1.000 20.44042 ? 221 HOH A O      1 
HETATM 805 O  O      . HOH F 3 .  ? -14.57499 10.69035  5.34653   1.000 30.46975 ? 222 HOH A O      1 
HETATM 806 O  O      . HOH F 3 .  ? -9.20879  1.26824   -7.22698  1.000 15.95986 ? 223 HOH A O      1 
HETATM 807 O  O      . HOH F 3 .  ? 5.45659   -2.40609  3.15704   1.000 15.08168 ? 224 HOH A O      1 
HETATM 808 O  O      . HOH F 3 .  ? 4.96145   -5.20813  7.68891   1.000 21.75766 ? 225 HOH A O      1 
HETATM 809 O  O      . HOH F 3 .  ? 4.56955   -5.88490  3.61802   1.000 14.15028 ? 226 HOH A O      1 
HETATM 810 O  O      . HOH F 3 .  ? 1.81096   9.77777   -5.26455  1.000 44.42698 ? 227 HOH A O      1 
HETATM 811 O  O      . HOH F 3 .  ? -13.90147 10.57943  -3.00185  1.000 24.24183 ? 228 HOH A O      1 
HETATM 812 O  O      . HOH F 3 .  ? -4.21464  6.74319   -4.35757  1.000 13.35460 ? 229 HOH A O      1 
HETATM 813 O  O      . HOH F 3 .  ? -8.00941  8.60048   1.68588   1.000 17.47044 ? 230 HOH A O      1 
HETATM 814 O  O      . HOH F 3 .  ? 12.54370  -5.86541  2.70592   1.000 21.93162 ? 231 HOH A O      1 
HETATM 815 O  O      . HOH F 3 .  ? -6.82089  7.05578   -0.61401  1.000 18.43260 ? 232 HOH A O      1 
HETATM 816 O  O      . HOH F 3 .  ? -7.04263  13.03576  4.60365   1.000 17.23945 ? 233 HOH A O      1 
HETATM 817 O  O      . HOH F 3 .  ? -9.00187  5.94078   13.97643  1.000 24.56550 ? 234 HOH A O      1 
HETATM 818 O  O      . HOH F 3 .  ? -3.11981  5.61030   -0.28129  1.000 21.63444 ? 235 HOH A O      1 
HETATM 819 O  O      . HOH F 3 .  ? -11.51654 1.33594   -0.33166  1.000 25.54295 ? 236 HOH A O      1 
HETATM 820 O  O      . HOH F 3 .  ? -9.81369  14.48496  14.29875  1.000 28.67814 ? 237 HOH A O      1 
HETATM 821 O  O      . HOH F 3 .  ? -0.72984  2.62199   -0.41266  1.000 21.63930 ? 238 HOH A O      1 
HETATM 822 O  O      . HOH F 3 .  ? 3.70202   1.71552   -9.54817  1.000 13.51775 ? 239 HOH A O      1 
HETATM 823 O  O      . HOH F 3 .  ? -2.13487  9.48054   14.22535  1.000 12.23574 ? 240 HOH A O      1 
HETATM 824 O  O      . HOH F 3 .  ? 9.74063   4.15613   3.57152   1.000 21.91039 ? 241 HOH A O      1 
HETATM 825 O  O      . HOH F 3 .  ? -8.27260  12.71908  7.07360   1.000 13.49015 ? 242 HOH A O      1 
HETATM 826 O  O      . HOH F 3 .  ? 8.84248   -0.58382  7.24452   1.000 25.94467 ? 243 HOH A O      1 
HETATM 827 O  O      . HOH F 3 .  ? 4.96408   7.69788   -2.29054  1.000 42.45318 ? 244 HOH A O      1 
HETATM 828 O  O      . HOH F 3 .  ? 11.22345  4.70124   -3.00784  1.000 31.98542 ? 245 HOH A O      1 
HETATM 829 O  O      . HOH F 3 .  ? 6.51769   -12.18506 9.07244   1.000 26.92426 ? 246 HOH A O      1 
HETATM 830 O  O      . HOH F 3 .  ? 2.71186   -3.90226  -1.35593  1.000 17.70206 ? 247 HOH A O      1 
HETATM 831 O  O      . HOH F 3 .  ? 11.48962  -5.99569  7.20998   1.000 27.38078 ? 248 HOH A O      1 
HETATM 832 O  O      . HOH F 3 .  ? -12.73247 7.92617   -6.74657  1.000 23.86707 ? 249 HOH A O      1 
HETATM 833 O  O      . HOH F 3 .  ? 3.61058   -9.05771  2.16615   1.000 19.11997 ? 250 HOH A O      1 
HETATM 834 O  O      . HOH F 3 .  ? 0.65990   6.11277   -3.31488  1.000 22.05329 ? 251 HOH A O      1 
HETATM 835 O  O      . HOH F 3 .  ? -11.90276 1.53524   -5.83841  1.000 19.51822 ? 252 HOH A O      1 
HETATM 836 O  O      . HOH F 3 .  ? -14.67672 5.26636   9.19392   1.000 15.94207 ? 253 HOH A O      1 
HETATM 837 O  O      . HOH F 3 .  ? 2.05087   2.97863   -1.67237  1.000 16.50287 ? 254 HOH A O      1 
HETATM 838 O  O      . HOH F 3 .  ? 9.26209   -4.38717  8.95424   1.000 38.11761 ? 255 HOH A O      1 
HETATM 839 O  O      . HOH F 3 .  ? -11.02808 10.04029  4.46936   1.000 18.93129 ? 256 HOH A O      1 
HETATM 840 O  O      . HOH F 3 .  ? -8.14870  10.99902  3.27752   1.000 23.63573 ? 257 HOH A O      1 
HETATM 841 O  O      . HOH F 3 .  ? 2.75470   -0.29615  -1.10467  1.000 26.98591 ? 258 HOH A O      1 
HETATM 842 O  O      . HOH F 3 .  ? -11.91692 10.98124  -0.15619  1.000 26.47360 ? 259 HOH A O      1 
HETATM 843 O  O      . HOH F 3 .  ? 4.34706   -2.49302  0.51098   1.000 14.99686 ? 260 HOH A O      1 
HETATM 844 O  O      . HOH F 3 .  ? 4.92335   0.74261   1.12273   1.000 17.96878 ? 261 HOH A O      1 
HETATM 845 O  O      . HOH F 3 .  ? -9.55086  9.66459   -1.03414  1.000 25.92647 ? 262 HOH A O      1 
HETATM 846 O  O      . HOH F 3 .  ? 3.32800   -6.33673  0.85406   1.000 24.32401 ? 263 HOH A O      1 
HETATM 847 O  O      . HOH F 3 .  ? 1.01603   12.07938  10.45346  1.000 22.86438 ? 264 HOH A O      1 
HETATM 848 O  O      . HOH F 3 .  ? 12.25916  -4.39049  -2.78771  1.000 25.25188 ? 265 HOH A O      1 
HETATM 849 O  O      . HOH F 3 .  ? -10.52624 11.80654  8.16879   1.000 22.77055 ? 266 HOH A O      1 
HETATM 850 O  O      . HOH F 3 .  ? 6.54441   6.04867   -9.16399  1.000 31.02080 ? 267 HOH A O      1 
HETATM 851 O  O      . HOH F 3 .  ? 2.62603   -12.63759 -2.36122  1.000 40.17743 ? 268 HOH A O      1 
HETATM 852 O  O      . HOH F 3 .  ? 13.41876  -6.60590  0.04345   1.000 16.56927 ? 269 HOH A O      1 
HETATM 853 O  O      . HOH F 3 .  ? 6.98745   -2.07211  -9.83416  1.000 18.68679 ? 270 HOH A O      1 
HETATM 854 O  O      . HOH F 3 .  ? -8.01595  3.88162   10.31679  1.000 15.18412 ? 271 HOH A O      1 
HETATM 855 O  O      . HOH F 3 .  ? -4.62470  0.61266   -9.72144  1.000 13.60873 ? 272 HOH A O      1 
HETATM 856 O  O      . HOH F 3 .  ? -13.50615 2.26563   6.09899   1.000 37.28077 ? 273 HOH A O      1 
HETATM 857 O  O      . HOH F 3 .  ? -4.23671  7.88474   14.41246  1.000 13.09270 ? 274 HOH A O      1 
HETATM 858 O  O      . HOH F 3 .  ? 1.34309   -10.33715 1.51127   1.000 33.85398 ? 275 HOH A O      1 
HETATM 859 O  O      . HOH F 3 .  ? -5.83802  10.49806  1.59014   1.000 41.54972 ? 276 HOH A O      1 
HETATM 860 O  O      . HOH F 3 .  ? 14.04690  -8.11893  4.08930   1.000 34.34065 ? 277 HOH A O      1 
HETATM 861 O  O      . HOH F 3 .  ? -11.85800 7.48235   14.43790  1.000 16.51740 ? 278 HOH A O      1 
HETATM 862 O  O      . HOH F 3 .  ? 14.08185  -6.97863  6.25085   1.000 35.75323 ? 279 HOH A O      1 
HETATM 863 O  O      . HOH F 3 .  ? 2.57467   4.69335   0.74754   1.000 31.31105 ? 280 HOH A O      1 
HETATM 864 O  O      . HOH F 3 .  ? 3.11961   -10.49574 -3.89993  1.000 23.55537 ? 281 HOH A O      1 
HETATM 865 O  O      . HOH F 3 .  ? -0.22645  5.06717   -0.86556  1.000 23.00780 ? 282 HOH A O      1 
HETATM 866 O  O      . HOH F 3 .  ? -4.02567  7.68532   -1.80620  1.000 20.63581 ? 283 HOH A O      1 
HETATM 867 O  O      . HOH F 3 .  ? 0.17889   -9.37985  7.82150   1.000 35.39841 ? 284 HOH A O      1 
HETATM 868 O  O      . HOH G 3 .  ? 12.34663  -11.55878 -12.39125 1.000 26.55571 ? 201 HOH B O      1 
HETATM 869 O  O      . HOH G 3 .  ? 4.56129   -3.37534  -12.12120 1.000 17.19332 ? 202 HOH B O      1 
HETATM 870 O  O      . HOH G 3 .  ? 8.51328   -12.20561 -8.94064  1.000 29.84015 ? 203 HOH B O      1 
HETATM 871 O  O      . HOH G 3 .  ? -1.72830  -8.61927  -7.14389  1.000 20.32088 ? 204 HOH B O      1 
HETATM 872 O  O      . HOH G 3 .  ? -4.53438  -10.94801 -9.29055  1.000 24.56977 ? 205 HOH B O      1 
HETATM 873 O  O      . HOH G 3 .  ? -6.74329  -1.41452  10.26781  1.000 23.56942 ? 206 HOH B O      1 
HETATM 874 O  O      . HOH G 3 .  ? 3.49651   -11.91568 -14.46636 1.000 23.81357 ? 207 HOH B O      1 
HETATM 875 O  O      . HOH G 3 .  ? -7.54296  -11.23099 -3.64584  1.000 22.43224 ? 208 HOH B O      1 
HETATM 876 O  O      . HOH G 3 .  ? -0.82686  -2.82242  -12.80402 1.000 18.87335 ? 209 HOH B O      1 
HETATM 877 O  O      . HOH G 3 .  ? 1.93296   -9.44727  -8.95263  1.000 17.69834 ? 210 HOH B O      1 
HETATM 878 O  O      . HOH G 3 .  ? 14.23068  -11.33056 1.28312   1.000 15.74948 ? 211 HOH B O      1 
HETATM 879 O  O      . HOH G 3 .  ? -3.35922  9.34796   2.05469   1.000 22.50554 ? 212 HOH B O      1 
HETATM 880 O  O      . HOH G 3 .  ? -2.13813  -6.97553  5.74388   1.000 29.03428 ? 213 HOH B O      1 
HETATM 881 O  O      . HOH G 3 .  ? 4.64467   1.58778   10.91426  1.000 21.90160 ? 214 HOH B O      1 
HETATM 882 O  O      . HOH G 3 .  ? 3.18485   14.13678  6.80226   1.000 13.91895 ? 215 HOH B O      1 
HETATM 883 O  O      . HOH G 3 .  ? -11.40062 -6.69975  -0.13511  1.000 37.93809 ? 216 HOH B O      1 
HETATM 884 O  O      . HOH G 3 .  ? 0.86758   -1.76991  -10.76864 1.000 20.44605 ? 217 HOH B O      1 
HETATM 885 O  O      . HOH G 3 .  ? 1.58390   14.32872  -1.71888  1.000 22.94683 ? 218 HOH B O      1 
HETATM 886 O  O      . HOH G 3 .  ? 0.48978   9.21679   10.32931  1.000 16.83911 ? 219 HOH B O      1 
HETATM 887 O  O      . HOH G 3 .  ? -6.88958  -2.83609  -8.67497  1.000 15.29557 ? 220 HOH B O      1 
HETATM 888 O  O      . HOH G 3 .  ? 13.96286  -6.47576  -3.74177  1.000 18.60053 ? 221 HOH B O      1 
HETATM 889 O  O      . HOH G 3 .  ? 15.87693  -8.15245  -0.24169  1.000 13.53512 ? 222 HOH B O      1 
HETATM 890 O  O      . HOH G 3 .  ? -1.17560  -5.24527  -13.94251 1.000 20.07425 ? 223 HOH B O      1 
HETATM 891 O  O      . HOH G 3 .  ? -1.33808  -0.02219  3.51189   1.000 15.80847 ? 224 HOH B O      1 
HETATM 892 O  O      . HOH G 3 .  ? 7.07742   -11.50348 -12.44080 1.000 24.59110 ? 225 HOH B O      1 
HETATM 893 O  O      . HOH G 3 .  ? 17.16460  -14.07490 -4.89471  1.000 18.22792 ? 226 HOH B O      1 
HETATM 894 O  O      . HOH G 3 .  ? -3.97611  3.58202   10.73808  1.000 33.88386 ? 227 HOH B O      1 
HETATM 895 O  O      . HOH G 3 .  ? 2.16487   6.69299   3.36356   1.000 17.87860 ? 228 HOH B O      1 
HETATM 896 O  O      . HOH G 3 .  ? -9.81334  -1.74360  3.41164   1.000 17.92265 ? 229 HOH B O      1 
HETATM 897 O  O      . HOH G 3 .  ? 0.46414   -7.67448  -5.73455  1.000 18.87786 ? 230 HOH B O      1 
HETATM 898 O  O      . HOH G 3 .  ? 2.00061   3.25840   5.26614   1.000 16.80535 ? 231 HOH B O      1 
HETATM 899 O  O      . HOH G 3 .  ? -4.51679  -1.63762  -8.01963  1.000 14.37781 ? 232 HOH B O      1 
HETATM 900 O  O      . HOH G 3 .  ? 7.90638   10.54591  2.08424   1.000 41.07074 ? 233 HOH B O      1 
HETATM 901 O  O      . HOH G 3 .  ? 7.16939   6.62901   3.61231   1.000 29.56188 ? 234 HOH B O      1 
HETATM 902 O  O      . HOH G 3 .  ? 2.73074   -7.72119  -3.87141  1.000 16.27754 ? 235 HOH B O      1 
HETATM 903 O  O      . HOH G 3 .  ? -0.86326  -0.56528  0.71501   1.000 18.74480 ? 236 HOH B O      1 
HETATM 904 O  O      . HOH G 3 .  ? 6.74537   -12.89593 -5.05639  1.000 14.76608 ? 237 HOH B O      1 
HETATM 905 O  O      . HOH G 3 .  ? 18.06717  -11.97731 -7.03495  1.000 19.49750 ? 238 HOH B O      1 
HETATM 906 O  O      . HOH G 3 .  ? 9.44593   -10.14769 -14.81465 1.000 49.60288 ? 239 HOH B O      1 
HETATM 907 O  O      . HOH G 3 .  ? 6.70697   -9.71405  -15.16685 1.000 15.89252 ? 240 HOH B O      1 
HETATM 908 O  O      . HOH G 3 .  ? 15.84940  -6.52496  -8.19561  1.000 13.58507 ? 241 HOH B O      1 
HETATM 909 O  O      . HOH G 3 .  ? 9.20874   -12.54145 -6.32038  1.000 16.38928 ? 242 HOH B O      1 
HETATM 910 O  O      . HOH G 3 .  ? 3.00634   -8.95785  -6.45701  1.000 13.61192 ? 243 HOH B O      1 
HETATM 911 O  O      . HOH G 3 .  ? -9.59107  -2.79106  -2.23004  1.000 14.78012 ? 244 HOH B O      1 
HETATM 912 O  O      . HOH G 3 .  ? 11.69216  -4.15277  -9.22969  1.000 34.82612 ? 245 HOH B O      1 
HETATM 913 O  O      . HOH G 3 .  ? -3.28711  -7.70079  -3.45596  1.000 19.90225 ? 246 HOH B O      1 
HETATM 914 O  O      . HOH G 3 .  ? 7.16337   12.54163  4.25527   1.000 14.77735 ? 247 HOH B O      1 
HETATM 915 O  O      . HOH G 3 .  ? 5.54170   8.49270   10.09942  1.000 26.26953 ? 248 HOH B O      1 
HETATM 916 O  O      . HOH G 3 .  ? 0.23490   -3.61105  -0.11693  1.000 23.76147 ? 249 HOH B O      1 
HETATM 917 O  O      . HOH G 3 .  ? 10.76103  -7.88077  -14.46219 1.000 26.32544 ? 250 HOH B O      1 
HETATM 918 O  O      . HOH G 3 .  ? 17.25044  -8.79433  -8.73047  1.000 16.25260 ? 251 HOH B O      1 
HETATM 919 O  O      . HOH G 3 .  ? -1.65224  5.51339   12.83356  1.000 17.86237 ? 252 HOH B O      1 
HETATM 920 O  O      . HOH G 3 .  ? -6.68299  1.86068   9.94796   1.000 20.83774 ? 253 HOH B O      1 
HETATM 921 O  O      . HOH G 3 .  ? -8.73071  -0.55022  8.31093   1.000 22.62268 ? 254 HOH B O      1 
HETATM 922 O  O      . HOH G 3 .  ? -1.33824  6.91859   1.72922   1.000 26.08716 ? 255 HOH B O      1 
HETATM 923 O  O      . HOH G 3 .  ? 6.02306   -10.42726 -9.04829  1.000 26.16461 ? 256 HOH B O      1 
HETATM 924 O  O      . HOH G 3 .  ? -3.24187  -4.08663  11.30773  1.000 17.93595 ? 257 HOH B O      1 
HETATM 925 O  O      . HOH G 3 .  ? 5.10573   -11.07459 -6.22002  1.000 18.39317 ? 258 HOH B O      1 
HETATM 926 O  O      . HOH G 3 .  ? -4.20055  12.37956  0.61323   1.000 24.34473 ? 259 HOH B O      1 
HETATM 927 O  O      . HOH G 3 .  ? -0.39758  3.04133   3.97817   1.000 15.42893 ? 260 HOH B O      1 
HETATM 928 O  O      . HOH G 3 .  ? -0.83597  -12.12528 -12.20504 1.000 42.04862 ? 261 HOH B O      1 
HETATM 929 O  O      . HOH G 3 .  ? 0.25039   9.57313   1.62299   1.000 35.28278 ? 262 HOH B O      1 
HETATM 930 O  O      . HOH G 3 .  ? -10.73482 1.66692   6.30666   1.000 17.82786 ? 263 HOH B O      1 
HETATM 931 O  O      . HOH G 3 .  ? -9.66064  -10.32634 -0.08157  1.000 40.57884 ? 264 HOH B O      1 
HETATM 932 O  O      . HOH G 3 .  ? -5.03413  -11.09667 -4.22114  1.000 32.38278 ? 265 HOH B O      1 
HETATM 933 O  O      . HOH G 3 .  ? -1.43303  8.05057   11.82263  1.000 12.34062 ? 266 HOH B O      1 
HETATM 934 O  O      . HOH G 3 .  ? 12.36354  -9.34897  2.20138   1.000 20.57296 ? 267 HOH B O      1 
HETATM 935 O  O      . HOH G 3 .  ? -9.06789  -6.46419  6.73798   1.000 33.07316 ? 268 HOH B O      1 
HETATM 936 O  O      . HOH G 3 .  ? 15.15926  -10.83682 -11.36344 1.000 37.74370 ? 269 HOH B O      1 
HETATM 937 O  O      . HOH G 3 .  ? -6.66555  -3.66079  -11.39537 1.000 20.34768 ? 270 HOH B O      1 
HETATM 938 O  O      . HOH G 3 .  ? 7.44685   -3.21479  -12.82298 1.000 33.44459 ? 271 HOH B O      1 
HETATM 939 O  O      . HOH G 3 .  ? 7.41780   8.79659   8.25640   1.000 38.38654 ? 272 HOH B O      1 
HETATM 940 O  O      . HOH G 3 .  ? -5.64611  -7.04324  -13.63258 1.000 32.12664 ? 273 HOH B O      1 
HETATM 941 O  O      . HOH G 3 .  ? -10.59679 -0.78324  5.71287   1.000 35.53421 ? 274 HOH B O      1 
HETATM 942 O  O      . HOH G 3 .  ? 4.43124   2.72507   3.08418   1.000 44.06699 ? 275 HOH B O      1 
HETATM 943 O  O      . HOH G 3 .  ? 16.82620  -6.62452  -4.09242  1.000 19.97366 ? 276 HOH B O      1 
HETATM 944 O  O      . HOH G 3 .  ? 3.78252   13.32501  9.15457   1.000 32.14709 ? 277 HOH B O      1 
HETATM 945 O  O      . HOH G 3 .  ? -10.68324 1.35601   9.38394   1.000 36.83485 ? 278 HOH B O      1 
HETATM 946 O  O      . HOH G 3 .  ? -0.21766  3.78586   1.90245   1.000 13.86543 ? 279 HOH B O      1 
HETATM 947 O  O      . HOH G 3 .  ? 2.11888   0.56773   3.03959   1.000 24.56254 ? 280 HOH B O      1 
HETATM 948 O  O      . HOH G 3 .  ? 1.74267   -2.27426  2.66047   1.000 31.11741 ? 281 HOH B O      1 
HETATM 949 O  O      . HOH G 3 .  ? 1.15985   -10.84079 -5.88845  1.000 26.52436 ? 282 HOH B O      1 
HETATM 950 O  O      . HOH G 3 .  ? 0.44785   -9.35759  -3.36204  1.000 20.11341 ? 283 HOH B O      1 
# 
loop_
_atom_site_anisotrop.id 
_atom_site_anisotrop.type_symbol 
_atom_site_anisotrop.pdbx_label_atom_id 
_atom_site_anisotrop.pdbx_label_alt_id 
_atom_site_anisotrop.pdbx_label_comp_id 
_atom_site_anisotrop.pdbx_label_asym_id 
_atom_site_anisotrop.pdbx_label_seq_id 
_atom_site_anisotrop.pdbx_PDB_ins_code 
_atom_site_anisotrop.U[1][1] 
_atom_site_anisotrop.U[2][2] 
_atom_site_anisotrop.U[3][3] 
_atom_site_anisotrop.U[1][2] 
_atom_site_anisotrop.U[1][3] 
_atom_site_anisotrop.U[2][3] 
_atom_site_anisotrop.pdbx_auth_seq_id 
_atom_site_anisotrop.pdbx_auth_comp_id 
_atom_site_anisotrop.pdbx_auth_asym_id 
_atom_site_anisotrop.pdbx_auth_atom_id 
1   O  "O5'" . C   A 1  ? 0.18467 0.17309 0.13633 0.01115  0.04972  0.02703  1   C   A "O5'" 
2   C  "C5'" . C   A 1  ? 0.17842 0.14645 0.11772 0.01467  0.05186  0.01503  1   C   A "C5'" 
3   C  "C4'" . C   A 1  ? 0.17644 0.11416 0.10105 0.01097  0.04423  0.00524  1   C   A "C4'" 
4   O  "O4'" . C   A 1  ? 0.16951 0.09210 0.08729 0.00542  0.03945  -0.00056 1   C   A "O4'" 
5   C  "C3'" . C   A 1  ? 0.18539 0.10306 0.09956 0.02721  0.04261  -0.00555 1   C   A "C3'" 
6   O  "O3'" . C   A 1  ? 0.19866 0.10281 0.10664 0.03098  0.04844  -0.00911 1   C   A "O3'" 
7   C  "C2'" . C   A 1  ? 0.18292 0.11302 0.08740 0.00980  0.02994  -0.00105 1   C   A "C2'" 
8   O  "O2'" . C   A 1  ? 0.19262 0.11285 0.08118 0.00886  0.02580  0.00523  1   C   A "O2'" 
9   C  "C1'" . C   A 1  ? 0.17005 0.09403 0.08696 0.00669  0.03394  -0.00418 1   C   A "C1'" 
10  N  N1    . C   A 1  ? 0.14979 0.10875 0.08486 0.01054  0.03028  0.00138  1   C   A N1    
11  C  C2    . C   A 1  ? 0.14756 0.09740 0.08125 0.01879  0.01831  -0.00020 1   C   A C2    
12  O  O2    . C   A 1  ? 0.14182 0.11568 0.08308 0.01230  0.02141  0.00673  1   C   A O2    
13  N  N3    . C   A 1  ? 0.14314 0.09397 0.08637 0.02252  0.01675  -0.00525 1   C   A N3    
14  C  C4    . C   A 1  ? 0.12905 0.11035 0.09522 0.01676  0.01546  0.00209  1   C   A C4    
15  N  N4    . C   A 1  ? 0.12277 0.13233 0.10516 0.01161  0.00342  0.01664  1   C   A N4    
16  C  C5    . C   A 1  ? 0.13360 0.12131 0.10697 0.01208  0.03053  0.00994  1   C   A C5    
17  C  C6    . C   A 1  ? 0.14814 0.10387 0.10190 0.00829  0.03884  0.00414  1   C   A C6    
30  P  P     . G   A 2  ? 0.19980 0.11504 0.11605 0.01843  0.05662  -0.01144 2   G   A P     
31  O  OP1   . G   A 2  ? 0.21651 0.12297 0.14572 0.02421  0.06497  -0.02368 2   G   A OP1   
32  O  OP2   . G   A 2  ? 0.18993 0.11809 0.13022 0.03092  0.05409  0.00434  2   G   A OP2   
33  O  "O5'" . G   A 2  ? 0.19798 0.13408 0.08528 -0.01616 0.03945  -0.00813 2   G   A "O5'" 
34  C  "C5'" . G   A 2  ? 0.20440 0.13452 0.08038 -0.02039 0.03033  -0.00177 2   G   A "C5'" 
35  C  "C4'" . G   A 2  ? 0.20074 0.12643 0.08359 -0.00432 0.02221  -0.00712 2   G   A "C4'" 
36  O  "O4'" . G   A 2  ? 0.18956 0.11634 0.08838 0.01927  0.02215  -0.00486 2   G   A "O4'" 
37  C  "C3'" . G   A 2  ? 0.20047 0.11148 0.08786 0.01520  0.01687  -0.02185 2   G   A "C3'" 
38  O  "O3'" . G   A 2  ? 0.20879 0.13566 0.09114 -0.00078 0.01956  -0.03914 2   G   A "O3'" 
39  C  "C2'" . G   A 2  ? 0.18807 0.12260 0.09354 0.02810  0.00740  -0.00451 2   G   A "C2'" 
40  O  "O2'" . G   A 2  ? 0.18111 0.15192 0.09894 0.01309  -0.00086 0.00404  2   G   A "O2'" 
41  C  "C1'" . G   A 2  ? 0.18324 0.10319 0.08691 0.03410  0.01658  -0.00025 2   G   A "C1'" 
42  N  N9    . G   A 2  ? 0.17659 0.09924 0.08138 0.02698  0.02056  -0.00534 2   G   A N9    
43  C  C8    . G   A 2  ? 0.17181 0.11855 0.08546 0.01195  0.02172  0.01331  2   G   A C8    
44  N  N7    . G   A 2  ? 0.15741 0.10787 0.08463 0.00017  0.01752  0.01022  2   G   A N7    
45  C  C5    . G   A 2  ? 0.15936 0.08885 0.07930 0.02346  0.01479  -0.00187 2   G   A C5    
46  C  C6    . G   A 2  ? 0.16262 0.11821 0.07340 0.01391  0.01496  0.00424  2   G   A C6    
47  O  O6    . G   A 2  ? 0.15915 0.12897 0.07410 0.00697  0.02554  -0.00360 2   G   A O6    
48  N  N1    . G   A 2  ? 0.16008 0.09599 0.07367 0.02240  0.01656  0.00741  2   G   A N1    
49  C  C2    . G   A 2  ? 0.16745 0.10282 0.07764 0.01597  0.01295  0.01277  2   G   A C2    
50  N  N2    . G   A 2  ? 0.16773 0.10504 0.08210 0.02411  0.01309  0.00749  2   G   A N2    
51  N  N3    . G   A 2  ? 0.15805 0.09492 0.07252 0.02794  0.01138  0.01055  2   G   A N3    
52  C  C4    . G   A 2  ? 0.16692 0.10048 0.07457 0.02232  0.01653  -0.00230 2   G   A C4    
64  P  P     . C   A 3  ? 0.20905 0.13481 0.11025 0.00328  0.02836  -0.04786 3   C   A P     
65  O  OP1   . C   A 3  ? 0.23591 0.15419 0.11709 -0.01091 0.03898  -0.05089 3   C   A OP1   
66  O  OP2   . C   A 3  ? 0.20859 0.13076 0.14244 0.01198  0.02606  -0.03521 3   C   A OP2   
67  O  "O5'" . C   A 3  ? 0.18526 0.11322 0.09429 0.00693  0.00447  -0.02579 3   C   A "O5'" 
68  C  "C5'" . C   A 3  ? 0.17034 0.12330 0.08942 0.01475  -0.00784 -0.01506 3   C   A "C5'" 
69  C  "C4'" . C   A 3  ? 0.15563 0.11595 0.09086 0.02355  -0.01438 -0.01756 3   C   A "C4'" 
70  O  "O4'" . C   A 3  ? 0.15640 0.11091 0.08708 0.04029  -0.01969 -0.01261 3   C   A "O4'" 
71  C  "C3'" . C   A 3  ? 0.14874 0.12050 0.09895 0.02044  -0.02004 -0.02724 3   C   A "C3'" 
72  O  "O3'" . C   A 3  ? 0.14742 0.12045 0.11155 0.03695  -0.02106 -0.03331 3   C   A "O3'" 
73  C  "C2'" . C   A 3  ? 0.14551 0.14044 0.08980 0.01346  -0.01848 -0.01029 3   C   A "C2'" 
74  O  "O2'" . C   A 3  ? 0.15037 0.13360 0.09953 0.01985  -0.00464 -0.00957 3   C   A "O2'" 
75  C  "C1'" . C   A 3  ? 0.14914 0.13694 0.08246 0.02870  -0.02126 -0.01243 3   C   A "C1'" 
76  N  N1    . C   A 3  ? 0.14681 0.13244 0.07847 0.02279  -0.01378 -0.02825 3   C   A N1    
77  C  C2    . C   A 3  ? 0.14721 0.10669 0.08416 0.03581  -0.01710 -0.03092 3   C   A C2    
78  O  O2    . C   A 3  ? 0.14455 0.13306 0.07724 0.03803  -0.01416 -0.01705 3   C   A O2    
79  N  N3    . C   A 3  ? 0.15197 0.10547 0.08079 0.03997  -0.01456 -0.02433 3   C   A N3    
80  C  C4    . C   A 3  ? 0.15951 0.10209 0.08446 0.04169  -0.01014 -0.02485 3   C   A C4    
81  N  N4    . C   A 3  ? 0.16715 0.10233 0.09037 0.02865  -0.01351 -0.02320 3   C   A N4    
82  C  C5    . C   A 3  ? 0.16616 0.10998 0.07266 0.03717  -0.01596 -0.02465 3   C   A C5    
83  C  C6    . C   A 3  ? 0.16083 0.11309 0.08244 0.03133  -0.01204 -0.02516 3   C   A C6    
95  P  P     . G   A 4  ? 0.14467 0.13156 0.12208 0.04808  -0.03636 -0.04607 4   G   A P     
96  O  OP1   . G   A 4  ? 0.16857 0.13034 0.14226 0.03144  -0.03115 -0.05317 4   G   A OP1   
97  O  OP2   . G   A 4  ? 0.13807 0.13982 0.13944 0.05060  -0.02343 -0.03805 4   G   A OP2   
98  O  "O5'" . G   A 4  ? 0.16225 0.15940 0.12873 0.02900  -0.03815 -0.01817 4   G   A "O5'" 
99  C  "C5'" . G   A 4  ? 0.17919 0.15879 0.13741 0.01976  -0.03983 -0.01532 4   G   A "C5'" 
100 C  "C4'" . G   A 4  ? 0.18884 0.16452 0.14291 0.02062  -0.04853 -0.00966 4   G   A "C4'" 
101 O  "O4'" . G   A 4  ? 0.18524 0.16768 0.14628 0.00007  -0.04606 -0.02276 4   G   A "O4'" 
102 C  "C3'" . G   A 4  ? 0.20380 0.15929 0.14931 0.03797  -0.05266 -0.00169 4   G   A "C3'" 
103 O  "O3'" . G   A 4  ? 0.23001 0.15260 0.16244 0.04788  -0.06343 -0.00874 4   G   A "O3'" 
104 C  "C2'" . G   A 4  ? 0.19007 0.17487 0.14425 0.02819  -0.04140 -0.00404 4   G   A "C2'" 
105 O  "O2'" . G   A 4  ? 0.18631 0.18863 0.15841 0.01307  -0.03249 -0.00612 4   G   A "O2'" 
106 C  "C1'" . G   A 4  ? 0.18338 0.16796 0.13914 0.01793  -0.04263 -0.01467 4   G   A "C1'" 
107 N  N9    . G   A 4  ? 0.17220 0.15495 0.13463 0.02790  -0.03822 -0.01755 4   G   A N9    
108 C  C8    . G   A 4  ? 0.16602 0.15789 0.13336 0.03897  -0.04463 -0.02049 4   G   A C8    
109 N  N7    . G   A 4  ? 0.16746 0.14637 0.12633 0.03499  -0.04770 -0.03103 4   G   A N7    
110 C  C5    . G   A 4  ? 0.16948 0.14034 0.11809 0.04116  -0.04055 -0.01965 4   G   A C5    
111 C  C6    . G   A 4  ? 0.16220 0.11977 0.11332 0.04977  -0.03255 -0.02435 4   G   A C6    
112 O  O6    . G   A 4  ? 0.14865 0.11689 0.11164 0.04681  -0.03574 -0.03338 4   G   A O6    
113 N  N1    . G   A 4  ? 0.17027 0.14493 0.11418 0.02888  -0.02429 -0.01897 4   G   A N1    
114 C  C2    . G   A 4  ? 0.17307 0.14806 0.12209 0.02651  -0.01991 -0.01241 4   G   A C2    
115 N  N2    . G   A 4  ? 0.17727 0.18189 0.12462 0.01823  -0.01450 -0.00528 4   G   A N2    
116 N  N3    . G   A 4  ? 0.17854 0.14185 0.12983 0.02674  -0.02352 -0.01462 4   G   A N3    
117 C  C4    . G   A 4  ? 0.17398 0.13668 0.12802 0.03287  -0.03265 -0.02303 4   G   A C4    
129 P  P     . A   A 5  ? 0.25790 0.17118 0.17622 0.06805  -0.06257 -0.01198 5   A   A P     
130 O  OP1   . A   A 5  ? 0.26978 0.17021 0.19255 0.06711  -0.06494 -0.01322 5   A   A OP1   
131 O  OP2   . A   A 5  ? 0.26457 0.19398 0.18590 0.09352  -0.05310 0.00136  5   A   A OP2   
132 O  "O5'" . A   A 5  ? 0.22132 0.16792 0.15367 0.05830  -0.05700 0.00229  5   A   A "O5'" 
133 C  "C5'" . A   A 5  ? 0.18961 0.17086 0.14713 0.03175  -0.04393 0.00060  5   A   A "C5'" 
134 C  "C4'" . A   A 5  ? 0.16517 0.16504 0.14650 0.02495  -0.02968 0.00191  5   A   A "C4'" 
135 O  "O4'" . A   A 5  ? 0.16108 0.16726 0.14701 0.02438  -0.02231 0.00170  5   A   A "O4'" 
136 C  "C3'" . A   A 5  ? 0.16492 0.14353 0.14757 0.01904  -0.02759 -0.00361 5   A   A "C3'" 
137 O  "O3'" . A   A 5  ? 0.17579 0.14505 0.16465 0.00713  -0.02676 0.00406  5   A   A "O3'" 
138 C  "C2'" . A   A 5  ? 0.16533 0.13930 0.13648 0.02652  -0.02042 -0.00572 5   A   A "C2'" 
139 O  "O2'" . A   A 5  ? 0.17613 0.19471 0.13170 0.00692  -0.00601 0.00902  5   A   A "O2'" 
140 C  "C1'" . A   A 5  ? 0.15613 0.13791 0.13685 0.02895  -0.02512 -0.01599 5   A   A "C1'" 
141 N  N9    . A   A 5  ? 0.15141 0.12891 0.12856 0.03914  -0.02490 -0.01176 5   A   A N9    
142 C  C8    . A   A 5  ? 0.14853 0.12917 0.12321 0.04718  -0.02786 -0.00521 5   A   A C8    
143 N  N7    . A   A 5  ? 0.15239 0.12877 0.10917 0.05276  -0.03095 -0.00058 5   A   A N7    
144 C  C5    . A   A 5  ? 0.14982 0.13691 0.10860 0.03685  -0.02450 -0.01017 5   A   A C5    
145 C  C6    . A   A 5  ? 0.14566 0.13187 0.10920 0.03818  -0.02230 -0.02970 5   A   A C6    
146 N  N6    . A   A 5  ? 0.13488 0.13254 0.11442 0.03846  -0.01414 -0.02181 5   A   A N6    
147 N  N1    . A   A 5  ? 0.15093 0.13990 0.10279 0.04599  -0.02267 -0.03002 5   A   A N1    
148 C  C2    . A   A 5  ? 0.15749 0.14027 0.10805 0.04512  -0.01808 -0.02386 5   A   A C2    
149 N  N3    . A   A 5  ? 0.15880 0.13815 0.10989 0.04033  -0.01449 -0.00839 5   A   A N3    
150 C  C4    . A   A 5  ? 0.14993 0.13291 0.11470 0.03924  -0.02136 -0.01058 5   A   A C4    
162 P  P     . A   A 6  ? 0.19042 0.12731 0.18216 0.00053  -0.03958 0.00063  6   A   A P     
163 O  OP1   . A   A 6  ? 0.20788 0.15919 0.20999 -0.01944 -0.02352 0.01738  6   A   A OP1   
164 O  OP2   . A   A 6  ? 0.20443 0.12409 0.18845 0.02288  -0.04409 -0.01607 6   A   A OP2   
165 O  "O5'" . A   A 6  ? 0.16802 0.13091 0.14741 0.00619  -0.03681 0.00828  6   A   A "O5'" 
166 C  "C5'" . A   A 6  ? 0.16023 0.15340 0.12116 0.01222  -0.02497 0.03487  6   A   A "C5'" 
167 C  "C4'" . A   A 6  ? 0.15464 0.13691 0.09821 0.01390  -0.01388 0.02384  6   A   A "C4'" 
168 O  "O4'" . A   A 6  ? 0.15385 0.12677 0.09701 0.01695  0.00990  0.03339  6   A   A "O4'" 
169 C  "C3'" . A   A 6  ? 0.15161 0.09704 0.09074 0.02394  -0.00001 0.00544  6   A   A "C3'" 
170 O  "O3'" . A   A 6  ? 0.16220 0.09262 0.08287 0.03339  0.00925  0.00479  6   A   A "O3'" 
171 C  "C2'" . A   A 6  ? 0.15154 0.10375 0.08535 0.02416  0.00036  0.00328  6   A   A "C2'" 
172 O  "O2'" . A   A 6  ? 0.15507 0.12241 0.08028 0.02463  -0.00276 0.00222  6   A   A "O2'" 
173 C  "C1'" . A   A 6  ? 0.14494 0.10082 0.09373 0.02315  0.00661  0.00040  6   A   A "C1'" 
174 N  N9    . A   A 6  ? 0.13580 0.10842 0.08298 0.02023  0.00135  0.00186  6   A   A N9    
175 C  C8    . A   A 6  ? 0.13965 0.09673 0.08393 0.02104  -0.00392 0.00441  6   A   A C8    
176 N  N7    . A   A 6  ? 0.13876 0.10461 0.08998 0.01548  0.00374  0.01100  6   A   A N7    
177 C  C5    . A   A 6  ? 0.13794 0.09369 0.09255 0.02874  0.00035  0.00260  6   A   A C5    
178 C  C6    . A   A 6  ? 0.14102 0.09304 0.10409 0.03398  0.00641  0.00567  6   A   A C6    
179 N  N6    . A   A 6  ? 0.14956 0.10792 0.10629 0.02699  0.00929  0.01498  6   A   A N6    
180 N  N1    . A   A 6  ? 0.13211 0.10498 0.11582 0.03151  -0.00156 0.01103  6   A   A N1    
181 C  C2    . A   A 6  ? 0.12835 0.10967 0.11319 0.02941  -0.00917 0.00964  6   A   A C2    
182 N  N3    . A   A 6  ? 0.13030 0.10509 0.10294 0.02342  -0.00765 -0.00421 6   A   A N3    
183 C  C4    . A   A 6  ? 0.12873 0.09473 0.08580 0.02799  -0.00763 0.00693  6   A   A C4    
195 N  N1    . B8H A 7  ? 0.17111 0.11894 0.09552 0.03794  0.01635  0.01932  7   B8H A N1    
196 C  C2    . B8H A 7  ? 0.17810 0.11243 0.10381 0.04647  0.02017  0.00846  7   B8H A C2    
197 C  C4    . B8H A 7  ? 0.18363 0.10245 0.12613 0.02333  0.03017  -0.00377 7   B8H A C4    
198 C  "C1'" . B8H A 7  ? 0.17073 0.12344 0.10030 0.03152  0.02878  0.01569  7   B8H A "C1'" 
199 C  "C2'" . B8H A 7  ? 0.16828 0.14973 0.09712 0.02370  0.02681  0.03151  7   B8H A "C2'" 
200 C  "C3'" . B8H A 7  ? 0.15942 0.15365 0.08918 0.01837  0.02460  0.03563  7   B8H A "C3'" 
201 C  "C4'" . B8H A 7  ? 0.16589 0.14457 0.09610 0.02539  0.02785  0.02942  7   B8H A "C4'" 
202 C  C5    . B8H A 7  ? 0.17329 0.12598 0.10659 0.02692  0.02984  0.01010  7   B8H A C5    
203 C  "C5'" . B8H A 7  ? 0.16566 0.13347 0.08445 0.03111  0.02761  0.03205  7   B8H A "C5'" 
204 C  C6    . B8H A 7  ? 0.16835 0.11880 0.09418 0.04119  0.01991  0.01334  7   B8H A C6    
205 C  CN1   . B8H A 7  ? 0.17732 0.12408 0.10093 0.02742  0.01006  0.01244  7   B8H A CN1   
206 N  N3    . B8H A 7  ? 0.18681 0.12030 0.12049 0.03031  0.02773  0.00914  7   B8H A N3    
207 O  O2    . B8H A 7  ? 0.18034 0.13840 0.11370 0.03875  0.02006  0.02328  7   B8H A O2    
208 O  "O2'" . B8H A 7  ? 0.16582 0.16076 0.10926 0.01955  0.03714  0.01590  7   B8H A "O2'" 
209 O  "O3'" . B8H A 7  ? 0.16103 0.13908 0.09805 0.03614  0.01921  0.03969  7   B8H A "O3'" 
210 O  O4    . B8H A 7  ? 0.19262 0.14705 0.13873 -0.00363 0.02834  0.01593  7   B8H A O4    
211 O  "O4'" . B8H A 7  ? 0.17249 0.12506 0.10000 0.03875  0.03044  0.02024  7   B8H A "O4'" 
212 O  "O5'" . B8H A 7  ? 0.17188 0.11892 0.08901 0.02206  0.02541  0.02663  7   B8H A "O5'" 
213 O  OP1   . B8H A 7  ? 0.19202 0.12972 0.11969 0.01260  0.02200  0.03520  7   B8H A OP1   
214 O  OP2   . B8H A 7  ? 0.18341 0.13460 0.10007 0.01746  -0.00477 0.00977  7   B8H A OP2   
215 P  P     . B8H A 7  ? 0.17670 0.10917 0.09399 0.01904  0.01571  0.01473  7   B8H A P     
228 P  P     . U   A 8  ? 0.16024 0.14366 0.11586 0.04864  0.02221  0.03179  8   U   A P     
229 O  OP1   . U   A 8  ? 0.17252 0.17047 0.12559 0.05667  0.00772  0.05739  8   U   A OP1   
230 O  OP2   . U   A 8  ? 0.16003 0.15687 0.13397 0.03315  0.02986  0.01099  8   U   A OP2   
231 O  "O5'" . U   A 8  ? 0.15105 0.15259 0.09187 0.03375  0.01712  0.01256  8   U   A "O5'" 
232 C  "C5'" . U   A 8  ? 0.15264 0.15656 0.08892 0.03523  0.01302  0.01014  8   U   A "C5'" 
233 C  "C4'" . U   A 8  ? 0.13885 0.14350 0.08724 0.04094  0.00682  -0.00078 8   U   A "C4'" 
234 O  "O4'" . U   A 8  ? 0.14107 0.13402 0.08367 0.04947  0.00193  -0.00271 8   U   A "O4'" 
235 C  "C3'" . U   A 8  ? 0.13797 0.13533 0.09298 0.03515  0.00401  -0.00533 8   U   A "C3'" 
236 O  "O3'" . U   A 8  ? 0.14203 0.12553 0.10124 0.04043  -0.00038 -0.00539 8   U   A "O3'" 
237 C  "C2'" . U   A 8  ? 0.13558 0.11903 0.08482 0.03063  -0.00007 -0.01575 8   U   A "C2'" 
238 O  "O2'" . U   A 8  ? 0.13846 0.13047 0.08451 0.01321  0.00101  -0.00473 8   U   A "O2'" 
239 C  "C1'" . U   A 8  ? 0.13528 0.12706 0.07895 0.04005  -0.00137 -0.00147 8   U   A "C1'" 
240 N  N1    . U   A 8  ? 0.13363 0.10325 0.07481 0.04352  0.00487  -0.01244 8   U   A N1    
241 C  C2    . U   A 8  ? 0.13963 0.08371 0.06904 0.04519  0.00371  -0.01223 8   U   A C2    
242 O  O2    . U   A 8  ? 0.13807 0.10482 0.07624 0.02534  -0.00313 0.00744  8   U   A O2    
243 N  N3    . U   A 8  ? 0.14048 0.11424 0.06787 0.03350  0.00924  0.01376  8   U   A N3    
244 C  C4    . U   A 8  ? 0.14647 0.13401 0.07888 0.03829  0.01842  0.00210  8   U   A C4    
245 O  O4    . U   A 8  ? 0.14342 0.14815 0.07976 0.03691  0.00935  0.00896  8   U   A O4    
246 C  C5    . U   A 8  ? 0.14864 0.13100 0.07255 0.04026  0.01461  -0.00021 8   U   A C5    
247 C  C6    . U   A 8  ? 0.13755 0.10941 0.07585 0.04739  0.01150  -0.01039 8   U   A C6    
258 P  P     . A   A 9  ? 0.15376 0.12631 0.14067 0.02546  0.01687  0.00732  9   A   A P     
259 O  OP1   . A   A 9  ? 0.17655 0.16263 0.12874 0.00179  0.01471  0.01700  9   A   A OP1   
260 O  OP2   . A   A 9  ? 0.16506 0.12137 0.16556 0.01076  0.03170  0.00940  9   A   A OP2   
261 O  "O5'" . A   A 9  ? 0.13186 0.15700 0.11085 0.01500  -0.00455 0.02341  9   A   A "O5'" 
262 C  "C5'" . A   A 9  ? 0.13238 0.15965 0.10635 0.02445  -0.00765 0.00771  9   A   A "C5'" 
263 C  "C4'" . A   A 9  ? 0.13505 0.14936 0.10159 0.03910  -0.01722 -0.01705 9   A   A "C4'" 
264 O  "O4'" . A   A 9  ? 0.14336 0.15105 0.10429 0.02452  -0.01999 -0.03406 9   A   A "O4'" 
265 C  "C3'" . A   A 9  ? 0.13398 0.14084 0.08962 0.04189  -0.02541 -0.03307 9   A   A "C3'" 
266 O  "O3'" . A   A 9  ? 0.14020 0.16273 0.09130 0.04784  -0.02492 -0.03173 9   A   A "O3'" 
267 C  "C2'" . A   A 9  ? 0.13268 0.15501 0.09890 0.01932  -0.02115 -0.02967 9   A   A "C2'" 
268 O  "O2'" . A   A 9  ? 0.13978 0.17952 0.11437 0.01022  -0.00494 -0.01917 9   A   A "O2'" 
269 C  "C1'" . A   A 9  ? 0.13930 0.15020 0.10214 0.02334  -0.01935 -0.02794 9   A   A "C1'" 
270 N  N9    . A   A 9  ? 0.14053 0.13447 0.08891 0.02723  -0.01996 -0.02174 9   A   A N9    
271 C  C8    . A   A 9  ? 0.14674 0.11467 0.08876 0.04648  -0.02620 -0.02657 9   A   A C8    
272 N  N7    . A   A 9  ? 0.14377 0.12057 0.07550 0.04072  -0.02170 -0.01734 9   A   A N7    
273 C  C5    . A   A 9  ? 0.14276 0.10444 0.08095 0.03143  -0.00686 -0.02586 9   A   A C5    
274 C  C6    . A   A 9  ? 0.13979 0.11200 0.08305 0.03112  0.00024  -0.02525 9   A   A C6    
275 N  N6    . A   A 9  ? 0.13465 0.09891 0.08195 0.04477  -0.01160 -0.02739 9   A   A N6    
276 N  N1    . A   A 9  ? 0.14036 0.10412 0.07956 0.03077  -0.00066 -0.02840 9   A   A N1    
277 C  C2    . A   A 9  ? 0.14435 0.11034 0.09261 0.02021  -0.00217 -0.00917 9   A   A C2    
278 N  N3    . A   A 9  ? 0.14918 0.10474 0.09152 0.02522  -0.00602 -0.01562 9   A   A N3    
279 C  C4    . A   A 9  ? 0.14062 0.10225 0.08409 0.03344  -0.01043 -0.02416 9   A   A C4    
291 P  P     . G   A 10 ? 0.16566 0.15257 0.09755 0.05993  -0.02881 -0.03562 10  G   A P     
292 O  OP1   . G   A 10 ? 0.18864 0.16767 0.11748 0.07993  -0.01744 -0.02430 10  G   A OP1   
293 O  OP2   . G   A 10 ? 0.17640 0.14658 0.10237 0.02864  -0.01678 -0.01688 10  G   A OP2   
294 O  "O5'" . G   A 10 ? 0.14759 0.15618 0.08338 0.05283  -0.02883 -0.02722 10  G   A "O5'" 
295 C  "C5'" . G   A 10 ? 0.14187 0.15295 0.08692 0.04532  -0.01909 -0.02005 10  G   A "C5'" 
296 C  "C4'" . G   A 10 ? 0.14034 0.13953 0.08731 0.03935  -0.01514 -0.00542 10  G   A "C4'" 
297 O  "O4'" . G   A 10 ? 0.13873 0.12693 0.09696 0.02024  -0.01196 -0.01652 10  G   A "O4'" 
298 C  "C3'" . G   A 10 ? 0.14019 0.12901 0.07882 0.01785  -0.01314 -0.01406 10  G   A "C3'" 
299 O  "O3'" . G   A 10 ? 0.14742 0.13405 0.07464 0.01399  0.00526  -0.02061 10  G   A "O3'" 
300 C  "C2'" . G   A 10 ? 0.15062 0.12736 0.07624 0.01484  -0.00973 -0.00417 10  G   A "C2'" 
301 O  "O2'" . G   A 10 ? 0.16847 0.13064 0.08791 0.00583  -0.00717 0.00488  10  G   A "O2'" 
302 C  "C1'" . G   A 10 ? 0.14730 0.12292 0.08135 0.02228  -0.01336 -0.01029 10  G   A "C1'" 
303 N  N9    . G   A 10 ? 0.14792 0.11605 0.08179 0.02346  -0.01043 -0.01348 10  G   A N9    
304 C  C8    . G   A 10 ? 0.14760 0.12380 0.08783 0.02493  -0.00326 -0.01533 10  G   A C8    
305 N  N7    . G   A 10 ? 0.14616 0.10762 0.07804 0.03514  -0.00732 -0.00392 10  G   A N7    
306 C  C5    . G   A 10 ? 0.13700 0.09651 0.07259 0.03544  -0.00667 -0.01581 10  G   A C5    
307 C  C6    . G   A 10 ? 0.14832 0.07791 0.08055 0.04803  -0.00513 -0.00763 10  G   A C6    
308 O  O6    . G   A 10 ? 0.15920 0.09694 0.07473 0.04541  -0.00936 0.00330  10  G   A O6    
309 N  N1    . G   A 10 ? 0.14004 0.08457 0.08223 0.03879  0.00064  -0.00752 10  G   A N1    
310 C  C2    . G   A 10 ? 0.14147 0.08908 0.07769 0.03863  0.00127  -0.01339 10  G   A C2    
311 N  N2    . G   A 10 ? 0.13627 0.11124 0.08113 0.03083  0.00446  0.00361  10  G   A N2    
312 N  N3    . G   A 10 ? 0.14118 0.10427 0.07047 0.03570  0.00099  -0.01786 10  G   A N3    
313 C  C4    . G   A 10 ? 0.13813 0.10107 0.07388 0.02915  -0.00783 -0.02091 10  G   A C4    
325 P  P     . C   A 11 ? 0.14516 0.12375 0.09008 0.02231  0.00926  -0.01207 11  C   A P     
326 O  OP1   . C   A 11 ? 0.13696 0.14605 0.12400 0.03063  0.01116  -0.00982 11  C   A OP1   
327 O  OP2   . C   A 11 ? 0.17064 0.11889 0.10408 0.00878  0.02039  -0.00450 11  C   A OP2   
328 O  "O5'" . C   A 11 ? 0.15021 0.14261 0.07890 0.00302  0.01690  -0.00638 11  C   A "O5'" 
329 C  "C5'" . C   A 11 ? 0.14939 0.15147 0.08263 -0.00876 0.01998  -0.01255 11  C   A "C5'" 
330 C  "C4'" . C   A 11 ? 0.15052 0.13364 0.07889 -0.00733 0.00536  -0.02571 11  C   A "C4'" 
331 O  "O4'" . C   A 11 ? 0.15880 0.11762 0.08872 0.00346  0.01789  -0.01555 11  C   A "O4'" 
332 C  "C3'" . C   A 11 ? 0.14872 0.11652 0.08819 0.01246  0.00765  -0.02384 11  C   A "C3'" 
333 O  "O3'" . C   A 11 ? 0.14794 0.13430 0.08132 0.00734  0.01301  -0.00281 11  C   A "O3'" 
334 C  "C2'" . C   A 11 ? 0.15108 0.11103 0.09060 0.01834  0.00995  -0.00644 11  C   A "C2'" 
335 O  "O2'" . C   A 11 ? 0.16485 0.12396 0.09769 0.00499  0.00267  -0.00166 11  C   A "O2'" 
336 C  "C1'" . C   A 11 ? 0.15156 0.10013 0.09437 -0.00086 0.01583  -0.00960 11  C   A "C1'" 
337 N  N1    . C   A 11 ? 0.13952 0.10039 0.09526 -0.00257 0.01569  -0.00983 11  C   A N1    
338 C  C2    . C   A 11 ? 0.14377 0.08406 0.10526 0.00254  0.02033  -0.00333 11  C   A C2    
339 O  O2    . C   A 11 ? 0.15409 0.11364 0.11351 0.00365  0.02805  0.00466  11  C   A O2    
340 N  N3    . C   A 11 ? 0.14011 0.08240 0.10504 0.00233  0.02040  -0.00788 11  C   A N3    
341 C  C4    . C   A 11 ? 0.13492 0.10918 0.10057 0.00086  0.02290  -0.00329 11  C   A C4    
342 N  N4    . C   A 11 ? 0.14059 0.11204 0.09249 0.00717  0.01589  0.00346  11  C   A N4    
343 C  C5    . C   A 11 ? 0.12671 0.10724 0.10546 0.00492  0.02802  -0.01428 11  C   A C5    
344 C  C6    . C   A 11 ? 0.12688 0.10051 0.10300 0.00342  0.02300  -0.00769 11  C   A C6    
356 P  P     . G   A 12 ? 0.15969 0.12839 0.07681 0.02707  0.01116  -0.00826 12  G   A P     
357 O  OP1   . G   A 12 ? 0.16506 0.13791 0.09094 0.02499  0.01130  -0.01286 12  G   A OP1   
358 O  OP2   . G   A 12 ? 0.17643 0.14623 0.09341 0.03219  0.00746  0.00556  12  G   A OP2   
359 O  "O5'" . G   A 12 ? 0.15854 0.13138 0.06822 0.00541  0.00244  -0.00605 12  G   A "O5'" 
360 C  "C5'" . G   A 12 ? 0.15346 0.12705 0.06423 -0.00260 -0.00301 -0.00594 12  G   A "C5'" 
361 C  "C4'" . G   A 12 ? 0.16263 0.11007 0.06450 -0.00276 0.00925  -0.01485 12  G   A "C4'" 
362 O  "O4'" . G   A 12 ? 0.16716 0.11334 0.06439 0.00477  0.02756  -0.00426 12  G   A "O4'" 
363 C  "C3'" . G   A 12 ? 0.15456 0.10648 0.07340 -0.00070 0.00582  -0.01195 12  G   A "C3'" 
364 O  "O3'" . G   A 12 ? 0.15736 0.11782 0.08382 -0.00661 0.01006  -0.01900 12  G   A "O3'" 
365 C  "C2'" . G   A 12 ? 0.15956 0.11465 0.07969 0.01385  0.01232  0.01323  12  G   A "C2'" 
366 O  "O2'" . G   A 12 ? 0.16075 0.14642 0.09251 -0.00014 0.01369  0.01488  12  G   A "O2'" 
367 C  "C1'" . G   A 12 ? 0.16320 0.09622 0.06608 0.02267  0.02103  -0.00062 12  G   A "C1'" 
368 N  N9    . G   A 12 ? 0.15729 0.09601 0.07546 0.00288  0.02032  0.00639  12  G   A N9    
369 C  C8    . G   A 12 ? 0.16266 0.08798 0.09010 0.00285  0.02525  -0.00474 12  G   A C8    
370 N  N7    . G   A 12 ? 0.16064 0.10031 0.08936 -0.01347 0.02812  -0.00733 12  G   A N7    
371 C  C5    . G   A 12 ? 0.14971 0.08504 0.07981 -0.00834 0.01373  -0.01318 12  G   A C5    
372 C  C6    . G   A 12 ? 0.14258 0.09372 0.07990 0.00192  0.00990  -0.01109 12  G   A C6    
373 O  O6    . G   A 12 ? 0.14284 0.11586 0.07639 0.00073  0.02112  -0.00700 12  G   A O6    
374 N  N1    . G   A 12 ? 0.14135 0.08998 0.07642 -0.00229 0.01086  -0.00600 12  G   A N1    
375 C  C2    . G   A 12 ? 0.13732 0.09974 0.07681 0.00308  0.00612  -0.00170 12  G   A C2    
376 N  N2    . G   A 12 ? 0.14074 0.10330 0.08910 0.00479  0.00926  -0.01085 12  G   A N2    
377 N  N3    . G   A 12 ? 0.13919 0.10790 0.07774 -0.00041 0.00868  0.00580  12  G   A N3    
378 C  C4    . G   A 12 ? 0.14690 0.08627 0.07882 0.00370  0.01673  -0.00838 12  G   A C4    
391 O  "O5'" . C   B 1  ? 0.19905 0.18958 0.10877 -0.02116 0.03890  -0.01614 21  C   B "O5'" 
392 C  "C5'" . C   B 1  ? 0.19006 0.16985 0.10141 -0.00886 0.03666  -0.00550 21  C   B "C5'" 
393 C  "C4'" . C   B 1  ? 0.17497 0.12213 0.10229 -0.00159 0.03158  -0.00124 21  C   B "C4'" 
394 O  "O4'" . C   B 1  ? 0.16345 0.13056 0.11088 -0.01867 0.03382  0.00871  21  C   B "O4'" 
395 C  "C3'" . C   B 1  ? 0.15779 0.09719 0.10753 0.00268  0.02439  -0.00626 21  C   B "C3'" 
396 O  "O3'" . C   B 1  ? 0.15299 0.11023 0.11748 0.01483  0.03292  -0.00260 21  C   B "O3'" 
397 C  "C2'" . C   B 1  ? 0.15354 0.10960 0.10499 0.00627  0.01617  -0.01376 21  C   B "C2'" 
398 O  "O2'" . C   B 1  ? 0.15396 0.12293 0.11191 0.00522  0.01341  -0.01135 21  C   B "O2'" 
399 C  "C1'" . C   B 1  ? 0.15546 0.10731 0.10567 -0.01153 0.02777  -0.00438 21  C   B "C1'" 
400 N  N1    . C   B 1  ? 0.14981 0.10797 0.09025 -0.01389 0.02843  -0.00117 21  C   B N1    
401 C  C2    . C   B 1  ? 0.14687 0.09950 0.08944 -0.01259 0.02535  -0.00021 21  C   B C2    
402 O  O2    . C   B 1  ? 0.15430 0.13042 0.08243 -0.02088 0.01999  0.00329  21  C   B O2    
403 N  N3    . C   B 1  ? 0.15388 0.09779 0.08978 0.00317  0.01664  0.00538  21  C   B N3    
404 C  C4    . C   B 1  ? 0.15539 0.12978 0.08023 0.00730  0.01614  0.00684  21  C   B C4    
405 N  N4    . C   B 1  ? 0.15101 0.13377 0.08200 0.00996  0.01661  -0.00007 21  C   B N4    
406 C  C5    . C   B 1  ? 0.15330 0.13279 0.07249 0.01978  0.01577  0.00959  21  C   B C5    
407 C  C6    . C   B 1  ? 0.15574 0.10542 0.08379 0.02164  0.01931  0.00793  21  C   B C6    
420 P  P     . G   B 2  ? 0.16540 0.12283 0.12565 0.01873  0.01946  -0.00904 22  G   B P     
421 O  OP1   . G   B 2  ? 0.17913 0.14650 0.14935 0.04119  0.03776  -0.00848 22  G   B OP1   
422 O  OP2   . G   B 2  ? 0.18524 0.12594 0.14032 -0.00351 0.00083  -0.01194 22  G   B OP2   
423 O  "O5'" . G   B 2  ? 0.14549 0.13106 0.11928 0.01402  0.00305  0.01787  22  G   B "O5'" 
424 C  "C5'" . G   B 2  ? 0.13477 0.15375 0.12357 0.00357  0.00422  0.02168  22  G   B "C5'" 
425 C  "C4'" . G   B 2  ? 0.13651 0.15041 0.12175 0.01151  0.01045  0.01525  22  G   B "C4'" 
426 O  "O4'" . G   B 2  ? 0.14213 0.12194 0.13991 0.01649  0.02249  0.00176  22  G   B "O4'" 
427 C  "C3'" . G   B 2  ? 0.13740 0.15247 0.12243 0.03407  0.01158  0.01427  22  G   B "C3'" 
428 O  "O3'" . G   B 2  ? 0.14190 0.16117 0.14192 0.05713  0.01977  0.03021  22  G   B "O3'" 
429 C  "C2'" . G   B 2  ? 0.14188 0.14257 0.12270 0.02433  0.00899  0.00070  22  G   B "C2'" 
430 O  "O2'" . G   B 2  ? 0.15044 0.16844 0.11623 0.01841  0.00517  0.01107  22  G   B "O2'" 
431 C  "C1'" . G   B 2  ? 0.14056 0.12447 0.13075 0.01899  0.01741  0.00419  22  G   B "C1'" 
432 N  N9    . G   B 2  ? 0.13947 0.11001 0.13020 0.03359  0.02943  0.00714  22  G   B N9    
433 C  C8    . G   B 2  ? 0.14604 0.11418 0.13563 0.04412  0.03408  0.02573  22  G   B C8    
434 N  N7    . G   B 2  ? 0.13923 0.12505 0.13116 0.02474  0.03185  0.02923  22  G   B N7    
435 C  C5    . G   B 2  ? 0.13632 0.10444 0.13166 0.01598  0.03200  0.00887  22  G   B C5    
436 C  C6    . G   B 2  ? 0.13610 0.10657 0.12002 0.01290  0.03182  0.01237  22  G   B C6    
437 O  O6    . G   B 2  ? 0.13655 0.13412 0.10726 0.00905  0.02414  0.02280  22  G   B O6    
438 N  N1    . G   B 2  ? 0.14023 0.08231 0.11139 0.00823  0.02534  0.00245  22  G   B N1    
439 C  C2    . G   B 2  ? 0.14583 0.08769 0.12131 0.01158  0.02936  -0.00562 22  G   B C2    
440 N  N2    . G   B 2  ? 0.14575 0.10908 0.12532 0.00520  0.03213  -0.00077 22  G   B N2    
441 N  N3    . G   B 2  ? 0.14002 0.10011 0.12444 0.01052  0.03468  0.00085  22  G   B N3    
442 C  C4    . G   B 2  ? 0.13727 0.09746 0.12747 0.01967  0.02956  0.00053  22  G   B C4    
454 P  P     . C   B 3  ? 0.15493 0.15880 0.15275 0.05608  0.03244  0.03953  23  C   B P     
455 O  OP1   . C   B 3  ? 0.15159 0.19570 0.18464 0.05247  0.03783  0.07288  23  C   B OP1   
456 O  OP2   . C   B 3  ? 0.17792 0.13483 0.14913 0.05612  0.03790  0.01670  23  C   B OP2   
457 O  "O5'" . C   B 3  ? 0.14543 0.15521 0.12531 0.05137  0.01451  0.03901  23  C   B "O5'" 
458 C  "C5'" . C   B 3  ? 0.14319 0.17849 0.11285 0.03300  0.00867  0.03317  23  C   B "C5'" 
459 C  "C4'" . C   B 3  ? 0.14489 0.14273 0.09707 0.04219  -0.00715 0.00815  23  C   B "C4'" 
460 O  "O4'" . C   B 3  ? 0.13757 0.13847 0.09433 0.03104  -0.01609 0.00775  23  C   B "O4'" 
461 C  "C3'" . C   B 3  ? 0.15498 0.12158 0.09985 0.06380  -0.00079 -0.00269 23  C   B "C3'" 
462 O  "O3'" . C   B 3  ? 0.16937 0.12369 0.10056 0.07066  -0.00531 -0.01619 23  C   B "O3'" 
463 C  "C2'" . C   B 3  ? 0.15269 0.11964 0.07793 0.05215  -0.00889 -0.00253 23  C   B "C2'" 
464 O  "O2'" . C   B 3  ? 0.16610 0.13650 0.07645 0.03095  0.00578  0.00921  23  C   B "O2'" 
465 C  "C1'" . C   B 3  ? 0.14228 0.11225 0.08386 0.04640  -0.00922 -0.00008 23  C   B "C1'" 
466 N  N1    . C   B 3  ? 0.14794 0.11264 0.07101 0.04451  -0.00443 0.00903  23  C   B N1    
467 C  C2    . C   B 3  ? 0.13919 0.11932 0.07606 0.04019  0.00374  0.00909  23  C   B C2    
468 O  O2    . C   B 3  ? 0.13425 0.12242 0.07492 0.02902  -0.00324 -0.00466 23  C   B O2    
469 N  N3    . C   B 3  ? 0.14238 0.12407 0.07471 0.03246  0.01262  0.00592  23  C   B N3    
470 C  C4    . C   B 3  ? 0.15726 0.12154 0.07904 0.02606  0.01095  0.00153  23  C   B C4    
471 N  N4    . C   B 3  ? 0.16659 0.13569 0.08010 0.03579  0.00746  0.01367  23  C   B N4    
472 C  C5    . C   B 3  ? 0.16315 0.14623 0.08506 0.02304  0.01602  0.01335  23  C   B C5    
473 C  C6    . C   B 3  ? 0.15671 0.14274 0.07648 0.01887  0.00912  0.01902  23  C   B C6    
485 P  P     . G   B 4  ? 0.16685 0.15651 0.10996 0.08637  -0.00400 -0.01691 24  G   B P     
486 O  OP1   . G   B 4  ? 0.16831 0.17498 0.12996 0.08204  -0.01037 0.00178  24  G   B OP1   
487 O  OP2   . G   B 4  ? 0.18122 0.20433 0.11325 0.06768  0.00663  -0.00363 24  G   B OP2   
488 O  "O5'" . G   B 4  ? 0.18253 0.15968 0.09904 0.06947  -0.01408 -0.01175 24  G   B "O5'" 
489 C  "C5'" . G   B 4  ? 0.19327 0.14799 0.09558 0.06327  -0.02021 -0.00985 24  G   B "C5'" 
490 C  "C4'" . G   B 4  ? 0.19185 0.13221 0.09083 0.06136  -0.03281 -0.02562 24  G   B "C4'" 
491 O  "O4'" . G   B 4  ? 0.18208 0.12011 0.08317 0.06046  -0.03622 -0.03026 24  G   B "O4'" 
492 C  "C3'" . G   B 4  ? 0.19774 0.12937 0.09279 0.06386  -0.03670 -0.03635 24  G   B "C3'" 
493 O  "O3'" . G   B 4  ? 0.21486 0.12580 0.10770 0.06710  -0.04113 -0.04615 24  G   B "O3'" 
494 C  "C2'" . G   B 4  ? 0.19062 0.12500 0.08857 0.06089  -0.02692 -0.03070 24  G   B "C2'" 
495 O  "O2'" . G   B 4  ? 0.19473 0.13783 0.10039 0.04459  -0.01619 -0.01925 24  G   B "O2'" 
496 C  "C1'" . G   B 4  ? 0.17647 0.12358 0.08404 0.05845  -0.02639 -0.02804 24  G   B "C1'" 
497 N  N9    . G   B 4  ? 0.16260 0.12463 0.07904 0.04137  -0.01883 -0.02845 24  G   B N9    
498 C  C8    . G   B 4  ? 0.16707 0.13970 0.07215 0.04563  -0.01346 -0.03462 24  G   B C8    
499 N  N7    . G   B 4  ? 0.16460 0.12217 0.07971 0.05237  -0.00832 -0.03942 24  G   B N7    
500 C  C5    . G   B 4  ? 0.15355 0.11048 0.08086 0.04981  -0.00927 -0.03196 24  G   B C5    
501 C  C6    . G   B 4  ? 0.14645 0.10537 0.08345 0.05058  -0.01270 -0.02049 24  G   B C6    
502 O  O6    . G   B 4  ? 0.13814 0.11579 0.08625 0.05922  -0.01305 -0.01254 24  G   B O6    
503 N  N1    . G   B 4  ? 0.14610 0.10340 0.08478 0.03716  -0.01601 -0.01933 24  G   B N1    
504 C  C2    . G   B 4  ? 0.16013 0.09804 0.09796 0.03542  -0.01078 -0.00604 24  G   B C2    
505 N  N2    . G   B 4  ? 0.16314 0.15312 0.10910 0.01356  -0.00930 0.02702  24  G   B N2    
506 N  N3    . G   B 4  ? 0.16430 0.11033 0.09071 0.03540  -0.01105 -0.01712 24  G   B N3    
507 C  C4    . G   B 4  ? 0.15808 0.10112 0.07888 0.04702  -0.01700 -0.03087 24  G   B C4    
519 P  P     . A   B 5  ? 0.23291 0.13659 0.13260 0.07336  -0.03819 -0.04658 25  A   B P     
520 O  OP1   . A   B 5  ? 0.24603 0.13872 0.14939 0.06721  -0.03969 -0.04772 25  A   B OP1   
521 O  OP2   . A   B 5  ? 0.24273 0.15943 0.14367 0.07645  -0.01974 -0.05264 25  A   B OP2   
522 O  "O5'" . A   B 5  ? 0.23057 0.13893 0.10080 0.05960  -0.03959 -0.03023 25  A   B "O5'" 
523 C  "C5'" . A   B 5  ? 0.23137 0.14168 0.09327 0.03919  -0.02424 -0.02028 25  A   B "C5'" 
524 C  "C4'" . A   B 5  ? 0.23038 0.13142 0.08572 0.03960  -0.01890 -0.01227 25  A   B "C4'" 
525 O  "O4'" . A   B 5  ? 0.21902 0.11249 0.08150 0.04262  -0.01700 -0.01415 25  A   B "O4'" 
526 C  "C3'" . A   B 5  ? 0.24502 0.12410 0.09175 0.03209  -0.02725 -0.00031 25  A   B "C3'" 
527 O  "O3'" . A   B 5  ? 0.28635 0.10260 0.11341 0.02620  -0.03286 -0.00574 25  A   B "O3'" 
528 C  "C2'" . A   B 5  ? 0.22275 0.14090 0.09033 0.01000  -0.01675 0.00543  25  A   B "C2'" 
529 O  "O2'" . A   B 5  ? 0.21771 0.18972 0.11885 -0.03341 0.00058  0.01770  25  A   B "O2'" 
530 C  "C1'" . A   B 5  ? 0.20733 0.11219 0.07865 0.02847  -0.02039 -0.00895 25  A   B "C1'" 
531 N  N9    . A   B 5  ? 0.19341 0.09379 0.07836 0.03080  -0.01588 -0.01872 25  A   B N9    
532 C  C8    . A   B 5  ? 0.18593 0.10396 0.08213 0.02738  -0.01216 -0.02649 25  A   B C8    
533 N  N7    . A   B 5  ? 0.17647 0.09642 0.08199 0.04213  -0.00897 -0.02117 25  A   B N7    
534 C  C5    . A   B 5  ? 0.17618 0.08638 0.07972 0.03353  -0.01488 -0.02574 25  A   B C5    
535 C  C6    . A   B 5  ? 0.16790 0.08761 0.07846 0.03831  -0.01107 -0.01578 25  A   B C6    
536 N  N6    . A   B 5  ? 0.15969 0.09537 0.07814 0.04105  -0.01146 -0.01224 25  A   B N6    
537 N  N1    . A   B 5  ? 0.16856 0.09223 0.08107 0.04785  -0.00716 -0.01898 25  A   B N1    
538 C  C2    . A   B 5  ? 0.17233 0.10407 0.08474 0.04490  -0.00538 -0.01546 25  A   B C2    
539 N  N3    . A   B 5  ? 0.17544 0.11528 0.07965 0.04094  -0.01020 -0.02111 25  A   B N3    
540 C  C4    . A   B 5  ? 0.18065 0.09948 0.07628 0.03256  -0.01426 -0.02632 25  A   B C4    
552 P  P     . A   B 6  ? 0.32309 0.10183 0.13655 0.01269  -0.04344 -0.01209 26  A   B P     
553 O  OP1   . A   B 6  ? 0.34330 0.12784 0.14930 0.01160  -0.04411 0.00391  26  A   B OP1   
554 O  OP2   . A   B 6  ? 0.32209 0.11150 0.15965 0.04547  -0.03619 -0.02849 26  A   B OP2   
555 O  "O5'" . A   B 6  ? 0.29896 0.12012 0.10919 -0.00296 -0.02725 -0.00227 26  A   B "O5'" 
556 C  "C5'" . A   B 6  ? 0.27669 0.13306 0.08870 -0.01773 -0.01961 0.00013  26  A   B "C5'" 
557 C  "C4'" . A   B 6  ? 0.25728 0.14420 0.08215 -0.01913 -0.00582 0.01457  26  A   B "C4'" 
558 O  "O4'" . A   B 6  ? 0.24180 0.12023 0.08504 -0.01340 0.01507  0.00258  26  A   B "O4'" 
559 C  "C3'" . A   B 6  ? 0.25766 0.12572 0.08632 -0.02354 -0.00419 0.00428  26  A   B "C3'" 
560 O  "O3'" . A   B 6  ? 0.27606 0.10792 0.10215 -0.01314 -0.00096 -0.01262 26  A   B "O3'" 
561 C  "C2'" . A   B 6  ? 0.24260 0.13431 0.09033 -0.01552 0.01091  0.00534  26  A   B "C2'" 
562 O  "O2'" . A   B 6  ? 0.24595 0.15851 0.08627 -0.01798 0.00946  0.00058  26  A   B "O2'" 
563 C  "C1'" . A   B 6  ? 0.22894 0.11717 0.08383 -0.00864 0.02568  0.00259  26  A   B "C1'" 
564 N  N9    . A   B 6  ? 0.21336 0.10782 0.07909 -0.00472 0.03002  0.00207  26  A   B N9    
565 C  C8    . A   B 6  ? 0.20789 0.11019 0.09166 0.00914  0.02975  0.00735  26  A   B C8    
566 N  N7    . A   B 6  ? 0.20708 0.08409 0.09377 0.01685  0.01999  -0.00247 26  A   B N7    
567 C  C5    . A   B 6  ? 0.20936 0.07700 0.09628 0.02855  0.03544  -0.00920 26  A   B C5    
568 C  C6    . A   B 6  ? 0.20982 0.09139 0.10403 0.04105  0.04608  -0.00189 26  A   B C6    
569 N  N6    . A   B 6  ? 0.20393 0.09810 0.11538 0.04169  0.04709  -0.00636 26  A   B N6    
570 N  N1    . A   B 6  ? 0.21345 0.10386 0.09474 0.03005  0.04873  0.00917  26  A   B N1    
571 C  C2    . A   B 6  ? 0.22360 0.08564 0.09913 0.03536  0.03926  0.00282  26  A   B C2    
572 N  N3    . A   B 6  ? 0.22403 0.08188 0.08831 0.02361  0.02976  -0.00104 26  A   B N3    
573 C  C4    . A   B 6  ? 0.21216 0.07726 0.08000 0.00924  0.03308  -0.01209 26  A   B C4    
585 N  N1    . B8H B 7  ? 0.19366 0.10398 0.08528 0.01384  -0.00165 -0.01709 27  B8H B N1    
586 C  C2    . B8H B 7  ? 0.18246 0.11202 0.09673 0.02380  -0.00310 -0.02630 27  B8H B C2    
587 C  C4    . B8H B 7  ? 0.18875 0.09677 0.09428 0.01565  -0.00153 0.00120  27  B8H B C4    
588 C  "C1'" . B8H B 7  ? 0.16656 0.10702 0.08131 0.01195  0.01287  0.00892  27  B8H B "C1'" 
589 C  "C2'" . B8H B 7  ? 0.15204 0.12847 0.08733 0.00310  0.01057  0.02032  27  B8H B "C2'" 
590 C  "C3'" . B8H B 7  ? 0.16403 0.12575 0.09169 0.00147  0.00732  -0.00264 27  B8H B "C3'" 
591 C  "C4'" . B8H B 7  ? 0.18438 0.13115 0.08930 0.00659  0.00813  0.00247  27  B8H B "C4'" 
592 C  C5    . B8H B 7  ? 0.17888 0.08547 0.08822 0.02892  0.00471  -0.00568 27  B8H B C5    
593 C  "C5'" . B8H B 7  ? 0.21238 0.11459 0.09472 0.01135  0.00857  0.00602  27  B8H B "C5'" 
594 C  C6    . B8H B 7  ? 0.18891 0.09840 0.08825 0.02227  0.00565  -0.01657 27  B8H B C6    
595 C  CN1   . B8H B 7  ? 0.21397 0.12554 0.08622 0.01224  0.00360  -0.01339 27  B8H B CN1   
596 N  N3    . B8H B 7  ? 0.18291 0.10809 0.09619 0.02385  -0.00200 -0.01438 27  B8H B N3    
597 O  O2    . B8H B 7  ? 0.19261 0.12045 0.10603 0.03482  0.00880  -0.01938 27  B8H B O2    
598 O  "O2'" . B8H B 7  ? 0.14548 0.14969 0.09396 -0.00805 0.01311  0.02629  27  B8H B "O2'" 
599 O  "O3'" . B8H B 7  ? 0.16082 0.11792 0.09572 0.01294  -0.00394 -0.01846 27  B8H B "O3'" 
600 O  O4    . B8H B 7  ? 0.19626 0.13562 0.10811 -0.01753 -0.00175 0.02560  27  B8H B O4    
601 O  "O4'" . B8H B 7  ? 0.17740 0.10321 0.08716 0.01609  0.01571  -0.00333 27  B8H B "O4'" 
602 O  "O5'" . B8H B 7  ? 0.24945 0.10040 0.10104 0.01250  -0.00049 -0.00291 27  B8H B "O5'" 
603 O  OP1   . B8H B 7  ? 0.30564 0.12317 0.13074 -0.01046 -0.01088 0.00930  27  B8H B OP1   
604 O  OP2   . B8H B 7  ? 0.30495 0.13859 0.13445 0.01348  -0.02676 0.01315  27  B8H B OP2   
605 P  P     . B8H B 7  ? 0.29424 0.10632 0.11516 0.00279  -0.01530 0.00248  27  B8H B P     
618 P  P     . U   B 8  ? 0.16457 0.13868 0.10685 0.02003  -0.00835 -0.03248 28  U   B P     
619 O  OP1   . U   B 8  ? 0.18337 0.15159 0.14115 0.00485  -0.00567 -0.04225 28  U   B OP1   
620 O  OP2   . U   B 8  ? 0.18208 0.11797 0.12769 0.02868  -0.01021 -0.02359 28  U   B OP2   
621 O  "O5'" . U   B 8  ? 0.14977 0.16808 0.09494 0.02105  -0.01542 -0.02299 28  U   B "O5'" 
622 C  "C5'" . U   B 8  ? 0.13928 0.16529 0.09532 0.02352  -0.01099 -0.03719 28  U   B "C5'" 
623 C  "C4'" . U   B 8  ? 0.13988 0.19644 0.09445 0.02385  -0.01197 -0.02314 28  U   B "C4'" 
624 O  "O4'" . U   B 8  ? 0.13503 0.18917 0.10762 0.02786  -0.00776 -0.02019 28  U   B "O4'" 
625 C  "C3'" . U   B 8  ? 0.15413 0.19436 0.09689 0.02630  -0.00911 -0.04421 28  U   B "C3'" 
626 O  "O3'" . U   B 8  ? 0.17436 0.23395 0.14129 0.01116  0.01049  -0.05755 28  U   B "O3'" 
627 C  "C2'" . U   B 8  ? 0.15960 0.21671 0.09128 0.02981  -0.00461 -0.01755 28  U   B "C2'" 
628 O  "O2'" . U   B 8  ? 0.17200 0.26540 0.09385 0.02311  0.00882  0.00055  28  U   B "O2'" 
629 C  "C1'" . U   B 8  ? 0.14252 0.18633 0.10021 0.03177  -0.00663 -0.01742 28  U   B "C1'" 
630 N  N1    . U   B 8  ? 0.14927 0.17651 0.10375 0.02676  0.00518  -0.01871 28  U   B N1    
631 C  C2    . U   B 8  ? 0.15680 0.15137 0.11215 0.02850  0.00944  -0.02144 28  U   B C2    
632 O  O2    . U   B 8  ? 0.16439 0.18847 0.11921 0.01387  0.02118  0.00223  28  U   B O2    
633 N  N3    . U   B 8  ? 0.15012 0.13858 0.10817 0.03679  0.00741  -0.02744 28  U   B N3    
634 C  C4    . U   B 8  ? 0.15896 0.14932 0.10241 0.02664  -0.00508 -0.03268 28  U   B C4    
635 O  O4    . U   B 8  ? 0.17142 0.16363 0.10121 0.01863  -0.01092 -0.02866 28  U   B O4    
636 C  C5    . U   B 8  ? 0.15689 0.17879 0.10627 0.01398  -0.00102 -0.02155 28  U   B C5    
637 C  C6    . U   B 8  ? 0.15048 0.18240 0.09953 0.01563  0.00527  -0.02505 28  U   B C6    
648 P  P     . A   B 9  ? 0.21518 0.21678 0.19829 -0.01222 0.04071  -0.10088 29  A   B P     
649 O  OP1   . A   B 9  ? 0.22658 0.22436 0.21602 -0.02611 0.03630  -0.10053 29  A   B OP1   
650 O  OP2   . A   B 9  ? 0.23623 0.23663 0.22130 -0.00973 0.06116  -0.07777 29  A   B OP2   
651 O  "O5'" . A   B 9  ? 0.19771 0.24232 0.16917 -0.00208 0.02662  -0.09347 29  A   B "O5'" 
652 C  "C5'" . A   B 9  ? 0.18783 0.24017 0.14301 0.01078  0.00618  -0.07446 29  A   B "C5'" 
653 C  "C4'" . A   B 9  ? 0.17669 0.19786 0.11102 0.03514  -0.01211 -0.05740 29  A   B "C4'" 
654 O  "O4'" . A   B 9  ? 0.17253 0.19062 0.09981 0.05374  -0.02274 -0.04107 29  A   B "O4'" 
655 C  "C3'" . A   B 9  ? 0.16586 0.16602 0.09018 0.05076  -0.00756 -0.03174 29  A   B "C3'" 
656 O  "O3'" . A   B 9  ? 0.15373 0.15314 0.08663 0.04837  -0.01094 -0.02469 29  A   B "O3'" 
657 C  "C2'" . A   B 9  ? 0.17412 0.13982 0.08117 0.06685  -0.00964 -0.01916 29  A   B "C2'" 
658 O  "O2'" . A   B 9  ? 0.17200 0.16721 0.08746 0.06561  -0.00055 0.02377  29  A   B "O2'" 
659 C  "C1'" . A   B 9  ? 0.16950 0.16751 0.08606 0.05344  -0.02305 -0.02405 29  A   B "C1'" 
660 N  N9    . A   B 9  ? 0.15499 0.13839 0.08632 0.05167  -0.02722 -0.02235 29  A   B N9    
661 C  C8    . A   B 9  ? 0.14238 0.15789 0.08639 0.03731  -0.02824 -0.01999 29  A   B C8    
662 N  N7    . A   B 9  ? 0.14314 0.12506 0.09530 0.04518  -0.02073 -0.02016 29  A   B N7    
663 C  C5    . A   B 9  ? 0.15322 0.11474 0.09948 0.04764  -0.01244 -0.01420 29  A   B C5    
664 C  C6    . A   B 9  ? 0.15762 0.09770 0.09544 0.05812  -0.01811 -0.01829 29  A   B C6    
665 N  N6    . A   B 9  ? 0.14821 0.11226 0.09332 0.05913  -0.01972 -0.03319 29  A   B N6    
666 N  N1    . A   B 9  ? 0.16513 0.11395 0.09286 0.04302  -0.01974 -0.01076 29  A   B N1    
667 C  C2    . A   B 9  ? 0.16620 0.11217 0.09564 0.03936  -0.00975 -0.00600 29  A   B C2    
668 N  N3    . A   B 9  ? 0.16280 0.14343 0.09776 0.02735  -0.01484 -0.00910 29  A   B N3    
669 C  C4    . A   B 9  ? 0.15886 0.12823 0.09187 0.04427  -0.01875 -0.01395 29  A   B C4    
681 P  P     . G   B 10 ? 0.17324 0.13762 0.09491 0.03350  -0.00309 -0.01616 30  G   B P     
682 O  OP1   . G   B 10 ? 0.19130 0.13000 0.12646 0.03866  0.00156  -0.02838 30  G   B OP1   
683 O  OP2   . G   B 10 ? 0.18400 0.16679 0.11348 0.01864  0.01434  0.01945  30  G   B OP2   
684 O  "O5'" . G   B 10 ? 0.16012 0.13806 0.07481 0.04218  -0.01517 -0.01605 30  G   B "O5'" 
685 C  "C5'" . G   B 10 ? 0.15636 0.13191 0.07227 0.05346  -0.01247 -0.01274 30  G   B "C5'" 
686 C  "C4'" . G   B 10 ? 0.15390 0.16614 0.08315 0.03574  -0.00995 -0.00460 30  G   B "C4'" 
687 O  "O4'" . G   B 10 ? 0.16596 0.14016 0.08079 0.03848  -0.00953 -0.00883 30  G   B "O4'" 
688 C  "C3'" . G   B 10 ? 0.14857 0.15956 0.09090 0.02681  -0.00642 -0.01531 30  G   B "C3'" 
689 O  "O3'" . G   B 10 ? 0.15032 0.17197 0.09249 0.04184  0.01150  -0.02363 30  G   B "O3'" 
690 C  "C2'" . G   B 10 ? 0.15113 0.13572 0.09502 0.01685  -0.00446 -0.01676 30  G   B "C2'" 
691 O  "O2'" . G   B 10 ? 0.16076 0.18636 0.11383 -0.00854 0.00636  -0.00336 30  G   B "O2'" 
692 C  "C1'" . G   B 10 ? 0.15656 0.13072 0.08284 0.03228  -0.01129 -0.00074 30  G   B "C1'" 
693 N  N9    . G   B 10 ? 0.15052 0.12422 0.07668 0.02583  -0.01253 -0.00895 30  G   B N9    
694 C  C8    . G   B 10 ? 0.14428 0.12556 0.07413 0.03114  -0.01532 -0.00815 30  G   B C8    
695 N  N7    . G   B 10 ? 0.14141 0.12265 0.07545 0.04401  -0.01729 -0.00128 30  G   B N7    
696 C  C5    . G   B 10 ? 0.14264 0.11004 0.08445 0.03664  -0.01536 -0.01533 30  G   B C5    
697 C  C6    . G   B 10 ? 0.13484 0.11485 0.07847 0.03672  -0.01787 -0.01547 30  G   B C6    
698 O  O6    . G   B 10 ? 0.14365 0.11955 0.07492 0.01746  -0.00070 -0.02160 30  G   B O6    
699 N  N1    . G   B 10 ? 0.13536 0.11634 0.08356 0.05348  -0.01721 -0.01242 30  G   B N1    
700 C  C2    . G   B 10 ? 0.13717 0.11839 0.08760 0.05005  -0.01531 -0.01607 30  G   B C2    
701 N  N2    . G   B 10 ? 0.14024 0.15417 0.09543 0.01138  -0.00982 -0.02832 30  G   B N2    
702 N  N3    . G   B 10 ? 0.14264 0.13120 0.08501 0.04915  -0.00333 -0.01236 30  G   B N3    
703 C  C4    . G   B 10 ? 0.14387 0.10630 0.07774 0.04649  -0.01369 -0.01861 30  G   B C4    
715 P  P     . C   B 11 ? 0.15909 0.17453 0.08164 0.05471  0.00049  -0.02078 31  C   B P     
716 O  OP1   . C   B 11 ? 0.18139 0.18588 0.09991 0.05943  0.00565  -0.01659 31  C   B OP1   
717 O  OP2   . C   B 11 ? 0.18737 0.16181 0.10870 0.03553  0.00404  0.00471  31  C   B OP2   
718 O  "O5'" . C   B 11 ? 0.14715 0.19604 0.08090 0.03836  0.00914  0.00490  31  C   B "O5'" 
719 C  "C5'" . C   B 11 ? 0.14521 0.20878 0.08060 0.02480  0.00280  0.02403  31  C   B "C5'" 
720 C  "C4'" . C   B 11 ? 0.14516 0.18640 0.08970 0.02477  0.00460  0.02277  31  C   B "C4'" 
721 O  "O4'" . C   B 11 ? 0.15883 0.18880 0.09113 0.01914  0.00409  0.04188  31  C   B "O4'" 
722 C  "C3'" . C   B 11 ? 0.13652 0.15193 0.09177 0.04190  0.00519  0.01057  31  C   B "C3'" 
723 O  "O3'" . C   B 11 ? 0.13529 0.16626 0.09273 0.04318  0.01159  0.00143  31  C   B "O3'" 
724 C  "C2'" . C   B 11 ? 0.13712 0.16528 0.08926 0.01896  0.01214  0.02276  31  C   B "C2'" 
725 O  "O2'" . C   B 11 ? 0.13876 0.18220 0.09949 -0.00013 0.00217  0.02014  31  C   B "O2'" 
726 C  "C1'" . C   B 11 ? 0.15268 0.17353 0.08451 0.01707  0.01081  0.03364  31  C   B "C1'" 
727 N  N1    . C   B 11 ? 0.16168 0.13813 0.07337 0.02672  0.01467  0.00700  31  C   B N1    
728 C  C2    . C   B 11 ? 0.16072 0.14474 0.07464 0.02250  0.01581  0.00719  31  C   B C2    
729 O  O2    . C   B 11 ? 0.16381 0.15434 0.08770 0.00236  0.02374  -0.00032 31  C   B O2    
730 N  N3    . C   B 11 ? 0.15541 0.13025 0.08140 0.01931  0.01313  -0.00090 31  C   B N3    
731 C  C4    . C   B 11 ? 0.15520 0.12370 0.08295 0.02605  0.01371  0.00692  31  C   B C4    
732 N  N4    . C   B 11 ? 0.15820 0.12060 0.08473 0.02849  0.01617  -0.00256 31  C   B N4    
733 C  C5    . C   B 11 ? 0.15118 0.11541 0.07732 0.04079  0.01937  0.01435  31  C   B C5    
734 C  C6    . C   B 11 ? 0.15507 0.12952 0.06857 0.03769  0.01682  0.01411  31  C   B C6    
746 P  P     . G   B 12 ? 0.15230 0.17512 0.09620 0.03353  0.00668  -0.01182 32  G   B P     
747 O  OP1   . G   B 12 ? 0.16401 0.18954 0.10535 0.04048  0.01321  -0.01535 32  G   B OP1   
748 O  OP2   . G   B 12 ? 0.17403 0.16699 0.11685 0.01193  -0.01291 -0.02135 32  G   B OP2   
749 O  "O5'" . G   B 12 ? 0.13463 0.18286 0.08750 0.01184  0.00087  0.00463  32  G   B "O5'" 
750 C  "C5'" . G   B 12 ? 0.11632 0.16845 0.08548 0.01506  0.00035  0.01893  32  G   B "C5'" 
751 C  "C4'" . G   B 12 ? 0.13101 0.13811 0.08998 0.01485  0.00815  0.01324  32  G   B "C4'" 
752 O  "O4'" . G   B 12 ? 0.13161 0.10421 0.09703 0.01930  0.01154  0.00225  32  G   B "O4'" 
753 C  "C3'" . G   B 12 ? 0.13245 0.11005 0.08433 0.02155  0.00996  0.00144  32  G   B "C3'" 
754 O  "O3'" . G   B 12 ? 0.13506 0.12749 0.09067 0.02932  0.00873  0.00219  32  G   B "O3'" 
755 C  "C2'" . G   B 12 ? 0.13305 0.11810 0.08408 -0.00136 0.01101  -0.00160 32  G   B "C2'" 
756 O  "O2'" . G   B 12 ? 0.14123 0.13174 0.07839 -0.00419 0.01354  0.00176  32  G   B "O2'" 
757 C  "C1'" . G   B 12 ? 0.13294 0.10916 0.08581 0.00650  0.00788  -0.00940 32  G   B "C1'" 
758 N  N9    . G   B 12 ? 0.13807 0.11212 0.08234 0.01356  0.01348  -0.00096 32  G   B N9    
759 C  C8    . G   B 12 ? 0.14539 0.12347 0.08869 0.00473  0.01511  -0.00044 32  G   B C8    
760 N  N7    . G   B 12 ? 0.14874 0.11678 0.07857 0.02162  0.01376  0.00621  32  G   B N7    
761 C  C5    . G   B 12 ? 0.14147 0.11704 0.07841 0.01141  0.01332  0.00836  32  G   B C5    
762 C  C6    . G   B 12 ? 0.13199 0.11024 0.07618 0.01328  0.00589  0.00837  32  G   B C6    
763 O  O6    . G   B 12 ? 0.12802 0.12164 0.07116 0.00892  -0.00011 0.00629  32  G   B O6    
764 N  N1    . G   B 12 ? 0.12322 0.09346 0.07806 0.01804  0.01674  0.00632  32  G   B N1    
765 C  C2    . G   B 12 ? 0.12082 0.10409 0.08012 0.01139  0.01187  0.00157  32  G   B C2    
766 N  N2    . G   B 12 ? 0.12577 0.10605 0.09046 0.01386  0.00745  -0.00488 32  G   B N2    
767 N  N3    . G   B 12 ? 0.12679 0.10668 0.08060 0.02015  0.01060  -0.00309 32  G   B N3    
768 C  C4    . G   B 12 ? 0.13657 0.10383 0.07703 0.01715  0.01106  0.00068  32  G   B C4    
781 MG MG    . MG  C .  ? 0.55225 0.74215 0.60087 -0.15467 -0.22273 -0.21234 101 MG  A MG    
782 MG MG    . MG  D .  ? 0.58384 0.46971 0.82921 -0.02105 -0.03696 -0.32049 102 MG  A MG    
783 MG MG    . MG  E .  ? 0.26231 0.21597 0.12221 -0.02536 -0.02390 0.01416  101 MG  B MG    
# 
